data_2L57
#
_entry.id   2L57
#
_cell.length_a   1.000
_cell.length_b   1.000
_cell.length_c   1.000
_cell.angle_alpha   90.00
_cell.angle_beta   90.00
_cell.angle_gamma   90.00
#
_symmetry.space_group_name_H-M   'P 1'
#
_entity_poly.entity_id   1
_entity_poly.type   'polypeptide(L)'
_entity_poly.pdbx_seq_one_letter_code
;MSLEGIKQINFQSINVVENLEEAKEGIPTIIMFKTDTCPYCVEMQKELSYVSKEREGKFNIYYARLEEEKNIDLAYKYDA
NIVPTTVFLDKEGNKFYVHQGLMRKNNIETILNSLGVKEGHHHHHH
;
_entity_poly.pdbx_strand_id   A
#
# COMPACT_ATOMS: atom_id res chain seq x y z
N MET A 1 1.57 10.39 12.81
CA MET A 1 0.41 10.53 13.72
C MET A 1 -0.26 11.87 13.48
N SER A 2 -1.18 12.24 14.36
CA SER A 2 -1.91 13.49 14.21
C SER A 2 -1.04 14.68 14.60
N LEU A 3 -0.23 15.15 13.66
CA LEU A 3 0.58 16.34 13.83
C LEU A 3 0.99 16.89 12.48
N GLU A 4 1.26 18.19 12.43
CA GLU A 4 1.64 18.90 11.20
C GLU A 4 0.50 18.93 10.19
N GLY A 5 0.10 17.76 9.70
CA GLY A 5 -1.01 17.66 8.79
C GLY A 5 -0.61 17.93 7.34
N ILE A 6 0.32 18.85 7.16
CA ILE A 6 0.71 19.29 5.82
C ILE A 6 1.33 18.17 4.99
N LYS A 7 2.34 17.50 5.54
CA LYS A 7 3.03 16.46 4.79
C LYS A 7 3.83 15.57 5.73
N GLN A 8 3.29 15.35 6.93
CA GLN A 8 3.99 14.56 7.93
C GLN A 8 3.00 13.67 8.68
N ILE A 9 1.91 13.35 8.00
CA ILE A 9 0.88 12.48 8.58
C ILE A 9 1.42 11.06 8.73
N ASN A 10 2.37 10.72 7.88
CA ASN A 10 2.90 9.36 7.78
C ASN A 10 3.91 9.04 8.87
N PHE A 11 3.92 9.85 9.94
CA PHE A 11 4.78 9.56 11.09
C PHE A 11 4.21 8.39 11.89
N GLN A 12 4.36 7.21 11.31
CA GLN A 12 3.94 5.91 11.86
C GLN A 12 3.76 4.97 10.68
N SER A 13 3.63 5.59 9.51
CA SER A 13 3.50 4.89 8.26
C SER A 13 4.81 4.94 7.48
N ILE A 14 5.55 3.86 7.53
CA ILE A 14 6.85 3.77 6.86
C ILE A 14 6.72 2.88 5.64
N ASN A 15 7.47 3.20 4.57
CA ASN A 15 7.38 2.49 3.28
C ASN A 15 6.06 2.83 2.59
N VAL A 16 5.39 3.87 3.07
CA VAL A 16 4.07 4.22 2.59
C VAL A 16 4.14 5.45 1.69
N VAL A 17 3.05 5.71 0.97
CA VAL A 17 2.95 6.88 0.11
C VAL A 17 1.55 7.48 0.16
N GLU A 18 1.48 8.79 0.01
CA GLU A 18 0.21 9.51 0.02
C GLU A 18 -0.66 9.09 -1.15
N ASN A 19 -0.06 9.13 -2.33
CA ASN A 19 -0.78 8.82 -3.56
C ASN A 19 0.16 8.19 -4.57
N LEU A 20 -0.38 7.66 -5.65
CA LEU A 20 0.43 7.12 -6.74
C LEU A 20 1.32 8.20 -7.33
N GLU A 21 0.85 9.45 -7.22
CA GLU A 21 1.63 10.61 -7.63
C GLU A 21 2.96 10.66 -6.88
N GLU A 22 2.97 10.21 -5.63
CA GLU A 22 4.21 10.11 -4.86
C GLU A 22 4.84 8.72 -5.03
N ALA A 23 4.01 7.73 -5.31
CA ALA A 23 4.47 6.35 -5.43
C ALA A 23 5.27 6.14 -6.71
N LYS A 24 6.11 5.11 -6.71
CA LYS A 24 6.94 4.81 -7.87
C LYS A 24 6.86 3.34 -8.22
N GLU A 25 7.62 2.94 -9.23
CA GLU A 25 7.58 1.59 -9.75
C GLU A 25 8.81 0.81 -9.29
N GLY A 26 8.84 -0.48 -9.62
CA GLY A 26 9.93 -1.33 -9.19
C GLY A 26 9.60 -2.03 -7.90
N ILE A 27 9.40 -1.27 -6.85
CA ILE A 27 8.99 -1.84 -5.59
C ILE A 27 7.50 -2.16 -5.64
N PRO A 28 7.12 -3.41 -5.31
CA PRO A 28 5.72 -3.85 -5.34
C PRO A 28 4.80 -2.86 -4.61
N THR A 29 3.60 -2.70 -5.14
CA THR A 29 2.70 -1.66 -4.67
C THR A 29 1.46 -2.26 -4.04
N ILE A 30 1.20 -1.87 -2.80
CA ILE A 30 0.01 -2.33 -2.09
C ILE A 30 -0.97 -1.18 -1.93
N ILE A 31 -2.15 -1.34 -2.53
CA ILE A 31 -3.14 -0.27 -2.53
C ILE A 31 -4.26 -0.61 -1.56
N MET A 32 -4.42 0.20 -0.52
CA MET A 32 -5.53 0.02 0.39
C MET A 32 -6.52 1.17 0.24
N PHE A 33 -7.68 0.85 -0.28
CA PHE A 33 -8.72 1.85 -0.50
C PHE A 33 -9.52 2.10 0.75
N LYS A 34 -9.64 3.38 1.09
CA LYS A 34 -10.28 3.80 2.33
C LYS A 34 -11.07 5.08 2.11
N THR A 35 -12.22 5.17 2.76
CA THR A 35 -13.02 6.40 2.72
C THR A 35 -12.38 7.45 3.60
N ASP A 36 -12.89 8.67 3.53
CA ASP A 36 -12.41 9.77 4.37
C ASP A 36 -12.36 9.34 5.84
N THR A 37 -13.53 9.26 6.46
CA THR A 37 -13.63 8.80 7.83
C THR A 37 -13.78 7.27 7.87
N CYS A 38 -12.75 6.59 8.34
CA CYS A 38 -12.78 5.15 8.48
C CYS A 38 -11.87 4.68 9.60
N PRO A 39 -12.42 3.99 10.61
CA PRO A 39 -11.64 3.49 11.74
C PRO A 39 -10.74 2.32 11.37
N TYR A 40 -11.21 1.46 10.48
CA TYR A 40 -10.48 0.27 10.08
C TYR A 40 -9.13 0.61 9.43
N CYS A 41 -9.06 1.81 8.87
CA CYS A 41 -7.83 2.28 8.25
C CYS A 41 -6.71 2.33 9.27
N VAL A 42 -6.99 2.98 10.40
CA VAL A 42 -5.99 3.16 11.46
C VAL A 42 -5.50 1.81 11.98
N GLU A 43 -6.43 0.89 12.20
CA GLU A 43 -6.12 -0.46 12.65
C GLU A 43 -5.13 -1.14 11.69
N MET A 44 -5.41 -1.05 10.40
CA MET A 44 -4.56 -1.69 9.41
C MET A 44 -3.24 -0.94 9.26
N GLN A 45 -3.26 0.37 9.46
CA GLN A 45 -2.04 1.19 9.36
C GLN A 45 -0.99 0.71 10.35
N LYS A 46 -1.39 0.52 11.60
CA LYS A 46 -0.46 0.06 12.64
C LYS A 46 0.02 -1.36 12.35
N GLU A 47 -0.87 -2.19 11.80
CA GLU A 47 -0.47 -3.52 11.32
C GLU A 47 0.61 -3.38 10.25
N LEU A 48 0.38 -2.45 9.33
CA LEU A 48 1.33 -2.16 8.25
C LEU A 48 2.65 -1.66 8.81
N SER A 49 2.59 -0.89 9.88
CA SER A 49 3.78 -0.42 10.57
C SER A 49 4.63 -1.60 11.03
N TYR A 50 3.96 -2.64 11.54
CA TYR A 50 4.64 -3.84 12.00
C TYR A 50 5.30 -4.56 10.82
N VAL A 51 4.57 -4.65 9.72
CA VAL A 51 5.10 -5.28 8.50
C VAL A 51 6.32 -4.53 7.99
N SER A 52 6.22 -3.21 8.01
CA SER A 52 7.31 -2.34 7.56
C SER A 52 8.53 -2.47 8.45
N LYS A 53 8.29 -2.72 9.74
CA LYS A 53 9.35 -2.96 10.71
C LYS A 53 10.19 -4.18 10.31
N GLU A 54 9.51 -5.21 9.85
CA GLU A 54 10.19 -6.45 9.44
C GLU A 54 10.65 -6.38 7.99
N ARG A 55 10.22 -5.37 7.26
CA ARG A 55 10.57 -5.26 5.85
C ARG A 55 10.88 -3.80 5.48
N GLU A 56 12.12 -3.39 5.71
CA GLU A 56 12.55 -2.03 5.40
C GLU A 56 12.85 -1.89 3.91
N GLY A 57 12.19 -0.93 3.26
CA GLY A 57 12.50 -0.61 1.88
C GLY A 57 12.42 -1.79 0.94
N LYS A 58 11.21 -2.23 0.65
CA LYS A 58 11.00 -3.38 -0.22
C LYS A 58 9.76 -3.19 -1.09
N PHE A 59 8.75 -2.57 -0.52
CA PHE A 59 7.50 -2.32 -1.22
C PHE A 59 6.92 -0.99 -0.76
N ASN A 60 5.91 -0.49 -1.46
CA ASN A 60 5.29 0.77 -1.05
C ASN A 60 3.82 0.55 -0.70
N ILE A 61 3.39 1.19 0.38
CA ILE A 61 2.02 1.10 0.83
C ILE A 61 1.26 2.38 0.49
N TYR A 62 0.35 2.28 -0.46
CA TYR A 62 -0.41 3.42 -0.90
C TYR A 62 -1.75 3.50 -0.17
N TYR A 63 -1.95 4.58 0.58
CA TYR A 63 -3.22 4.83 1.22
C TYR A 63 -4.17 5.48 0.23
N ALA A 64 -5.10 4.70 -0.30
CA ALA A 64 -5.95 5.17 -1.37
C ALA A 64 -7.20 5.78 -0.79
N ARG A 65 -7.12 7.05 -0.46
CA ARG A 65 -8.23 7.77 0.14
C ARG A 65 -9.25 8.13 -0.93
N LEU A 66 -10.50 7.79 -0.68
CA LEU A 66 -11.60 8.08 -1.61
C LEU A 66 -11.93 9.59 -1.60
N GLU A 67 -11.05 10.37 -0.98
CA GLU A 67 -11.26 11.81 -0.80
C GLU A 67 -10.94 12.56 -2.08
N GLU A 68 -10.26 11.88 -2.99
CA GLU A 68 -9.76 12.51 -4.20
C GLU A 68 -10.40 11.92 -5.45
N GLU A 69 -10.15 12.57 -6.58
CA GLU A 69 -10.76 12.18 -7.85
C GLU A 69 -10.01 11.04 -8.52
N LYS A 70 -8.70 11.01 -8.36
CA LYS A 70 -7.87 9.99 -9.01
C LYS A 70 -8.25 8.60 -8.53
N ASN A 71 -8.80 8.53 -7.32
CA ASN A 71 -9.13 7.24 -6.72
C ASN A 71 -10.52 6.78 -7.10
N ILE A 72 -11.18 7.55 -7.95
CA ILE A 72 -12.45 7.11 -8.52
C ILE A 72 -12.17 6.00 -9.54
N ASP A 73 -11.36 6.33 -10.55
CA ASP A 73 -10.93 5.35 -11.54
C ASP A 73 -10.02 4.32 -10.90
N LEU A 74 -9.17 4.79 -10.00
CA LEU A 74 -8.27 3.91 -9.24
C LEU A 74 -9.08 2.85 -8.50
N ALA A 75 -10.16 3.26 -7.85
CA ALA A 75 -11.03 2.33 -7.12
C ALA A 75 -11.54 1.21 -8.02
N TYR A 76 -12.18 1.57 -9.12
CA TYR A 76 -12.78 0.58 -10.00
C TYR A 76 -11.71 -0.26 -10.69
N LYS A 77 -10.58 0.34 -10.99
CA LYS A 77 -9.50 -0.37 -11.66
C LYS A 77 -8.96 -1.50 -10.77
N TYR A 78 -9.15 -1.36 -9.47
CA TYR A 78 -8.64 -2.34 -8.52
C TYR A 78 -9.75 -2.95 -7.67
N ASP A 79 -10.99 -2.89 -8.18
CA ASP A 79 -12.10 -3.67 -7.63
C ASP A 79 -12.48 -3.21 -6.22
N ALA A 80 -12.25 -1.94 -5.94
CA ALA A 80 -12.51 -1.38 -4.63
C ALA A 80 -13.95 -0.90 -4.49
N ASN A 81 -14.71 -1.57 -3.64
CA ASN A 81 -16.07 -1.14 -3.33
C ASN A 81 -16.37 -1.26 -1.83
N ILE A 82 -15.40 -1.77 -1.08
CA ILE A 82 -15.55 -1.92 0.37
C ILE A 82 -14.26 -1.48 1.06
N VAL A 83 -14.38 -0.84 2.21
CA VAL A 83 -13.19 -0.38 2.91
C VAL A 83 -12.85 -1.32 4.06
N PRO A 84 -11.58 -1.77 4.13
CA PRO A 84 -10.55 -1.40 3.17
C PRO A 84 -10.38 -2.42 2.04
N THR A 85 -10.26 -1.93 0.81
CA THR A 85 -9.89 -2.79 -0.31
C THR A 85 -8.38 -2.85 -0.40
N THR A 86 -7.80 -3.97 -0.03
CA THR A 86 -6.38 -4.13 -0.09
C THR A 86 -6.01 -4.94 -1.32
N VAL A 87 -5.43 -4.28 -2.30
CA VAL A 87 -5.00 -4.94 -3.51
C VAL A 87 -3.48 -5.03 -3.55
N PHE A 88 -2.99 -6.24 -3.72
CA PHE A 88 -1.57 -6.51 -3.73
C PHE A 88 -1.05 -6.61 -5.16
N LEU A 89 -0.13 -5.71 -5.48
CA LEU A 89 0.49 -5.66 -6.79
C LEU A 89 1.98 -5.98 -6.69
N ASP A 90 2.50 -6.71 -7.66
CA ASP A 90 3.93 -7.02 -7.71
C ASP A 90 4.71 -5.77 -8.16
N LYS A 91 5.97 -5.98 -8.56
CA LYS A 91 6.93 -4.90 -8.79
C LYS A 91 6.43 -3.81 -9.75
N GLU A 92 5.79 -4.20 -10.85
CA GLU A 92 5.35 -3.24 -11.86
C GLU A 92 3.88 -2.90 -11.70
N GLY A 93 3.27 -3.40 -10.66
CA GLY A 93 1.87 -3.13 -10.42
C GLY A 93 0.97 -4.21 -10.99
N ASN A 94 1.45 -5.44 -11.02
CA ASN A 94 0.60 -6.56 -11.41
C ASN A 94 -0.42 -6.84 -10.32
N LYS A 95 -1.68 -6.48 -10.58
CA LYS A 95 -2.76 -6.76 -9.64
C LYS A 95 -2.96 -8.26 -9.51
N PHE A 96 -2.42 -8.84 -8.45
CA PHE A 96 -2.47 -10.28 -8.25
C PHE A 96 -3.60 -10.67 -7.32
N TYR A 97 -3.69 -10.03 -6.17
CA TYR A 97 -4.67 -10.43 -5.17
C TYR A 97 -5.36 -9.23 -4.53
N VAL A 98 -6.68 -9.18 -4.64
CA VAL A 98 -7.46 -8.16 -3.95
C VAL A 98 -8.12 -8.79 -2.73
N HIS A 99 -8.27 -8.02 -1.67
CA HIS A 99 -8.92 -8.50 -0.47
C HIS A 99 -9.69 -7.34 0.13
N GLN A 100 -10.98 -7.49 0.24
CA GLN A 100 -11.80 -6.44 0.83
C GLN A 100 -12.18 -6.83 2.26
N GLY A 101 -11.54 -6.18 3.21
CA GLY A 101 -11.76 -6.52 4.61
C GLY A 101 -10.48 -6.40 5.40
N LEU A 102 -10.61 -6.30 6.71
CA LEU A 102 -9.46 -6.11 7.60
C LEU A 102 -8.61 -7.37 7.69
N MET A 103 -7.32 -7.20 7.90
CA MET A 103 -6.40 -8.32 8.06
C MET A 103 -5.37 -8.00 9.14
N ARG A 104 -4.34 -8.84 9.25
CA ARG A 104 -3.30 -8.66 10.25
C ARG A 104 -1.92 -8.77 9.61
N LYS A 105 -0.89 -8.34 10.34
CA LYS A 105 0.50 -8.31 9.86
C LYS A 105 0.89 -9.59 9.13
N ASN A 106 0.75 -10.72 9.81
CA ASN A 106 1.14 -12.02 9.26
C ASN A 106 0.52 -12.26 7.89
N ASN A 107 -0.78 -12.00 7.80
CA ASN A 107 -1.54 -12.33 6.62
C ASN A 107 -1.22 -11.38 5.48
N ILE A 108 -1.06 -10.10 5.80
CA ILE A 108 -0.63 -9.12 4.81
C ILE A 108 0.75 -9.50 4.28
N GLU A 109 1.62 -9.84 5.21
CA GLU A 109 3.01 -10.14 4.93
C GLU A 109 3.12 -11.38 4.04
N THR A 110 2.29 -12.38 4.33
CA THR A 110 2.27 -13.62 3.55
C THR A 110 1.85 -13.35 2.09
N ILE A 111 0.92 -12.42 1.90
CA ILE A 111 0.45 -12.11 0.55
C ILE A 111 1.54 -11.40 -0.25
N LEU A 112 2.34 -10.56 0.43
CA LEU A 112 3.48 -9.92 -0.20
C LEU A 112 4.44 -10.98 -0.71
N ASN A 113 4.63 -11.98 0.14
CA ASN A 113 5.46 -13.14 -0.17
C ASN A 113 4.88 -13.92 -1.35
N SER A 114 3.57 -13.87 -1.49
CA SER A 114 2.88 -14.55 -2.58
C SER A 114 3.05 -13.79 -3.89
N LEU A 115 3.18 -12.47 -3.80
CA LEU A 115 3.46 -11.63 -4.98
C LEU A 115 4.88 -11.89 -5.43
N GLY A 116 5.81 -11.61 -4.53
CA GLY A 116 7.19 -11.85 -4.77
C GLY A 116 8.07 -10.82 -4.10
N VAL A 117 7.66 -9.55 -4.25
CA VAL A 117 8.43 -8.42 -3.73
C VAL A 117 9.91 -8.60 -4.10
N LYS A 118 10.15 -8.63 -5.41
CA LYS A 118 11.44 -9.01 -5.95
C LYS A 118 12.40 -7.85 -5.92
N GLU A 119 11.95 -6.76 -6.46
CA GLU A 119 12.68 -5.50 -6.40
C GLU A 119 12.60 -4.96 -4.97
N GLY A 120 13.36 -3.92 -4.68
CA GLY A 120 13.50 -3.48 -3.32
C GLY A 120 14.76 -4.04 -2.71
N HIS A 121 15.64 -4.54 -3.59
CA HIS A 121 16.93 -5.06 -3.16
C HIS A 121 17.89 -3.91 -2.92
N HIS A 122 17.54 -3.08 -1.95
CA HIS A 122 18.34 -1.94 -1.54
C HIS A 122 18.43 -1.94 -0.02
N HIS A 123 18.08 -3.08 0.55
CA HIS A 123 17.98 -3.24 1.99
C HIS A 123 19.36 -3.36 2.62
N HIS A 124 19.67 -2.44 3.53
CA HIS A 124 20.94 -2.49 4.26
C HIS A 124 21.11 -3.84 4.95
N HIS A 125 22.26 -4.48 4.74
CA HIS A 125 22.52 -5.77 5.37
C HIS A 125 22.79 -5.58 6.86
N HIS A 126 23.19 -4.37 7.23
CA HIS A 126 23.44 -4.03 8.61
C HIS A 126 23.60 -2.52 8.72
N MET A 1 2.79 14.12 -6.56
CA MET A 1 1.69 14.68 -5.73
C MET A 1 1.76 14.12 -4.32
N SER A 2 2.48 14.80 -3.46
CA SER A 2 2.66 14.35 -2.08
C SER A 2 2.60 15.52 -1.11
N LEU A 3 2.76 15.23 0.18
CA LEU A 3 2.76 16.25 1.22
C LEU A 3 3.83 17.30 0.93
N GLU A 4 5.09 16.92 1.10
CA GLU A 4 6.20 17.81 0.82
C GLU A 4 7.14 17.18 -0.20
N GLY A 5 6.93 15.88 -0.45
CA GLY A 5 7.79 15.16 -1.38
C GLY A 5 9.11 14.77 -0.74
N ILE A 6 9.80 15.77 -0.22
CA ILE A 6 11.08 15.56 0.44
C ILE A 6 10.93 15.69 1.94
N LYS A 7 11.82 15.03 2.68
CA LYS A 7 11.84 15.11 4.15
C LYS A 7 10.69 14.32 4.76
N GLN A 8 9.46 14.75 4.50
CA GLN A 8 8.29 14.13 5.12
C GLN A 8 7.29 13.63 4.08
N ILE A 9 6.78 12.45 4.33
CA ILE A 9 5.74 11.85 3.51
C ILE A 9 4.44 11.76 4.31
N ASN A 10 3.52 10.88 3.90
CA ASN A 10 2.27 10.69 4.62
C ASN A 10 2.52 10.26 6.08
N PHE A 11 3.70 9.67 6.30
CA PHE A 11 4.19 9.35 7.65
C PHE A 11 3.43 8.18 8.26
N GLN A 12 3.74 7.88 9.53
CA GLN A 12 3.21 6.71 10.23
C GLN A 12 3.82 5.43 9.64
N SER A 13 3.54 5.21 8.37
CA SER A 13 4.17 4.15 7.62
C SER A 13 5.35 4.73 6.86
N ILE A 14 6.50 4.10 6.98
CA ILE A 14 7.73 4.62 6.37
C ILE A 14 7.86 4.15 4.93
N ASN A 15 6.86 3.41 4.46
CA ASN A 15 6.83 2.93 3.09
C ASN A 15 5.63 3.51 2.34
N VAL A 16 5.04 4.56 2.89
CA VAL A 16 3.79 5.07 2.36
C VAL A 16 3.99 6.05 1.20
N VAL A 17 3.08 5.98 0.24
CA VAL A 17 2.99 6.97 -0.82
C VAL A 17 1.56 7.49 -0.93
N GLU A 18 1.46 8.72 -1.42
CA GLU A 18 0.20 9.44 -1.49
C GLU A 18 -0.67 8.92 -2.62
N ASN A 19 -0.02 8.54 -3.71
CA ASN A 19 -0.75 8.08 -4.89
C ASN A 19 0.21 7.32 -5.81
N LEU A 20 -0.28 6.90 -6.98
CA LEU A 20 0.52 6.12 -7.92
C LEU A 20 1.74 6.89 -8.41
N GLU A 21 1.63 8.21 -8.48
CA GLU A 21 2.75 9.06 -8.86
C GLU A 21 3.94 8.82 -7.92
N GLU A 22 3.65 8.77 -6.62
CA GLU A 22 4.67 8.60 -5.61
C GLU A 22 5.13 7.14 -5.56
N ALA A 23 4.25 6.24 -5.98
CA ALA A 23 4.56 4.81 -5.99
C ALA A 23 5.60 4.49 -7.06
N LYS A 24 6.36 3.42 -6.84
CA LYS A 24 7.43 3.09 -7.76
C LYS A 24 7.60 1.58 -7.89
N GLU A 25 8.18 1.16 -8.99
CA GLU A 25 8.41 -0.24 -9.28
C GLU A 25 9.57 -0.78 -8.44
N GLY A 26 9.88 -2.05 -8.61
CA GLY A 26 10.88 -2.71 -7.81
C GLY A 26 10.28 -3.21 -6.52
N ILE A 27 9.73 -2.28 -5.75
CA ILE A 27 9.05 -2.61 -4.52
C ILE A 27 7.57 -2.86 -4.79
N PRO A 28 7.08 -4.06 -4.44
CA PRO A 28 5.66 -4.42 -4.65
C PRO A 28 4.74 -3.44 -3.94
N THR A 29 3.66 -3.06 -4.60
CA THR A 29 2.81 -2.01 -4.08
C THR A 29 1.53 -2.56 -3.46
N ILE A 30 1.31 -2.20 -2.20
CA ILE A 30 0.07 -2.54 -1.52
C ILE A 30 -0.86 -1.33 -1.55
N ILE A 31 -1.95 -1.47 -2.26
CA ILE A 31 -2.91 -0.39 -2.39
C ILE A 31 -4.16 -0.69 -1.57
N MET A 32 -4.39 0.07 -0.51
CA MET A 32 -5.61 -0.11 0.26
C MET A 32 -6.54 1.08 0.06
N PHE A 33 -7.78 0.77 -0.26
CA PHE A 33 -8.79 1.78 -0.43
C PHE A 33 -9.55 1.95 0.88
N LYS A 34 -9.38 3.11 1.49
CA LYS A 34 -9.86 3.33 2.82
C LYS A 34 -10.91 4.44 2.87
N THR A 35 -11.95 4.22 3.64
CA THR A 35 -12.96 5.23 3.85
C THR A 35 -12.39 6.35 4.72
N ASP A 36 -12.88 7.56 4.51
CA ASP A 36 -12.41 8.74 5.22
C ASP A 36 -12.83 8.69 6.69
N THR A 37 -14.09 8.35 6.93
CA THR A 37 -14.65 8.38 8.27
C THR A 37 -14.58 7.01 8.96
N CYS A 38 -13.86 6.06 8.37
CA CYS A 38 -13.73 4.74 8.97
C CYS A 38 -12.35 4.53 9.56
N PRO A 39 -12.26 4.23 10.87
CA PRO A 39 -10.99 4.03 11.54
C PRO A 39 -10.37 2.66 11.27
N TYR A 40 -11.08 1.82 10.52
CA TYR A 40 -10.56 0.51 10.14
C TYR A 40 -9.34 0.64 9.24
N CYS A 41 -9.16 1.83 8.68
CA CYS A 41 -7.98 2.10 7.88
C CYS A 41 -6.74 2.14 8.77
N VAL A 42 -6.87 2.78 9.92
CA VAL A 42 -5.78 2.89 10.88
C VAL A 42 -5.39 1.51 11.40
N GLU A 43 -6.38 0.62 11.45
CA GLU A 43 -6.15 -0.75 11.87
C GLU A 43 -5.12 -1.43 10.96
N MET A 44 -5.35 -1.36 9.66
CA MET A 44 -4.46 -1.98 8.69
C MET A 44 -3.17 -1.15 8.55
N GLN A 45 -3.31 0.18 8.59
CA GLN A 45 -2.17 1.07 8.46
C GLN A 45 -1.12 0.82 9.54
N LYS A 46 -1.54 0.63 10.79
CA LYS A 46 -0.58 0.41 11.85
C LYS A 46 0.06 -0.97 11.70
N GLU A 47 -0.76 -1.96 11.36
CA GLU A 47 -0.24 -3.29 11.03
C GLU A 47 0.86 -3.18 9.98
N LEU A 48 0.56 -2.44 8.91
CA LEU A 48 1.52 -2.20 7.84
C LEU A 48 2.76 -1.46 8.35
N SER A 49 2.55 -0.53 9.27
CA SER A 49 3.64 0.23 9.84
C SER A 49 4.55 -0.66 10.69
N TYR A 50 3.95 -1.62 11.40
CA TYR A 50 4.72 -2.57 12.19
C TYR A 50 5.57 -3.45 11.29
N VAL A 51 5.06 -3.74 10.09
CA VAL A 51 5.81 -4.51 9.11
C VAL A 51 6.91 -3.63 8.51
N SER A 52 6.57 -2.37 8.25
CA SER A 52 7.53 -1.40 7.72
C SER A 52 8.74 -1.26 8.64
N LYS A 53 8.51 -1.47 9.94
CA LYS A 53 9.58 -1.44 10.93
C LYS A 53 10.74 -2.36 10.55
N GLU A 54 10.41 -3.50 9.97
CA GLU A 54 11.41 -4.49 9.59
C GLU A 54 11.57 -4.56 8.08
N ARG A 55 10.58 -4.04 7.37
CA ARG A 55 10.60 -4.06 5.92
C ARG A 55 10.74 -2.64 5.39
N GLU A 56 11.94 -2.09 5.49
CA GLU A 56 12.20 -0.78 4.92
C GLU A 56 12.53 -0.91 3.45
N GLY A 57 11.70 -0.33 2.60
CA GLY A 57 11.88 -0.44 1.17
C GLY A 57 11.77 -1.88 0.68
N LYS A 58 10.90 -2.65 1.31
CA LYS A 58 10.65 -4.03 0.89
C LYS A 58 9.38 -4.10 0.08
N PHE A 59 8.55 -3.07 0.27
CA PHE A 59 7.31 -2.92 -0.46
C PHE A 59 6.81 -1.50 -0.27
N ASN A 60 6.04 -1.04 -1.23
CA ASN A 60 5.51 0.31 -1.23
C ASN A 60 4.03 0.28 -0.84
N ILE A 61 3.61 1.21 -0.01
CA ILE A 61 2.23 1.23 0.47
C ILE A 61 1.52 2.50 0.02
N TYR A 62 0.55 2.35 -0.86
CA TYR A 62 -0.26 3.48 -1.31
C TYR A 62 -1.57 3.49 -0.54
N TYR A 63 -1.82 4.55 0.21
CA TYR A 63 -3.07 4.65 0.95
C TYR A 63 -4.09 5.43 0.15
N ALA A 64 -5.04 4.71 -0.43
CA ALA A 64 -6.08 5.33 -1.22
C ALA A 64 -7.17 5.87 -0.31
N ARG A 65 -6.97 7.10 0.14
CA ARG A 65 -7.92 7.79 0.97
C ARG A 65 -9.18 8.14 0.17
N LEU A 66 -10.34 7.70 0.62
CA LEU A 66 -11.59 7.97 -0.11
C LEU A 66 -11.96 9.46 -0.03
N GLU A 67 -11.01 10.27 0.45
CA GLU A 67 -11.25 11.68 0.71
C GLU A 67 -11.11 12.52 -0.57
N GLU A 68 -10.43 11.98 -1.57
CA GLU A 68 -10.15 12.75 -2.79
C GLU A 68 -10.82 12.14 -4.03
N GLU A 69 -11.14 13.00 -4.99
CA GLU A 69 -11.69 12.57 -6.27
C GLU A 69 -10.75 11.63 -7.01
N LYS A 70 -9.45 11.83 -6.79
CA LYS A 70 -8.41 11.02 -7.44
C LYS A 70 -8.59 9.53 -7.11
N ASN A 71 -9.20 9.25 -5.97
CA ASN A 71 -9.35 7.88 -5.52
C ASN A 71 -10.66 7.29 -6.00
N ILE A 72 -11.54 8.14 -6.52
CA ILE A 72 -12.79 7.65 -7.10
C ILE A 72 -12.49 6.95 -8.42
N ASP A 73 -11.71 7.59 -9.25
CA ASP A 73 -11.26 7.00 -10.51
C ASP A 73 -10.37 5.80 -10.22
N LEU A 74 -9.47 5.97 -9.25
CA LEU A 74 -8.57 4.91 -8.83
C LEU A 74 -9.35 3.70 -8.36
N ALA A 75 -10.40 3.95 -7.58
CA ALA A 75 -11.26 2.89 -7.05
C ALA A 75 -11.80 2.01 -8.17
N TYR A 76 -12.50 2.62 -9.13
CA TYR A 76 -13.12 1.86 -10.21
C TYR A 76 -12.07 1.23 -11.12
N LYS A 77 -10.94 1.92 -11.29
CA LYS A 77 -9.85 1.42 -12.10
C LYS A 77 -9.28 0.13 -11.51
N TYR A 78 -9.38 -0.02 -10.19
CA TYR A 78 -8.84 -1.21 -9.52
C TYR A 78 -9.95 -2.09 -8.95
N ASP A 79 -11.21 -1.77 -9.28
CA ASP A 79 -12.38 -2.57 -8.89
C ASP A 79 -12.67 -2.46 -7.40
N ALA A 80 -12.29 -1.34 -6.81
CA ALA A 80 -12.58 -1.07 -5.41
C ALA A 80 -14.01 -0.56 -5.27
N ASN A 81 -14.89 -1.43 -4.79
CA ASN A 81 -16.30 -1.07 -4.63
C ASN A 81 -16.72 -1.15 -3.18
N ILE A 82 -16.15 -2.11 -2.45
CA ILE A 82 -16.51 -2.31 -1.06
C ILE A 82 -15.33 -1.99 -0.16
N VAL A 83 -15.59 -1.17 0.86
CA VAL A 83 -14.55 -0.78 1.80
C VAL A 83 -14.69 -1.56 3.11
N PRO A 84 -13.56 -1.97 3.71
CA PRO A 84 -12.24 -1.72 3.16
C PRO A 84 -11.81 -2.81 2.16
N THR A 85 -11.03 -2.41 1.18
CA THR A 85 -10.51 -3.34 0.18
C THR A 85 -9.07 -2.97 -0.16
N THR A 86 -8.28 -3.97 -0.51
CA THR A 86 -6.90 -3.75 -0.83
C THR A 86 -6.47 -4.62 -2.01
N VAL A 87 -5.64 -4.06 -2.86
CA VAL A 87 -5.09 -4.77 -3.99
C VAL A 87 -3.58 -4.90 -3.83
N PHE A 88 -3.09 -6.12 -3.95
CA PHE A 88 -1.66 -6.40 -3.83
C PHE A 88 -1.01 -6.47 -5.20
N LEU A 89 -0.06 -5.57 -5.42
CA LEU A 89 0.66 -5.49 -6.67
C LEU A 89 2.09 -5.98 -6.48
N ASP A 90 2.62 -6.69 -7.47
CA ASP A 90 4.02 -7.12 -7.43
C ASP A 90 4.91 -5.95 -7.85
N LYS A 91 6.21 -6.20 -7.87
CA LYS A 91 7.24 -5.19 -8.14
C LYS A 91 6.97 -4.36 -9.41
N GLU A 92 6.33 -4.94 -10.42
CA GLU A 92 6.02 -4.20 -11.65
C GLU A 92 4.96 -3.13 -11.41
N GLY A 93 4.09 -3.39 -10.44
CA GLY A 93 2.96 -2.51 -10.22
C GLY A 93 1.70 -3.04 -10.86
N ASN A 94 1.59 -4.36 -10.94
CA ASN A 94 0.37 -4.99 -11.45
C ASN A 94 -0.41 -5.60 -10.29
N LYS A 95 -1.71 -5.34 -10.26
CA LYS A 95 -2.57 -5.87 -9.21
C LYS A 95 -2.87 -7.35 -9.43
N PHE A 96 -2.44 -8.18 -8.51
CA PHE A 96 -2.64 -9.61 -8.62
C PHE A 96 -3.73 -10.09 -7.67
N TYR A 97 -3.58 -9.79 -6.39
CA TYR A 97 -4.50 -10.30 -5.37
C TYR A 97 -5.37 -9.18 -4.81
N VAL A 98 -6.66 -9.44 -4.69
CA VAL A 98 -7.58 -8.50 -4.07
C VAL A 98 -8.07 -9.06 -2.74
N HIS A 99 -8.33 -8.17 -1.79
CA HIS A 99 -8.78 -8.58 -0.48
C HIS A 99 -9.74 -7.56 0.07
N GLN A 100 -10.88 -8.00 0.56
CA GLN A 100 -11.84 -7.09 1.18
C GLN A 100 -12.01 -7.46 2.64
N GLY A 101 -12.32 -6.47 3.46
CA GLY A 101 -12.49 -6.70 4.88
C GLY A 101 -11.26 -6.28 5.66
N LEU A 102 -10.70 -7.20 6.42
CA LEU A 102 -9.53 -6.90 7.23
C LEU A 102 -8.51 -8.04 7.14
N MET A 103 -7.31 -7.78 7.62
CA MET A 103 -6.24 -8.78 7.65
C MET A 103 -5.10 -8.28 8.52
N ARG A 104 -4.41 -9.20 9.20
CA ARG A 104 -3.32 -8.83 10.10
C ARG A 104 -1.99 -8.79 9.36
N LYS A 105 -0.98 -8.24 10.03
CA LYS A 105 0.35 -8.08 9.44
C LYS A 105 0.89 -9.40 8.87
N ASN A 106 0.70 -10.49 9.60
CA ASN A 106 1.19 -11.79 9.16
C ASN A 106 0.49 -12.24 7.88
N ASN A 107 -0.79 -11.90 7.78
CA ASN A 107 -1.56 -12.21 6.58
C ASN A 107 -0.99 -11.46 5.40
N ILE A 108 -0.75 -10.17 5.61
CA ILE A 108 -0.13 -9.31 4.61
C ILE A 108 1.24 -9.85 4.23
N GLU A 109 2.05 -10.11 5.25
CA GLU A 109 3.40 -10.66 5.10
C GLU A 109 3.39 -11.92 4.24
N THR A 110 2.51 -12.86 4.57
CA THR A 110 2.44 -14.13 3.84
C THR A 110 2.01 -13.91 2.39
N ILE A 111 1.08 -12.98 2.18
CA ILE A 111 0.62 -12.66 0.82
C ILE A 111 1.77 -12.08 0.00
N LEU A 112 2.50 -11.13 0.58
CA LEU A 112 3.66 -10.55 -0.09
C LEU A 112 4.72 -11.61 -0.32
N ASN A 113 4.87 -12.47 0.67
CA ASN A 113 5.83 -13.57 0.64
C ASN A 113 5.65 -14.44 -0.59
N SER A 114 4.40 -14.76 -0.89
CA SER A 114 4.08 -15.62 -2.02
C SER A 114 3.95 -14.84 -3.32
N LEU A 115 3.66 -13.54 -3.20
CA LEU A 115 3.42 -12.72 -4.38
C LEU A 115 4.69 -12.06 -4.88
N GLY A 116 5.26 -11.18 -4.08
CA GLY A 116 6.33 -10.34 -4.57
C GLY A 116 7.46 -10.16 -3.58
N VAL A 117 7.73 -8.90 -3.26
CA VAL A 117 8.89 -8.53 -2.43
C VAL A 117 10.17 -9.04 -3.09
N LYS A 118 10.18 -8.99 -4.42
CA LYS A 118 11.28 -9.54 -5.19
C LYS A 118 12.13 -8.42 -5.80
N GLU A 119 12.68 -7.58 -4.95
CA GLU A 119 13.63 -6.56 -5.38
C GLU A 119 14.96 -6.80 -4.66
N GLY A 120 15.09 -6.26 -3.46
CA GLY A 120 16.25 -6.53 -2.64
C GLY A 120 16.14 -7.89 -1.94
N HIS A 121 15.62 -8.86 -2.68
CA HIS A 121 15.40 -10.20 -2.16
C HIS A 121 16.65 -11.04 -2.35
N HIS A 122 17.71 -10.39 -2.84
CA HIS A 122 18.96 -11.07 -3.15
C HIS A 122 19.64 -11.55 -1.86
N HIS A 123 19.38 -10.83 -0.76
CA HIS A 123 19.86 -11.18 0.58
C HIS A 123 21.39 -10.97 0.70
N HIS A 124 22.15 -11.62 -0.15
CA HIS A 124 23.61 -11.52 -0.10
C HIS A 124 24.08 -10.19 -0.67
N HIS A 125 24.23 -9.20 0.19
CA HIS A 125 24.79 -7.91 -0.20
C HIS A 125 26.27 -7.87 0.15
N HIS A 126 26.71 -8.89 0.87
CA HIS A 126 28.12 -9.06 1.21
C HIS A 126 28.37 -10.53 1.51
N MET A 1 7.78 10.98 -5.30
CA MET A 1 8.94 11.87 -5.47
C MET A 1 10.21 11.19 -4.95
N SER A 2 10.34 11.11 -3.64
CA SER A 2 11.48 10.46 -3.00
C SER A 2 11.05 9.88 -1.66
N LEU A 3 10.43 10.73 -0.85
CA LEU A 3 9.78 10.31 0.37
C LEU A 3 8.27 10.44 0.20
N GLU A 4 7.55 10.63 1.30
CA GLU A 4 6.13 10.92 1.24
C GLU A 4 5.93 12.27 0.58
N GLY A 5 4.67 12.63 0.29
CA GLY A 5 4.37 13.87 -0.39
C GLY A 5 4.46 15.07 0.53
N ILE A 6 5.53 15.13 1.29
CA ILE A 6 5.74 16.19 2.30
C ILE A 6 6.95 15.87 3.18
N LYS A 7 7.35 14.58 3.20
CA LYS A 7 8.40 14.09 4.10
C LYS A 7 7.82 13.87 5.49
N GLN A 8 7.59 12.60 5.81
CA GLN A 8 6.98 12.17 7.06
C GLN A 8 5.53 12.65 7.14
N ILE A 9 4.63 11.82 6.65
CA ILE A 9 3.21 12.15 6.63
C ILE A 9 2.52 11.65 7.90
N ASN A 10 3.06 10.59 8.49
CA ASN A 10 2.50 10.02 9.70
C ASN A 10 3.52 9.08 10.34
N PHE A 11 3.21 8.57 11.52
CA PHE A 11 4.12 7.68 12.23
C PHE A 11 3.77 6.22 11.98
N GLN A 12 2.49 5.95 11.83
CA GLN A 12 2.02 4.62 11.47
C GLN A 12 2.10 4.46 9.95
N SER A 13 3.00 5.22 9.37
CA SER A 13 3.13 5.33 7.94
C SER A 13 4.59 5.50 7.55
N ILE A 14 5.25 4.40 7.21
CA ILE A 14 6.67 4.44 6.87
C ILE A 14 6.89 4.23 5.37
N ASN A 15 6.47 3.08 4.87
CA ASN A 15 6.62 2.75 3.45
C ASN A 15 5.46 3.31 2.63
N VAL A 16 4.91 4.42 3.08
CA VAL A 16 3.64 4.90 2.57
C VAL A 16 3.79 5.86 1.41
N VAL A 17 2.73 5.92 0.60
CA VAL A 17 2.70 6.73 -0.60
C VAL A 17 1.36 7.47 -0.71
N GLU A 18 1.43 8.71 -1.20
CA GLU A 18 0.25 9.57 -1.36
C GLU A 18 -0.64 9.08 -2.49
N ASN A 19 -0.01 8.78 -3.62
CA ASN A 19 -0.71 8.36 -4.82
C ASN A 19 0.29 7.71 -5.78
N LEU A 20 -0.19 7.19 -6.90
CA LEU A 20 0.63 6.43 -7.84
C LEU A 20 1.96 7.12 -8.22
N GLU A 21 1.95 8.43 -8.35
CA GLU A 21 3.11 9.16 -8.85
C GLU A 21 4.21 9.30 -7.80
N GLU A 22 3.83 9.30 -6.53
CA GLU A 22 4.80 9.34 -5.45
C GLU A 22 5.44 7.97 -5.23
N ALA A 23 4.87 6.94 -5.87
CA ALA A 23 5.38 5.58 -5.73
C ALA A 23 6.47 5.30 -6.76
N LYS A 24 7.12 4.16 -6.63
CA LYS A 24 8.13 3.75 -7.59
C LYS A 24 7.99 2.27 -7.96
N GLU A 25 8.44 1.94 -9.16
CA GLU A 25 8.42 0.58 -9.65
C GLU A 25 9.60 -0.20 -9.09
N GLY A 26 9.59 -1.51 -9.31
CA GLY A 26 10.66 -2.38 -8.83
C GLY A 26 10.38 -2.87 -7.44
N ILE A 27 9.65 -2.07 -6.68
CA ILE A 27 9.15 -2.49 -5.40
C ILE A 27 7.63 -2.56 -5.47
N PRO A 28 7.05 -3.68 -5.00
CA PRO A 28 5.61 -3.93 -5.11
C PRO A 28 4.76 -2.84 -4.48
N THR A 29 3.49 -2.82 -4.83
CA THR A 29 2.59 -1.79 -4.35
C THR A 29 1.40 -2.38 -3.63
N ILE A 30 1.22 -1.98 -2.39
CA ILE A 30 0.06 -2.39 -1.61
C ILE A 30 -0.91 -1.22 -1.53
N ILE A 31 -2.02 -1.34 -2.21
CA ILE A 31 -3.01 -0.27 -2.27
C ILE A 31 -4.21 -0.62 -1.40
N MET A 32 -4.42 0.13 -0.33
CA MET A 32 -5.58 -0.12 0.52
C MET A 32 -6.59 1.01 0.36
N PHE A 33 -7.72 0.66 -0.21
CA PHE A 33 -8.81 1.61 -0.39
C PHE A 33 -9.52 1.85 0.92
N LYS A 34 -9.42 3.07 1.41
CA LYS A 34 -10.04 3.45 2.66
C LYS A 34 -10.64 4.84 2.50
N THR A 35 -11.72 5.12 3.21
CA THR A 35 -12.35 6.42 3.14
C THR A 35 -11.90 7.29 4.31
N ASP A 36 -12.51 8.45 4.44
CA ASP A 36 -12.22 9.37 5.54
C ASP A 36 -12.43 8.69 6.89
N THR A 37 -13.59 8.07 7.05
CA THR A 37 -13.93 7.40 8.30
C THR A 37 -13.55 5.91 8.22
N CYS A 38 -14.12 5.11 9.13
CA CYS A 38 -13.83 3.68 9.25
C CYS A 38 -12.46 3.45 9.91
N PRO A 39 -12.46 3.03 11.17
CA PRO A 39 -11.22 2.85 11.93
C PRO A 39 -10.43 1.61 11.52
N TYR A 40 -10.92 0.90 10.50
CA TYR A 40 -10.22 -0.26 9.97
C TYR A 40 -8.89 0.17 9.37
N CYS A 41 -8.85 1.41 8.90
CA CYS A 41 -7.64 1.98 8.32
C CYS A 41 -6.53 2.08 9.36
N VAL A 42 -6.82 2.75 10.47
CA VAL A 42 -5.82 2.99 11.51
C VAL A 42 -5.34 1.67 12.12
N GLU A 43 -6.22 0.69 12.17
CA GLU A 43 -5.88 -0.63 12.70
C GLU A 43 -4.88 -1.32 11.77
N MET A 44 -5.21 -1.34 10.49
CA MET A 44 -4.34 -1.97 9.50
C MET A 44 -3.04 -1.19 9.35
N GLN A 45 -3.11 0.11 9.59
CA GLN A 45 -1.93 0.97 9.58
C GLN A 45 -0.92 0.52 10.65
N LYS A 46 -1.41 0.12 11.81
CA LYS A 46 -0.54 -0.41 12.87
C LYS A 46 0.18 -1.65 12.36
N GLU A 47 -0.58 -2.55 11.78
CA GLU A 47 -0.03 -3.76 11.19
C GLU A 47 1.00 -3.40 10.12
N LEU A 48 0.63 -2.49 9.23
CA LEU A 48 1.51 -2.01 8.17
C LEU A 48 2.77 -1.38 8.74
N SER A 49 2.66 -0.80 9.92
CA SER A 49 3.78 -0.16 10.58
C SER A 49 4.87 -1.20 10.88
N TYR A 50 4.46 -2.33 11.43
CA TYR A 50 5.40 -3.39 11.76
C TYR A 50 5.88 -4.11 10.50
N VAL A 51 5.01 -4.22 9.49
CA VAL A 51 5.38 -4.83 8.22
C VAL A 51 6.40 -3.95 7.49
N SER A 52 6.22 -2.64 7.61
CA SER A 52 7.18 -1.69 7.06
C SER A 52 8.51 -1.79 7.79
N LYS A 53 8.45 -2.17 9.07
CA LYS A 53 9.65 -2.30 9.88
C LYS A 53 10.41 -3.57 9.49
N GLU A 54 9.67 -4.56 9.02
CA GLU A 54 10.24 -5.78 8.50
C GLU A 54 10.95 -5.51 7.18
N ARG A 55 10.27 -4.80 6.30
CA ARG A 55 10.83 -4.51 4.99
C ARG A 55 10.86 -3.00 4.78
N GLU A 56 11.80 -2.34 5.43
CA GLU A 56 11.87 -0.88 5.46
C GLU A 56 12.26 -0.31 4.10
N GLY A 57 11.35 0.48 3.52
CA GLY A 57 11.59 1.08 2.23
C GLY A 57 11.88 0.06 1.15
N LYS A 58 11.04 -0.96 1.04
CA LYS A 58 11.25 -2.03 0.07
C LYS A 58 9.94 -2.37 -0.63
N PHE A 59 8.92 -1.57 -0.40
CA PHE A 59 7.64 -1.73 -1.07
C PHE A 59 6.76 -0.52 -0.79
N ASN A 60 5.91 -0.18 -1.73
CA ASN A 60 5.05 1.00 -1.62
C ASN A 60 3.75 0.63 -0.93
N ILE A 61 3.32 1.45 0.01
CA ILE A 61 1.97 1.34 0.57
C ILE A 61 1.20 2.58 0.20
N TYR A 62 0.28 2.45 -0.73
CA TYR A 62 -0.51 3.59 -1.18
C TYR A 62 -1.83 3.61 -0.44
N TYR A 63 -2.05 4.66 0.34
CA TYR A 63 -3.34 4.82 0.98
C TYR A 63 -4.32 5.32 -0.05
N ALA A 64 -5.17 4.44 -0.53
CA ALA A 64 -6.18 4.83 -1.50
C ALA A 64 -7.29 5.54 -0.77
N ARG A 65 -6.97 6.75 -0.36
CA ARG A 65 -7.86 7.61 0.40
C ARG A 65 -9.02 8.08 -0.45
N LEU A 66 -10.20 7.57 -0.15
CA LEU A 66 -11.41 7.88 -0.89
C LEU A 66 -11.87 9.32 -0.59
N GLU A 67 -11.08 10.05 0.19
CA GLU A 67 -11.39 11.43 0.50
C GLU A 67 -10.90 12.34 -0.64
N GLU A 68 -10.07 11.79 -1.51
CA GLU A 68 -9.60 12.49 -2.69
C GLU A 68 -10.29 11.95 -3.94
N GLU A 69 -10.57 12.83 -4.89
CA GLU A 69 -11.31 12.46 -6.09
C GLU A 69 -10.49 11.58 -7.04
N LYS A 70 -9.18 11.63 -6.88
CA LYS A 70 -8.27 10.79 -7.68
C LYS A 70 -8.61 9.31 -7.54
N ASN A 71 -9.26 8.95 -6.44
CA ASN A 71 -9.57 7.56 -6.19
C ASN A 71 -10.89 7.15 -6.80
N ILE A 72 -11.47 8.01 -7.62
CA ILE A 72 -12.60 7.62 -8.43
C ILE A 72 -12.10 6.70 -9.54
N ASP A 73 -11.06 7.15 -10.24
CA ASP A 73 -10.41 6.35 -11.27
C ASP A 73 -9.70 5.16 -10.66
N LEU A 74 -8.91 5.43 -9.61
CA LEU A 74 -8.15 4.38 -8.94
C LEU A 74 -9.07 3.29 -8.42
N ALA A 75 -10.21 3.67 -7.84
CA ALA A 75 -11.17 2.70 -7.33
C ALA A 75 -11.62 1.74 -8.42
N TYR A 76 -12.15 2.29 -9.51
CA TYR A 76 -12.66 1.46 -10.59
C TYR A 76 -11.56 0.65 -11.26
N LYS A 77 -10.37 1.23 -11.33
CA LYS A 77 -9.23 0.56 -11.92
C LYS A 77 -8.85 -0.68 -11.12
N TYR A 78 -9.18 -0.67 -9.84
CA TYR A 78 -8.84 -1.78 -8.96
C TYR A 78 -10.08 -2.42 -8.34
N ASP A 79 -11.24 -2.24 -9.00
CA ASP A 79 -12.46 -2.98 -8.66
C ASP A 79 -13.01 -2.55 -7.30
N ALA A 80 -12.55 -1.41 -6.82
CA ALA A 80 -12.92 -0.90 -5.52
C ALA A 80 -14.24 -0.16 -5.58
N ASN A 81 -15.05 -0.35 -4.56
CA ASN A 81 -16.36 0.30 -4.48
C ASN A 81 -16.75 0.47 -3.02
N ILE A 82 -16.46 -0.54 -2.21
CA ILE A 82 -16.66 -0.46 -0.78
C ILE A 82 -15.32 -0.59 -0.06
N VAL A 83 -15.27 -0.14 1.18
CA VAL A 83 -14.03 -0.15 1.96
C VAL A 83 -14.19 -0.95 3.23
N PRO A 84 -13.09 -1.52 3.74
CA PRO A 84 -11.78 -1.41 3.11
C PRO A 84 -11.50 -2.57 2.15
N THR A 85 -10.72 -2.30 1.12
CA THR A 85 -10.30 -3.33 0.20
C THR A 85 -8.83 -3.14 -0.15
N THR A 86 -8.06 -4.21 -0.03
CA THR A 86 -6.63 -4.15 -0.25
C THR A 86 -6.24 -4.85 -1.54
N VAL A 87 -5.58 -4.11 -2.41
CA VAL A 87 -5.07 -4.65 -3.65
C VAL A 87 -3.56 -4.85 -3.56
N PHE A 88 -3.13 -6.08 -3.67
CA PHE A 88 -1.71 -6.40 -3.62
C PHE A 88 -1.15 -6.52 -5.04
N LEU A 89 -0.30 -5.55 -5.39
CA LEU A 89 0.37 -5.54 -6.67
C LEU A 89 1.79 -6.07 -6.50
N ASP A 90 2.26 -6.89 -7.44
CA ASP A 90 3.66 -7.35 -7.42
C ASP A 90 4.58 -6.17 -7.75
N LYS A 91 5.87 -6.43 -7.93
CA LYS A 91 6.82 -5.35 -8.19
C LYS A 91 6.58 -4.68 -9.55
N GLU A 92 6.00 -5.41 -10.50
CA GLU A 92 5.67 -4.82 -11.79
C GLU A 92 4.45 -3.94 -11.65
N GLY A 93 3.44 -4.47 -10.98
CA GLY A 93 2.21 -3.75 -10.80
C GLY A 93 1.00 -4.58 -11.20
N ASN A 94 1.18 -5.89 -11.23
CA ASN A 94 0.11 -6.80 -11.61
C ASN A 94 -0.85 -6.97 -10.45
N LYS A 95 -2.15 -6.86 -10.76
CA LYS A 95 -3.20 -7.09 -9.79
C LYS A 95 -3.27 -8.58 -9.45
N PHE A 96 -2.45 -8.99 -8.48
CA PHE A 96 -2.29 -10.40 -8.17
C PHE A 96 -3.34 -10.86 -7.17
N TYR A 97 -3.47 -10.15 -6.06
CA TYR A 97 -4.41 -10.55 -5.03
C TYR A 97 -5.18 -9.36 -4.48
N VAL A 98 -6.50 -9.46 -4.51
CA VAL A 98 -7.34 -8.45 -3.87
C VAL A 98 -8.06 -9.08 -2.68
N HIS A 99 -8.34 -8.27 -1.67
CA HIS A 99 -8.98 -8.76 -0.47
C HIS A 99 -9.88 -7.68 0.06
N GLN A 100 -11.16 -7.97 0.20
CA GLN A 100 -12.10 -7.01 0.74
C GLN A 100 -12.32 -7.30 2.21
N GLY A 101 -11.92 -6.37 3.05
CA GLY A 101 -12.05 -6.54 4.48
C GLY A 101 -10.78 -6.12 5.20
N LEU A 102 -10.70 -6.44 6.47
CA LEU A 102 -9.54 -6.07 7.28
C LEU A 102 -8.48 -7.18 7.22
N MET A 103 -7.22 -6.78 7.34
CA MET A 103 -6.11 -7.72 7.38
C MET A 103 -5.25 -7.45 8.60
N ARG A 104 -4.46 -8.42 8.99
CA ARG A 104 -3.48 -8.25 10.04
C ARG A 104 -2.07 -8.35 9.44
N LYS A 105 -1.05 -7.98 10.21
CA LYS A 105 0.30 -7.88 9.68
C LYS A 105 0.77 -9.20 9.08
N ASN A 106 0.58 -10.30 9.80
CA ASN A 106 1.05 -11.61 9.33
C ASN A 106 0.32 -12.02 8.05
N ASN A 107 -0.93 -11.61 7.93
CA ASN A 107 -1.70 -11.89 6.74
C ASN A 107 -1.07 -11.16 5.57
N ILE A 108 -0.73 -9.89 5.79
CA ILE A 108 -0.04 -9.08 4.80
C ILE A 108 1.33 -9.67 4.50
N GLU A 109 2.07 -9.95 5.58
CA GLU A 109 3.42 -10.52 5.51
C GLU A 109 3.47 -11.76 4.61
N THR A 110 2.56 -12.69 4.86
CA THR A 110 2.51 -13.93 4.09
C THR A 110 2.12 -13.66 2.63
N ILE A 111 1.13 -12.80 2.42
CA ILE A 111 0.69 -12.45 1.07
C ILE A 111 1.84 -11.81 0.30
N LEU A 112 2.57 -10.91 0.95
CA LEU A 112 3.70 -10.23 0.32
C LEU A 112 4.76 -11.21 -0.13
N ASN A 113 5.00 -12.22 0.70
CA ASN A 113 5.99 -13.25 0.41
C ASN A 113 5.66 -14.01 -0.87
N SER A 114 4.39 -14.32 -1.06
CA SER A 114 3.94 -15.03 -2.26
C SER A 114 3.66 -14.05 -3.42
N LEU A 115 3.50 -12.78 -3.08
CA LEU A 115 3.11 -11.75 -4.03
C LEU A 115 4.19 -11.51 -5.07
N GLY A 116 5.40 -11.22 -4.62
CA GLY A 116 6.46 -10.93 -5.54
C GLY A 116 7.31 -9.75 -5.12
N VAL A 117 7.14 -9.33 -3.87
CA VAL A 117 8.06 -8.38 -3.23
C VAL A 117 9.53 -8.73 -3.54
N LYS A 118 10.08 -7.98 -4.50
CA LYS A 118 11.44 -8.16 -5.00
C LYS A 118 11.57 -7.29 -6.25
N GLU A 119 12.70 -7.30 -6.92
CA GLU A 119 12.84 -6.49 -8.13
C GLU A 119 12.83 -7.39 -9.37
N GLY A 120 12.20 -6.92 -10.44
CA GLY A 120 12.10 -7.71 -11.66
C GLY A 120 12.11 -6.86 -12.92
N HIS A 121 12.11 -5.53 -12.75
CA HIS A 121 12.02 -4.61 -13.89
C HIS A 121 13.35 -4.52 -14.64
N HIS A 122 14.43 -4.93 -13.98
CA HIS A 122 15.73 -4.96 -14.63
C HIS A 122 15.75 -5.94 -15.79
N HIS A 123 15.36 -5.46 -16.96
CA HIS A 123 15.35 -6.24 -18.19
C HIS A 123 15.36 -5.32 -19.40
N HIS A 124 16.09 -4.22 -19.29
CA HIS A 124 16.24 -3.27 -20.39
C HIS A 124 17.68 -3.19 -20.83
N HIS A 125 18.48 -4.12 -20.33
CA HIS A 125 19.89 -4.26 -20.69
C HIS A 125 20.31 -5.70 -20.48
N HIS A 126 19.75 -6.30 -19.44
CA HIS A 126 19.89 -7.72 -19.15
C HIS A 126 18.63 -8.19 -18.45
N MET A 1 6.13 15.15 -6.47
CA MET A 1 6.45 15.12 -7.91
C MET A 1 6.71 13.70 -8.35
N SER A 2 7.59 13.01 -7.63
CA SER A 2 7.89 11.61 -7.90
C SER A 2 8.36 10.96 -6.61
N LEU A 3 7.43 10.79 -5.67
CA LEU A 3 7.72 10.25 -4.35
C LEU A 3 8.64 11.20 -3.58
N GLU A 4 8.04 12.25 -3.02
CA GLU A 4 8.80 13.21 -2.23
C GLU A 4 9.19 12.58 -0.90
N GLY A 5 8.22 11.91 -0.27
CA GLY A 5 8.45 11.26 0.99
C GLY A 5 8.80 12.24 2.11
N ILE A 6 8.43 13.50 1.93
CA ILE A 6 8.76 14.52 2.90
C ILE A 6 7.77 15.69 2.81
N LYS A 7 7.61 16.40 3.94
CA LYS A 7 6.84 17.65 4.01
C LYS A 7 5.33 17.44 3.90
N GLN A 8 4.86 16.90 2.78
CA GLN A 8 3.44 16.75 2.55
C GLN A 8 2.95 15.37 2.93
N ILE A 9 3.91 14.51 3.19
CA ILE A 9 3.65 13.12 3.52
C ILE A 9 4.97 12.44 3.86
N ASN A 10 5.05 11.78 5.00
CA ASN A 10 6.30 11.17 5.45
C ASN A 10 6.08 10.19 6.59
N PHE A 11 5.77 10.73 7.77
CA PHE A 11 5.73 9.92 8.98
C PHE A 11 4.43 9.13 9.11
N GLN A 12 4.60 7.81 9.21
CA GLN A 12 3.50 6.88 9.49
C GLN A 12 3.99 5.44 9.33
N SER A 13 4.28 5.07 8.09
CA SER A 13 4.74 3.71 7.79
C SER A 13 6.06 3.76 7.03
N ILE A 14 6.60 4.97 6.84
CA ILE A 14 7.84 5.19 6.10
C ILE A 14 7.64 4.94 4.59
N ASN A 15 7.24 3.72 4.25
CA ASN A 15 6.97 3.34 2.87
C ASN A 15 5.55 3.76 2.48
N VAL A 16 5.07 4.83 3.08
CA VAL A 16 3.74 5.35 2.82
C VAL A 16 3.74 6.19 1.54
N VAL A 17 2.83 5.86 0.64
CA VAL A 17 2.72 6.56 -0.64
C VAL A 17 1.35 7.20 -0.79
N GLU A 18 1.35 8.46 -1.21
CA GLU A 18 0.11 9.21 -1.42
C GLU A 18 -0.63 8.69 -2.66
N ASN A 19 0.05 8.67 -3.80
CA ASN A 19 -0.60 8.34 -5.05
C ASN A 19 0.42 7.79 -6.04
N LEU A 20 -0.08 7.24 -7.16
CA LEU A 20 0.76 6.61 -8.20
C LEU A 20 2.00 7.42 -8.61
N GLU A 21 1.86 8.72 -8.83
CA GLU A 21 2.99 9.52 -9.29
C GLU A 21 3.93 9.83 -8.13
N GLU A 22 3.43 9.65 -6.92
CA GLU A 22 4.26 9.72 -5.72
C GLU A 22 4.85 8.34 -5.42
N ALA A 23 4.83 7.46 -6.41
CA ALA A 23 5.43 6.14 -6.28
C ALA A 23 6.49 5.94 -7.36
N LYS A 24 7.38 4.98 -7.13
CA LYS A 24 8.45 4.67 -8.06
C LYS A 24 9.20 3.43 -7.58
N GLU A 25 10.35 3.17 -8.20
CA GLU A 25 11.21 2.03 -7.86
C GLU A 25 10.63 0.72 -8.39
N GLY A 26 11.21 -0.41 -7.99
CA GLY A 26 10.77 -1.69 -8.49
C GLY A 26 10.23 -2.58 -7.40
N ILE A 27 9.52 -1.98 -6.46
CA ILE A 27 8.96 -2.71 -5.32
C ILE A 27 7.49 -3.01 -5.55
N PRO A 28 6.95 -4.06 -4.91
CA PRO A 28 5.52 -4.35 -4.94
C PRO A 28 4.70 -3.21 -4.36
N THR A 29 3.53 -2.99 -4.93
CA THR A 29 2.69 -1.88 -4.54
C THR A 29 1.44 -2.38 -3.82
N ILE A 30 1.32 -2.05 -2.55
CA ILE A 30 0.15 -2.41 -1.78
C ILE A 30 -0.78 -1.21 -1.71
N ILE A 31 -1.89 -1.28 -2.43
CA ILE A 31 -2.82 -0.17 -2.45
C ILE A 31 -3.98 -0.46 -1.50
N MET A 32 -4.04 0.32 -0.43
CA MET A 32 -5.06 0.15 0.58
C MET A 32 -6.05 1.31 0.53
N PHE A 33 -7.24 1.01 0.06
CA PHE A 33 -8.30 1.98 -0.04
C PHE A 33 -8.95 2.18 1.31
N LYS A 34 -9.50 3.35 1.54
CA LYS A 34 -10.23 3.64 2.75
C LYS A 34 -11.14 4.83 2.54
N THR A 35 -12.18 4.91 3.34
CA THR A 35 -13.06 6.07 3.34
C THR A 35 -12.31 7.27 3.89
N ASP A 36 -13.01 8.38 4.09
CA ASP A 36 -12.41 9.58 4.65
C ASP A 36 -11.66 9.26 5.94
N THR A 37 -12.29 8.48 6.81
CA THR A 37 -11.67 8.07 8.06
C THR A 37 -11.94 6.59 8.36
N CYS A 38 -12.94 6.34 9.21
CA CYS A 38 -13.30 4.99 9.68
C CYS A 38 -12.18 4.38 10.53
N PRO A 39 -12.54 3.86 11.71
CA PRO A 39 -11.55 3.31 12.64
C PRO A 39 -10.89 2.03 12.13
N TYR A 40 -11.64 1.23 11.39
CA TYR A 40 -11.12 -0.04 10.87
C TYR A 40 -9.99 0.22 9.87
N CYS A 41 -10.05 1.37 9.20
CA CYS A 41 -9.02 1.74 8.24
C CYS A 41 -7.72 2.06 8.96
N VAL A 42 -7.85 2.68 10.13
CA VAL A 42 -6.70 3.05 10.95
C VAL A 42 -6.12 1.82 11.64
N GLU A 43 -6.99 0.88 11.99
CA GLU A 43 -6.59 -0.34 12.67
C GLU A 43 -5.68 -1.18 11.77
N MET A 44 -6.14 -1.44 10.54
CA MET A 44 -5.34 -2.18 9.58
C MET A 44 -4.13 -1.36 9.17
N GLN A 45 -4.29 -0.04 9.21
CA GLN A 45 -3.20 0.89 8.95
C GLN A 45 -2.06 0.65 9.93
N LYS A 46 -2.39 0.37 11.17
CA LYS A 46 -1.38 0.12 12.19
C LYS A 46 -0.65 -1.18 11.89
N GLU A 47 -1.39 -2.20 11.49
CA GLU A 47 -0.79 -3.44 11.04
C GLU A 47 0.15 -3.19 9.87
N LEU A 48 -0.30 -2.39 8.90
CA LEU A 48 0.51 -2.01 7.76
C LEU A 48 1.79 -1.31 8.21
N SER A 49 1.65 -0.39 9.16
CA SER A 49 2.78 0.31 9.74
C SER A 49 3.77 -0.66 10.37
N TYR A 50 3.22 -1.70 11.02
CA TYR A 50 4.05 -2.68 11.69
C TYR A 50 4.72 -3.61 10.68
N VAL A 51 4.09 -3.82 9.53
CA VAL A 51 4.70 -4.63 8.47
C VAL A 51 5.94 -3.93 7.94
N SER A 52 5.83 -2.62 7.72
CA SER A 52 6.95 -1.83 7.25
C SER A 52 8.06 -1.79 8.30
N LYS A 53 7.65 -1.84 9.57
CA LYS A 53 8.59 -1.96 10.68
C LYS A 53 9.45 -3.21 10.54
N GLU A 54 8.85 -4.30 10.10
CA GLU A 54 9.54 -5.57 9.98
C GLU A 54 10.27 -5.66 8.64
N ARG A 55 9.88 -4.83 7.69
CA ARG A 55 10.44 -4.88 6.36
C ARG A 55 10.38 -3.53 5.66
N GLU A 56 11.41 -2.73 5.86
CA GLU A 56 11.49 -1.42 5.23
C GLU A 56 12.02 -1.51 3.80
N GLY A 57 11.53 -0.62 2.94
CA GLY A 57 12.08 -0.46 1.60
C GLY A 57 12.03 -1.72 0.75
N LYS A 58 10.93 -2.47 0.83
CA LYS A 58 10.73 -3.64 -0.02
C LYS A 58 9.34 -3.65 -0.63
N PHE A 59 8.58 -2.61 -0.31
CA PHE A 59 7.23 -2.44 -0.81
C PHE A 59 6.74 -1.05 -0.45
N ASN A 60 5.82 -0.52 -1.22
CA ASN A 60 5.25 0.78 -0.92
C ASN A 60 3.75 0.68 -0.75
N ILE A 61 3.24 1.38 0.25
CA ILE A 61 1.82 1.35 0.56
C ILE A 61 1.13 2.60 0.03
N TYR A 62 0.35 2.42 -1.03
CA TYR A 62 -0.41 3.51 -1.62
C TYR A 62 -1.77 3.59 -0.94
N TYR A 63 -2.01 4.69 -0.25
CA TYR A 63 -3.26 4.87 0.47
C TYR A 63 -4.26 5.64 -0.36
N ALA A 64 -5.22 4.94 -0.90
CA ALA A 64 -6.29 5.58 -1.63
C ALA A 64 -7.41 5.97 -0.66
N ARG A 65 -7.51 7.26 -0.39
CA ARG A 65 -8.49 7.78 0.57
C ARG A 65 -9.65 8.47 -0.15
N LEU A 66 -10.86 8.09 0.23
CA LEU A 66 -12.06 8.61 -0.41
C LEU A 66 -12.32 10.08 -0.05
N GLU A 67 -11.38 10.70 0.65
CA GLU A 67 -11.41 12.14 0.86
C GLU A 67 -11.34 12.86 -0.49
N GLU A 68 -10.59 12.25 -1.41
CA GLU A 68 -10.24 12.88 -2.67
C GLU A 68 -11.03 12.32 -3.84
N GLU A 69 -10.86 12.95 -5.00
CA GLU A 69 -11.59 12.57 -6.22
C GLU A 69 -10.76 11.62 -7.07
N LYS A 70 -9.43 11.68 -6.89
CA LYS A 70 -8.51 10.77 -7.59
C LYS A 70 -8.87 9.30 -7.37
N ASN A 71 -9.68 9.05 -6.34
CA ASN A 71 -10.08 7.70 -6.01
C ASN A 71 -11.21 7.18 -6.89
N ILE A 72 -11.82 8.03 -7.68
CA ILE A 72 -12.89 7.57 -8.56
C ILE A 72 -12.34 6.53 -9.54
N ASP A 73 -11.35 6.94 -10.31
CA ASP A 73 -10.69 6.06 -11.26
C ASP A 73 -9.85 5.02 -10.52
N LEU A 74 -9.16 5.46 -9.48
CA LEU A 74 -8.26 4.58 -8.75
C LEU A 74 -9.01 3.42 -8.09
N ALA A 75 -10.12 3.71 -7.43
CA ALA A 75 -10.92 2.69 -6.75
C ALA A 75 -11.44 1.67 -7.75
N TYR A 76 -12.07 2.16 -8.81
CA TYR A 76 -12.65 1.27 -9.82
C TYR A 76 -11.56 0.47 -10.53
N LYS A 77 -10.40 1.08 -10.72
CA LYS A 77 -9.29 0.42 -11.40
C LYS A 77 -8.84 -0.83 -10.64
N TYR A 78 -9.10 -0.83 -9.33
CA TYR A 78 -8.65 -1.93 -8.48
C TYR A 78 -9.80 -2.57 -7.73
N ASP A 79 -11.02 -2.40 -8.25
CA ASP A 79 -12.18 -3.19 -7.81
C ASP A 79 -12.55 -2.87 -6.36
N ALA A 80 -12.21 -1.67 -5.91
CA ALA A 80 -12.45 -1.27 -4.53
C ALA A 80 -13.87 -0.78 -4.34
N ASN A 81 -14.73 -1.67 -3.86
CA ASN A 81 -16.12 -1.31 -3.58
C ASN A 81 -16.37 -1.19 -2.09
N ILE A 82 -15.72 -2.04 -1.30
CA ILE A 82 -15.87 -2.00 0.15
C ILE A 82 -14.53 -2.05 0.84
N VAL A 83 -14.39 -1.29 1.93
CA VAL A 83 -13.14 -1.23 2.67
C VAL A 83 -13.24 -2.08 3.95
N PRO A 84 -12.10 -2.51 4.52
CA PRO A 84 -10.75 -2.22 4.00
C PRO A 84 -10.50 -2.91 2.67
N THR A 85 -9.66 -2.31 1.84
CA THR A 85 -9.40 -2.84 0.51
C THR A 85 -7.91 -2.82 0.22
N THR A 86 -7.30 -3.99 0.22
CA THR A 86 -5.88 -4.09 -0.05
C THR A 86 -5.62 -4.87 -1.33
N VAL A 87 -5.19 -4.16 -2.36
CA VAL A 87 -4.81 -4.80 -3.60
C VAL A 87 -3.29 -4.93 -3.67
N PHE A 88 -2.84 -6.15 -3.85
CA PHE A 88 -1.42 -6.45 -3.85
C PHE A 88 -0.92 -6.55 -5.28
N LEU A 89 -0.11 -5.57 -5.66
CA LEU A 89 0.52 -5.57 -6.97
C LEU A 89 1.98 -5.99 -6.84
N ASP A 90 2.39 -6.94 -7.66
CA ASP A 90 3.77 -7.38 -7.69
C ASP A 90 4.66 -6.27 -8.24
N LYS A 91 5.97 -6.45 -8.15
CA LYS A 91 6.93 -5.42 -8.57
C LYS A 91 6.82 -5.12 -10.07
N GLU A 92 6.13 -5.98 -10.81
CA GLU A 92 5.91 -5.77 -12.23
C GLU A 92 4.72 -4.83 -12.46
N GLY A 93 4.03 -4.47 -11.39
CA GLY A 93 2.91 -3.55 -11.50
C GLY A 93 1.61 -4.25 -11.81
N ASN A 94 1.61 -5.58 -11.72
CA ASN A 94 0.42 -6.36 -12.00
C ASN A 94 -0.45 -6.48 -10.75
N LYS A 95 -1.74 -6.21 -10.89
CA LYS A 95 -2.69 -6.38 -9.79
C LYS A 95 -3.02 -7.87 -9.63
N PHE A 96 -2.20 -8.55 -8.84
CA PHE A 96 -2.31 -9.99 -8.68
C PHE A 96 -3.50 -10.37 -7.81
N TYR A 97 -3.56 -9.81 -6.61
CA TYR A 97 -4.62 -10.18 -5.68
C TYR A 97 -5.21 -8.96 -4.98
N VAL A 98 -6.47 -8.69 -5.25
CA VAL A 98 -7.20 -7.67 -4.52
C VAL A 98 -8.01 -8.33 -3.40
N HIS A 99 -8.00 -7.73 -2.22
CA HIS A 99 -8.64 -8.32 -1.07
C HIS A 99 -9.46 -7.26 -0.36
N GLN A 100 -10.68 -7.62 -0.01
CA GLN A 100 -11.53 -6.76 0.80
C GLN A 100 -11.69 -7.38 2.18
N GLY A 101 -11.50 -6.57 3.21
CA GLY A 101 -11.63 -7.07 4.57
C GLY A 101 -10.37 -6.84 5.37
N LEU A 102 -10.43 -7.15 6.66
CA LEU A 102 -9.34 -6.91 7.58
C LEU A 102 -8.30 -8.03 7.51
N MET A 103 -7.03 -7.64 7.60
CA MET A 103 -5.92 -8.59 7.64
C MET A 103 -4.95 -8.19 8.75
N ARG A 104 -4.12 -9.11 9.18
CA ARG A 104 -3.12 -8.79 10.21
C ARG A 104 -1.73 -8.73 9.58
N LYS A 105 -0.75 -8.28 10.36
CA LYS A 105 0.64 -8.12 9.87
C LYS A 105 1.11 -9.34 9.09
N ASN A 106 1.13 -10.49 9.75
CA ASN A 106 1.69 -11.70 9.16
C ASN A 106 0.83 -12.18 7.99
N ASN A 107 -0.46 -11.87 8.05
CA ASN A 107 -1.37 -12.24 6.97
C ASN A 107 -1.02 -11.46 5.71
N ILE A 108 -0.73 -10.18 5.89
CA ILE A 108 -0.23 -9.34 4.80
C ILE A 108 1.11 -9.89 4.30
N GLU A 109 1.97 -10.20 5.25
CA GLU A 109 3.28 -10.81 4.98
C GLU A 109 3.15 -12.05 4.10
N THR A 110 2.23 -12.94 4.48
CA THR A 110 2.01 -14.18 3.76
C THR A 110 1.57 -13.91 2.31
N ILE A 111 0.77 -12.88 2.12
CA ILE A 111 0.31 -12.52 0.79
C ILE A 111 1.47 -11.96 -0.04
N LEU A 112 2.28 -11.11 0.58
CA LEU A 112 3.45 -10.55 -0.10
C LEU A 112 4.41 -11.67 -0.48
N ASN A 113 4.55 -12.63 0.42
CA ASN A 113 5.35 -13.83 0.18
C ASN A 113 4.85 -14.57 -1.05
N SER A 114 3.55 -14.61 -1.22
CA SER A 114 2.92 -15.28 -2.35
C SER A 114 2.85 -14.37 -3.57
N LEU A 115 3.23 -13.11 -3.37
CA LEU A 115 3.18 -12.11 -4.43
C LEU A 115 4.53 -12.02 -5.14
N GLY A 116 5.55 -11.55 -4.42
CA GLY A 116 6.86 -11.43 -4.99
C GLY A 116 7.83 -10.78 -4.03
N VAL A 117 7.66 -9.46 -3.84
CA VAL A 117 8.55 -8.68 -2.97
C VAL A 117 10.01 -8.85 -3.43
N LYS A 118 10.16 -9.08 -4.74
CA LYS A 118 11.46 -9.36 -5.30
C LYS A 118 12.14 -8.06 -5.75
N GLU A 119 12.73 -7.39 -4.77
CA GLU A 119 13.44 -6.13 -4.99
C GLU A 119 14.80 -6.20 -4.32
N GLY A 120 15.81 -5.63 -4.96
CA GLY A 120 17.15 -5.69 -4.43
C GLY A 120 17.76 -4.30 -4.29
N HIS A 121 17.69 -3.51 -5.35
CA HIS A 121 18.29 -2.17 -5.38
C HIS A 121 19.80 -2.21 -5.16
N HIS A 122 20.40 -3.36 -5.46
CA HIS A 122 21.86 -3.57 -5.36
C HIS A 122 22.30 -3.68 -3.90
N HIS A 123 22.01 -2.67 -3.10
CA HIS A 123 22.40 -2.67 -1.70
C HIS A 123 21.17 -2.55 -0.80
N HIS A 124 20.83 -1.33 -0.39
CA HIS A 124 19.67 -1.09 0.46
C HIS A 124 19.60 0.38 0.87
N HIS A 125 20.67 0.84 1.52
CA HIS A 125 20.73 2.21 2.03
C HIS A 125 22.18 2.60 2.27
N HIS A 126 22.81 1.93 3.23
CA HIS A 126 24.21 2.16 3.53
C HIS A 126 24.76 0.93 4.24
N MET A 1 10.60 20.20 7.83
CA MET A 1 11.83 20.91 7.37
C MET A 1 11.48 21.83 6.21
N SER A 2 11.97 21.47 5.01
CA SER A 2 11.62 22.21 3.81
C SER A 2 10.12 22.12 3.56
N LEU A 3 9.60 20.91 3.73
CA LEU A 3 8.16 20.68 3.67
C LEU A 3 7.66 20.15 5.01
N GLU A 4 6.35 19.98 5.14
CA GLU A 4 5.76 19.52 6.39
C GLU A 4 5.82 18.00 6.51
N GLY A 5 4.86 17.33 5.88
CA GLY A 5 4.72 15.91 6.04
C GLY A 5 3.47 15.57 6.82
N ILE A 6 2.53 16.51 6.83
CA ILE A 6 1.30 16.36 7.59
C ILE A 6 0.12 16.10 6.67
N LYS A 7 0.20 16.61 5.44
CA LYS A 7 -0.85 16.36 4.47
C LYS A 7 -0.34 15.41 3.39
N GLN A 8 0.93 15.03 3.51
CA GLN A 8 1.58 14.18 2.54
C GLN A 8 2.27 13.01 3.24
N ILE A 9 3.13 12.30 2.50
CA ILE A 9 3.89 11.18 3.03
C ILE A 9 4.46 11.48 4.42
N ASN A 10 4.32 10.52 5.33
CA ASN A 10 4.75 10.69 6.71
C ASN A 10 5.69 9.54 7.08
N PHE A 11 6.25 9.60 8.28
CA PHE A 11 7.21 8.59 8.74
C PHE A 11 6.52 7.41 9.39
N GLN A 12 5.18 7.46 9.43
CA GLN A 12 4.36 6.44 10.10
C GLN A 12 4.79 5.02 9.68
N SER A 13 4.49 4.66 8.45
CA SER A 13 4.87 3.36 7.93
C SER A 13 6.20 3.46 7.19
N ILE A 14 6.70 4.70 7.04
CA ILE A 14 7.90 5.00 6.25
C ILE A 14 7.59 4.89 4.75
N ASN A 15 7.24 3.71 4.29
CA ASN A 15 6.81 3.51 2.91
C ASN A 15 5.31 3.73 2.78
N VAL A 16 4.80 4.63 3.60
CA VAL A 16 3.41 5.06 3.55
C VAL A 16 3.26 6.19 2.53
N VAL A 17 2.58 5.91 1.43
CA VAL A 17 2.37 6.92 0.41
C VAL A 17 0.88 7.24 0.32
N GLU A 18 0.58 8.51 0.23
CA GLU A 18 -0.80 8.96 0.12
C GLU A 18 -1.42 8.49 -1.18
N ASN A 19 -0.78 8.81 -2.30
CA ASN A 19 -1.35 8.53 -3.59
C ASN A 19 -0.26 8.15 -4.59
N LEU A 20 -0.66 7.85 -5.82
CA LEU A 20 0.27 7.43 -6.88
C LEU A 20 1.49 8.34 -7.00
N GLU A 21 1.27 9.64 -6.90
CA GLU A 21 2.35 10.63 -7.00
C GLU A 21 3.42 10.40 -5.94
N GLU A 22 3.04 9.90 -4.77
CA GLU A 22 4.03 9.64 -3.72
C GLU A 22 4.70 8.27 -3.88
N ALA A 23 4.24 7.47 -4.84
CA ALA A 23 4.80 6.12 -5.04
C ALA A 23 6.08 6.17 -5.86
N LYS A 24 6.96 5.19 -5.65
CA LYS A 24 8.26 5.17 -6.34
C LYS A 24 9.03 3.87 -6.07
N GLU A 25 10.29 3.86 -6.51
CA GLU A 25 11.22 2.73 -6.33
C GLU A 25 10.85 1.55 -7.24
N GLY A 26 11.55 0.44 -7.07
CA GLY A 26 11.26 -0.73 -7.88
C GLY A 26 10.55 -1.78 -7.06
N ILE A 27 9.69 -1.28 -6.19
CA ILE A 27 9.06 -2.11 -5.17
C ILE A 27 7.60 -2.37 -5.51
N PRO A 28 7.07 -3.53 -5.07
CA PRO A 28 5.66 -3.87 -5.25
C PRO A 28 4.73 -2.83 -4.64
N THR A 29 3.49 -2.82 -5.10
CA THR A 29 2.53 -1.82 -4.69
C THR A 29 1.37 -2.45 -3.93
N ILE A 30 1.16 -2.01 -2.71
CA ILE A 30 0.03 -2.47 -1.92
C ILE A 30 -0.96 -1.34 -1.76
N ILE A 31 -2.09 -1.46 -2.42
CA ILE A 31 -3.09 -0.40 -2.42
C ILE A 31 -4.28 -0.77 -1.56
N MET A 32 -4.46 -0.06 -0.46
CA MET A 32 -5.63 -0.25 0.36
C MET A 32 -6.55 0.95 0.24
N PHE A 33 -7.75 0.69 -0.22
CA PHE A 33 -8.74 1.74 -0.41
C PHE A 33 -9.35 2.11 0.93
N LYS A 34 -9.29 3.39 1.24
CA LYS A 34 -9.68 3.86 2.56
C LYS A 34 -10.89 4.79 2.43
N THR A 35 -11.28 5.40 3.54
CA THR A 35 -12.41 6.30 3.54
C THR A 35 -12.18 7.44 4.50
N ASP A 36 -12.84 8.54 4.23
CA ASP A 36 -12.84 9.71 5.10
C ASP A 36 -13.10 9.32 6.56
N THR A 37 -14.16 8.57 6.80
CA THR A 37 -14.48 8.12 8.15
C THR A 37 -14.42 6.58 8.26
N CYS A 38 -13.30 6.07 8.76
CA CYS A 38 -13.18 4.65 9.09
C CYS A 38 -11.90 4.38 9.89
N PRO A 39 -12.02 3.98 11.17
CA PRO A 39 -10.87 3.79 12.04
C PRO A 39 -10.17 2.45 11.84
N TYR A 40 -10.73 1.59 10.98
CA TYR A 40 -10.14 0.28 10.75
C TYR A 40 -8.89 0.39 9.89
N CYS A 41 -8.78 1.49 9.15
CA CYS A 41 -7.63 1.71 8.28
C CYS A 41 -6.37 1.95 9.12
N VAL A 42 -6.49 2.75 10.17
CA VAL A 42 -5.34 3.08 11.01
C VAL A 42 -4.84 1.83 11.74
N GLU A 43 -5.75 0.90 12.01
CA GLU A 43 -5.39 -0.36 12.65
C GLU A 43 -4.48 -1.16 11.73
N MET A 44 -4.90 -1.28 10.47
CA MET A 44 -4.10 -1.99 9.49
C MET A 44 -2.82 -1.21 9.20
N GLN A 45 -2.89 0.12 9.33
CA GLN A 45 -1.71 0.97 9.22
C GLN A 45 -0.65 0.54 10.21
N LYS A 46 -1.08 0.20 11.42
CA LYS A 46 -0.17 -0.28 12.45
C LYS A 46 0.54 -1.53 11.99
N GLU A 47 -0.25 -2.51 11.57
CA GLU A 47 0.26 -3.80 11.15
C GLU A 47 1.17 -3.65 9.93
N LEU A 48 0.78 -2.81 9.00
CA LEU A 48 1.59 -2.47 7.85
C LEU A 48 2.89 -1.80 8.29
N SER A 49 2.78 -0.88 9.25
CA SER A 49 3.92 -0.14 9.77
C SER A 49 5.04 -1.08 10.23
N TYR A 50 4.66 -2.13 10.95
CA TYR A 50 5.64 -3.09 11.45
C TYR A 50 6.31 -3.79 10.27
N VAL A 51 5.53 -4.51 9.48
CA VAL A 51 6.07 -5.30 8.37
C VAL A 51 6.89 -4.43 7.41
N SER A 52 6.48 -3.17 7.27
CA SER A 52 7.18 -2.22 6.43
C SER A 52 8.57 -1.89 6.97
N LYS A 53 8.72 -1.94 8.29
CA LYS A 53 10.01 -1.67 8.91
C LYS A 53 10.89 -2.93 8.91
N GLU A 54 10.27 -4.09 8.99
CA GLU A 54 10.99 -5.36 8.86
C GLU A 54 11.45 -5.58 7.41
N ARG A 55 10.88 -4.82 6.50
CA ARG A 55 11.28 -4.83 5.11
C ARG A 55 11.22 -3.41 4.58
N GLU A 56 12.23 -2.63 4.94
CA GLU A 56 12.18 -1.18 4.88
C GLU A 56 11.89 -0.64 3.47
N GLY A 57 10.73 0.01 3.36
CA GLY A 57 10.36 0.72 2.14
C GLY A 57 10.48 -0.11 0.88
N LYS A 58 10.24 -1.42 0.96
CA LYS A 58 10.41 -2.29 -0.20
C LYS A 58 9.07 -2.78 -0.71
N PHE A 59 8.03 -2.12 -0.25
CA PHE A 59 6.69 -2.24 -0.82
C PHE A 59 5.89 -1.02 -0.41
N ASN A 60 5.58 -0.18 -1.38
CA ASN A 60 4.91 1.09 -1.06
C ASN A 60 3.44 0.85 -0.77
N ILE A 61 2.98 1.41 0.33
CA ILE A 61 1.60 1.26 0.72
C ILE A 61 0.82 2.48 0.28
N TYR A 62 -0.01 2.31 -0.72
CA TYR A 62 -0.84 3.38 -1.24
C TYR A 62 -2.22 3.32 -0.60
N TYR A 63 -2.50 4.29 0.24
CA TYR A 63 -3.80 4.39 0.89
C TYR A 63 -4.72 5.22 0.03
N ALA A 64 -5.61 4.57 -0.70
CA ALA A 64 -6.45 5.25 -1.68
C ALA A 64 -7.61 5.96 -1.00
N ARG A 65 -7.50 7.28 -0.89
CA ARG A 65 -8.55 8.09 -0.28
C ARG A 65 -9.81 8.12 -1.13
N LEU A 66 -10.94 7.73 -0.57
CA LEU A 66 -12.20 7.77 -1.30
C LEU A 66 -12.75 9.19 -1.31
N GLU A 67 -11.95 10.13 -0.82
CA GLU A 67 -12.39 11.49 -0.61
C GLU A 67 -12.30 12.34 -1.89
N GLU A 68 -11.36 11.99 -2.78
CA GLU A 68 -11.08 12.87 -3.92
C GLU A 68 -11.34 12.20 -5.27
N GLU A 69 -11.05 12.94 -6.34
CA GLU A 69 -11.43 12.57 -7.69
C GLU A 69 -10.42 11.62 -8.36
N LYS A 70 -9.14 11.81 -8.09
CA LYS A 70 -8.09 10.97 -8.70
C LYS A 70 -8.34 9.50 -8.37
N ASN A 71 -8.94 9.27 -7.22
CA ASN A 71 -9.13 7.94 -6.70
C ASN A 71 -10.35 7.29 -7.32
N ILE A 72 -11.17 8.08 -8.01
CA ILE A 72 -12.33 7.54 -8.70
C ILE A 72 -11.86 6.67 -9.86
N ASP A 73 -10.88 7.18 -10.59
CA ASP A 73 -10.28 6.42 -11.69
C ASP A 73 -9.51 5.23 -11.16
N LEU A 74 -8.69 5.47 -10.14
CA LEU A 74 -7.88 4.41 -9.54
C LEU A 74 -8.77 3.30 -8.99
N ALA A 75 -9.82 3.68 -8.26
CA ALA A 75 -10.74 2.70 -7.68
C ALA A 75 -11.40 1.88 -8.77
N TYR A 76 -11.83 2.55 -9.83
CA TYR A 76 -12.48 1.86 -10.96
C TYR A 76 -11.52 0.88 -11.62
N LYS A 77 -10.25 1.24 -11.65
CA LYS A 77 -9.20 0.37 -12.20
C LYS A 77 -9.10 -0.95 -11.42
N TYR A 78 -9.69 -0.97 -10.24
CA TYR A 78 -9.67 -2.16 -9.40
C TYR A 78 -11.10 -2.57 -9.04
N ASP A 79 -12.06 -1.85 -9.60
CA ASP A 79 -13.49 -2.04 -9.29
C ASP A 79 -13.73 -1.91 -7.78
N ALA A 80 -12.94 -1.06 -7.14
CA ALA A 80 -13.00 -0.90 -5.71
C ALA A 80 -14.13 0.04 -5.31
N ASN A 81 -15.31 -0.51 -5.19
CA ASN A 81 -16.47 0.25 -4.76
C ASN A 81 -16.78 -0.07 -3.30
N ILE A 82 -15.93 -0.86 -2.70
CA ILE A 82 -16.11 -1.30 -1.32
C ILE A 82 -14.85 -1.03 -0.50
N VAL A 83 -15.05 -0.61 0.74
CA VAL A 83 -13.94 -0.26 1.63
C VAL A 83 -14.07 -0.99 2.96
N PRO A 84 -12.94 -1.41 3.55
CA PRO A 84 -11.61 -1.22 2.97
C PRO A 84 -11.18 -2.42 2.14
N THR A 85 -10.61 -2.15 0.98
CA THR A 85 -10.13 -3.21 0.12
C THR A 85 -8.62 -3.10 -0.09
N THR A 86 -7.92 -4.19 0.14
CA THR A 86 -6.48 -4.23 -0.02
C THR A 86 -6.10 -5.06 -1.23
N VAL A 87 -5.46 -4.43 -2.20
CA VAL A 87 -4.98 -5.12 -3.38
C VAL A 87 -3.46 -5.24 -3.36
N PHE A 88 -2.97 -6.42 -3.68
CA PHE A 88 -1.55 -6.70 -3.65
C PHE A 88 -1.01 -6.88 -5.05
N LEU A 89 -0.14 -5.96 -5.46
CA LEU A 89 0.50 -6.02 -6.76
C LEU A 89 2.00 -6.15 -6.58
N ASP A 90 2.65 -6.93 -7.44
CA ASP A 90 4.11 -6.96 -7.46
C ASP A 90 4.59 -5.74 -8.24
N LYS A 91 5.89 -5.57 -8.37
CA LYS A 91 6.43 -4.40 -9.05
C LYS A 91 6.25 -4.52 -10.56
N GLU A 92 5.92 -5.73 -11.02
CA GLU A 92 5.58 -5.96 -12.42
C GLU A 92 4.21 -5.33 -12.75
N GLY A 93 3.48 -4.95 -11.71
CA GLY A 93 2.16 -4.38 -11.91
C GLY A 93 1.08 -5.44 -11.91
N ASN A 94 1.44 -6.65 -11.51
CA ASN A 94 0.50 -7.76 -11.49
C ASN A 94 -0.42 -7.69 -10.29
N LYS A 95 -1.70 -7.48 -10.54
CA LYS A 95 -2.73 -7.54 -9.51
C LYS A 95 -2.94 -8.99 -9.09
N PHE A 96 -2.26 -9.40 -8.03
CA PHE A 96 -2.29 -10.80 -7.62
C PHE A 96 -3.47 -11.10 -6.71
N TYR A 97 -3.59 -10.36 -5.63
CA TYR A 97 -4.60 -10.69 -4.63
C TYR A 97 -5.37 -9.47 -4.19
N VAL A 98 -6.64 -9.69 -3.82
CA VAL A 98 -7.47 -8.64 -3.27
C VAL A 98 -8.13 -9.14 -1.97
N HIS A 99 -8.33 -8.25 -1.02
CA HIS A 99 -8.92 -8.61 0.26
C HIS A 99 -9.89 -7.54 0.70
N GLN A 100 -11.02 -7.97 1.25
CA GLN A 100 -12.00 -7.05 1.80
C GLN A 100 -11.93 -7.08 3.32
N GLY A 101 -11.70 -5.93 3.92
CA GLY A 101 -11.70 -5.83 5.38
C GLY A 101 -10.30 -5.81 5.96
N LEU A 102 -10.22 -6.11 7.25
CA LEU A 102 -8.98 -6.01 8.01
C LEU A 102 -8.19 -7.33 7.96
N MET A 103 -6.91 -7.26 8.33
CA MET A 103 -6.06 -8.44 8.45
C MET A 103 -5.01 -8.22 9.53
N ARG A 104 -4.28 -9.28 9.84
CA ARG A 104 -3.15 -9.18 10.74
C ARG A 104 -1.86 -9.16 9.92
N LYS A 105 -0.76 -8.74 10.53
CA LYS A 105 0.51 -8.63 9.81
C LYS A 105 0.90 -9.96 9.16
N ASN A 106 0.70 -11.07 9.88
CA ASN A 106 1.07 -12.39 9.36
C ASN A 106 0.28 -12.74 8.10
N ASN A 107 -0.93 -12.23 8.01
CA ASN A 107 -1.74 -12.44 6.81
C ASN A 107 -1.11 -11.70 5.64
N ILE A 108 -0.73 -10.45 5.91
CA ILE A 108 0.00 -9.64 4.93
C ILE A 108 1.30 -10.35 4.55
N GLU A 109 2.03 -10.80 5.57
CA GLU A 109 3.27 -11.56 5.41
C GLU A 109 3.07 -12.73 4.45
N THR A 110 2.03 -13.51 4.69
CA THR A 110 1.74 -14.68 3.88
C THR A 110 1.37 -14.29 2.45
N ILE A 111 0.60 -13.22 2.30
CA ILE A 111 0.20 -12.76 0.98
C ILE A 111 1.39 -12.24 0.19
N LEU A 112 2.28 -11.51 0.86
CA LEU A 112 3.50 -11.01 0.23
C LEU A 112 4.33 -12.18 -0.27
N ASN A 113 4.37 -13.24 0.53
CA ASN A 113 5.10 -14.45 0.19
C ASN A 113 4.55 -15.08 -1.09
N SER A 114 3.24 -15.01 -1.27
CA SER A 114 2.60 -15.57 -2.46
C SER A 114 2.62 -14.59 -3.62
N LEU A 115 2.86 -13.32 -3.32
CA LEU A 115 2.92 -12.29 -4.34
C LEU A 115 4.26 -12.34 -5.07
N GLY A 116 5.27 -11.74 -4.45
CA GLY A 116 6.62 -11.81 -4.97
C GLY A 116 7.52 -10.88 -4.21
N VAL A 117 7.13 -9.61 -4.16
CA VAL A 117 7.84 -8.58 -3.41
C VAL A 117 9.33 -8.58 -3.71
N LYS A 118 9.68 -8.01 -4.86
CA LYS A 118 11.06 -8.03 -5.32
C LYS A 118 11.58 -6.62 -5.48
N GLU A 119 12.83 -6.39 -5.09
CA GLU A 119 13.45 -5.09 -5.29
C GLU A 119 13.99 -4.96 -6.71
N GLY A 120 13.18 -4.34 -7.57
CA GLY A 120 13.54 -4.18 -8.96
C GLY A 120 13.66 -5.51 -9.69
N HIS A 121 14.35 -5.49 -10.81
CA HIS A 121 14.66 -6.73 -11.52
C HIS A 121 16.11 -7.07 -11.28
N HIS A 122 16.33 -7.95 -10.31
CA HIS A 122 17.67 -8.22 -9.78
C HIS A 122 18.53 -8.99 -10.78
N HIS A 123 17.94 -9.38 -11.89
CA HIS A 123 18.68 -10.03 -12.96
C HIS A 123 18.10 -9.62 -14.31
N HIS A 124 18.67 -8.59 -14.90
CA HIS A 124 18.21 -8.09 -16.19
C HIS A 124 19.07 -8.65 -17.32
N HIS A 125 18.55 -8.57 -18.54
CA HIS A 125 19.32 -8.95 -19.71
C HIS A 125 20.41 -7.91 -19.94
N HIS A 126 21.62 -8.38 -20.22
CA HIS A 126 22.69 -7.48 -20.60
C HIS A 126 22.71 -7.34 -22.11
N MET A 1 5.93 24.20 9.88
CA MET A 1 5.50 25.62 10.00
C MET A 1 4.04 25.69 10.40
N SER A 2 3.17 25.41 9.45
CA SER A 2 1.73 25.46 9.64
C SER A 2 1.06 24.99 8.36
N LEU A 3 0.27 23.92 8.47
CA LEU A 3 -0.30 23.25 7.29
C LEU A 3 0.83 22.81 6.36
N GLU A 4 1.47 21.72 6.73
CA GLU A 4 2.65 21.26 6.04
C GLU A 4 2.31 20.61 4.70
N GLY A 5 2.48 21.34 3.62
CA GLY A 5 2.30 20.78 2.30
C GLY A 5 3.54 20.02 1.85
N ILE A 6 3.95 19.07 2.67
CA ILE A 6 5.18 18.33 2.43
C ILE A 6 5.15 17.00 3.20
N LYS A 7 6.25 16.26 3.19
CA LYS A 7 6.34 14.93 3.79
C LYS A 7 6.30 14.95 5.32
N GLN A 8 5.65 15.95 5.91
CA GLN A 8 5.55 16.04 7.36
C GLN A 8 4.39 15.20 7.87
N ILE A 9 3.67 14.63 6.93
CA ILE A 9 2.56 13.74 7.25
C ILE A 9 3.06 12.30 7.26
N ASN A 10 4.03 12.03 6.41
CA ASN A 10 4.56 10.69 6.24
C ASN A 10 5.76 10.49 7.16
N PHE A 11 5.46 10.28 8.42
CA PHE A 11 6.47 10.00 9.44
C PHE A 11 6.12 8.67 10.10
N GLN A 12 4.86 8.56 10.50
CA GLN A 12 4.28 7.26 10.79
C GLN A 12 3.87 6.65 9.47
N SER A 13 3.78 5.33 9.39
CA SER A 13 3.61 4.65 8.12
C SER A 13 4.88 4.82 7.28
N ILE A 14 5.82 3.91 7.46
CA ILE A 14 7.08 3.93 6.71
C ILE A 14 6.99 2.95 5.54
N ASN A 15 7.65 3.29 4.43
CA ASN A 15 7.57 2.53 3.17
C ASN A 15 6.24 2.81 2.48
N VAL A 16 5.55 3.84 2.93
CA VAL A 16 4.24 4.16 2.41
C VAL A 16 4.29 5.39 1.52
N VAL A 17 3.32 5.53 0.64
CA VAL A 17 3.29 6.64 -0.30
C VAL A 17 1.91 7.31 -0.27
N GLU A 18 1.92 8.61 -0.53
CA GLU A 18 0.71 9.43 -0.45
C GLU A 18 -0.31 8.97 -1.49
N ASN A 19 0.14 8.97 -2.74
CA ASN A 19 -0.71 8.57 -3.84
C ASN A 19 0.16 8.16 -5.02
N LEU A 20 -0.45 7.71 -6.12
CA LEU A 20 0.31 7.27 -7.29
C LEU A 20 1.22 8.36 -7.85
N GLU A 21 0.79 9.60 -7.70
CA GLU A 21 1.58 10.75 -8.15
C GLU A 21 2.96 10.75 -7.51
N GLU A 22 3.01 10.34 -6.25
CA GLU A 22 4.26 10.30 -5.50
C GLU A 22 4.96 8.95 -5.67
N ALA A 23 4.30 8.02 -6.36
CA ALA A 23 4.79 6.65 -6.46
C ALA A 23 5.80 6.46 -7.59
N LYS A 24 6.52 5.36 -7.52
CA LYS A 24 7.53 4.95 -8.50
C LYS A 24 7.90 3.51 -8.22
N GLU A 25 7.19 2.62 -8.87
CA GLU A 25 7.13 1.26 -8.38
C GLU A 25 7.99 0.29 -9.18
N GLY A 26 9.08 -0.13 -8.56
CA GLY A 26 9.76 -1.35 -8.96
C GLY A 26 9.69 -2.31 -7.81
N ILE A 27 8.86 -1.94 -6.87
CA ILE A 27 8.66 -2.66 -5.63
C ILE A 27 7.20 -3.03 -5.52
N PRO A 28 6.87 -4.12 -4.80
CA PRO A 28 5.47 -4.52 -4.62
C PRO A 28 4.63 -3.41 -4.03
N THR A 29 3.57 -3.05 -4.75
CA THR A 29 2.73 -1.95 -4.35
C THR A 29 1.47 -2.46 -3.65
N ILE A 30 1.34 -2.11 -2.38
CA ILE A 30 0.16 -2.47 -1.62
C ILE A 30 -0.78 -1.28 -1.58
N ILE A 31 -1.88 -1.40 -2.31
CA ILE A 31 -2.83 -0.31 -2.41
C ILE A 31 -4.10 -0.65 -1.64
N MET A 32 -4.34 0.06 -0.54
CA MET A 32 -5.57 -0.15 0.19
C MET A 32 -6.39 1.13 0.20
N PHE A 33 -7.69 0.95 0.11
CA PHE A 33 -8.61 2.07 -0.01
C PHE A 33 -9.27 2.37 1.31
N LYS A 34 -9.50 3.64 1.58
CA LYS A 34 -10.18 4.05 2.79
C LYS A 34 -11.18 5.17 2.48
N THR A 35 -12.36 5.05 3.04
CA THR A 35 -13.33 6.12 2.97
C THR A 35 -13.01 7.15 4.05
N ASP A 36 -13.56 8.35 3.89
CA ASP A 36 -13.32 9.43 4.85
C ASP A 36 -13.58 8.97 6.28
N THR A 37 -14.73 8.35 6.52
CA THR A 37 -15.09 7.91 7.85
C THR A 37 -15.03 6.38 7.97
N CYS A 38 -13.90 5.85 8.45
CA CYS A 38 -13.77 4.41 8.66
C CYS A 38 -12.55 4.09 9.54
N PRO A 39 -12.74 3.25 10.57
CA PRO A 39 -11.64 2.82 11.45
C PRO A 39 -10.77 1.75 10.82
N TYR A 40 -11.30 1.06 9.81
CA TYR A 40 -10.58 -0.03 9.15
C TYR A 40 -9.27 0.48 8.56
N CYS A 41 -9.21 1.77 8.29
CA CYS A 41 -8.02 2.40 7.75
C CYS A 41 -6.87 2.31 8.74
N VAL A 42 -7.13 2.71 9.99
CA VAL A 42 -6.08 2.79 11.00
C VAL A 42 -5.58 1.39 11.38
N GLU A 43 -6.47 0.41 11.35
CA GLU A 43 -6.09 -0.97 11.67
C GLU A 43 -5.13 -1.51 10.63
N MET A 44 -5.49 -1.36 9.37
CA MET A 44 -4.68 -1.89 8.28
C MET A 44 -3.33 -1.17 8.25
N GLN A 45 -3.34 0.13 8.55
CA GLN A 45 -2.11 0.91 8.63
C GLN A 45 -1.18 0.36 9.70
N LYS A 46 -1.73 0.05 10.87
CA LYS A 46 -0.94 -0.50 11.98
C LYS A 46 -0.21 -1.75 11.55
N GLU A 47 -0.98 -2.69 11.02
CA GLU A 47 -0.46 -4.01 10.67
C GLU A 47 0.60 -3.86 9.58
N LEU A 48 0.32 -3.03 8.59
CA LEU A 48 1.26 -2.72 7.52
C LEU A 48 2.53 -2.09 8.10
N SER A 49 2.35 -1.18 9.04
CA SER A 49 3.46 -0.51 9.70
C SER A 49 4.37 -1.52 10.39
N TYR A 50 3.77 -2.52 11.03
CA TYR A 50 4.54 -3.55 11.74
C TYR A 50 5.48 -4.28 10.78
N VAL A 51 4.93 -4.73 9.65
CA VAL A 51 5.73 -5.45 8.65
C VAL A 51 6.87 -4.59 8.14
N SER A 52 6.57 -3.33 7.88
CA SER A 52 7.52 -2.40 7.29
C SER A 52 8.74 -2.17 8.19
N LYS A 53 8.54 -2.25 9.51
CA LYS A 53 9.65 -2.05 10.46
C LYS A 53 10.77 -3.04 10.17
N GLU A 54 10.38 -4.25 9.81
CA GLU A 54 11.32 -5.35 9.66
C GLU A 54 11.77 -5.49 8.21
N ARG A 55 11.32 -4.60 7.35
CA ARG A 55 11.73 -4.62 5.96
C ARG A 55 11.57 -3.25 5.29
N GLU A 56 12.59 -2.42 5.45
CA GLU A 56 12.58 -1.07 4.91
C GLU A 56 12.87 -1.09 3.40
N GLY A 57 12.02 -0.43 2.64
CA GLY A 57 12.19 -0.39 1.20
C GLY A 57 12.05 -1.76 0.55
N LYS A 58 11.08 -2.54 1.01
CA LYS A 58 10.84 -3.86 0.44
C LYS A 58 9.55 -3.85 -0.37
N PHE A 59 8.65 -2.97 0.02
CA PHE A 59 7.40 -2.78 -0.68
C PHE A 59 6.85 -1.40 -0.36
N ASN A 60 6.04 -0.86 -1.26
CA ASN A 60 5.49 0.48 -1.08
C ASN A 60 4.00 0.40 -0.76
N ILE A 61 3.57 1.14 0.23
CA ILE A 61 2.18 1.14 0.66
C ILE A 61 1.47 2.40 0.22
N TYR A 62 0.59 2.29 -0.74
CA TYR A 62 -0.15 3.43 -1.25
C TYR A 62 -1.52 3.50 -0.58
N TYR A 63 -1.78 4.59 0.11
CA TYR A 63 -3.07 4.78 0.76
C TYR A 63 -4.02 5.56 -0.14
N ALA A 64 -4.96 4.86 -0.76
CA ALA A 64 -5.90 5.50 -1.66
C ALA A 64 -7.13 5.98 -0.89
N ARG A 65 -7.17 7.27 -0.61
CA ARG A 65 -8.31 7.85 0.09
C ARG A 65 -9.35 8.37 -0.89
N LEU A 66 -10.60 8.02 -0.66
CA LEU A 66 -11.71 8.45 -1.51
C LEU A 66 -12.07 9.91 -1.23
N GLU A 67 -11.22 10.56 -0.47
CA GLU A 67 -11.39 11.96 -0.10
C GLU A 67 -10.97 12.85 -1.27
N GLU A 68 -10.14 12.30 -2.13
CA GLU A 68 -9.67 13.00 -3.31
C GLU A 68 -10.27 12.38 -4.56
N GLU A 69 -10.64 13.23 -5.51
CA GLU A 69 -11.34 12.83 -6.73
C GLU A 69 -10.54 11.81 -7.56
N LYS A 70 -9.21 11.96 -7.57
CA LYS A 70 -8.36 11.07 -8.37
C LYS A 70 -8.53 9.61 -7.96
N ASN A 71 -8.90 9.38 -6.71
CA ASN A 71 -9.00 8.03 -6.18
C ASN A 71 -10.40 7.50 -6.33
N ILE A 72 -11.27 8.28 -6.95
CA ILE A 72 -12.59 7.81 -7.34
C ILE A 72 -12.43 6.83 -8.50
N ASP A 73 -11.72 7.30 -9.53
CA ASP A 73 -11.35 6.47 -10.67
C ASP A 73 -10.44 5.33 -10.21
N LEU A 74 -9.46 5.70 -9.38
CA LEU A 74 -8.51 4.74 -8.85
C LEU A 74 -9.24 3.61 -8.12
N ALA A 75 -10.24 3.97 -7.32
CA ALA A 75 -11.02 2.99 -6.57
C ALA A 75 -11.63 1.94 -7.49
N TYR A 76 -12.40 2.38 -8.46
CA TYR A 76 -13.10 1.45 -9.34
C TYR A 76 -12.12 0.72 -10.27
N LYS A 77 -11.06 1.40 -10.67
CA LYS A 77 -10.05 0.81 -11.53
C LYS A 77 -9.29 -0.30 -10.80
N TYR A 78 -9.41 -0.31 -9.48
CA TYR A 78 -8.80 -1.35 -8.67
C TYR A 78 -9.85 -2.14 -7.90
N ASP A 79 -11.09 -2.12 -8.41
CA ASP A 79 -12.14 -3.04 -7.97
C ASP A 79 -12.68 -2.68 -6.59
N ALA A 80 -12.31 -1.52 -6.10
CA ALA A 80 -12.72 -1.09 -4.77
C ALA A 80 -14.12 -0.50 -4.81
N ASN A 81 -15.10 -1.35 -4.53
CA ASN A 81 -16.48 -0.91 -4.42
C ASN A 81 -16.88 -0.79 -2.94
N ILE A 82 -16.03 -1.35 -2.09
CA ILE A 82 -16.22 -1.30 -0.65
C ILE A 82 -14.90 -0.98 0.04
N VAL A 83 -14.92 -0.92 1.36
CA VAL A 83 -13.71 -0.65 2.12
C VAL A 83 -13.62 -1.54 3.35
N PRO A 84 -12.39 -1.94 3.71
CA PRO A 84 -11.19 -1.60 2.98
C PRO A 84 -10.79 -2.67 1.96
N THR A 85 -10.73 -2.29 0.70
CA THR A 85 -10.25 -3.19 -0.33
C THR A 85 -8.76 -2.99 -0.51
N THR A 86 -8.01 -4.06 -0.37
CA THR A 86 -6.57 -3.99 -0.51
C THR A 86 -6.12 -4.79 -1.73
N VAL A 87 -5.55 -4.11 -2.69
CA VAL A 87 -5.03 -4.76 -3.88
C VAL A 87 -3.52 -4.92 -3.78
N PHE A 88 -3.07 -6.15 -3.90
CA PHE A 88 -1.66 -6.47 -3.79
C PHE A 88 -1.03 -6.63 -5.16
N LEU A 89 -0.18 -5.67 -5.50
CA LEU A 89 0.58 -5.70 -6.72
C LEU A 89 2.03 -6.01 -6.38
N ASP A 90 2.71 -6.77 -7.20
CA ASP A 90 4.13 -7.02 -6.97
C ASP A 90 4.96 -5.91 -7.64
N LYS A 91 6.26 -6.15 -7.78
CA LYS A 91 7.22 -5.13 -8.18
C LYS A 91 6.84 -4.40 -9.47
N GLU A 92 6.23 -5.09 -10.42
CA GLU A 92 5.95 -4.49 -11.71
C GLU A 92 4.46 -4.19 -11.89
N GLY A 93 3.73 -4.15 -10.78
CA GLY A 93 2.35 -3.71 -10.81
C GLY A 93 1.37 -4.80 -11.17
N ASN A 94 1.74 -6.06 -10.94
CA ASN A 94 0.82 -7.16 -11.18
C ASN A 94 -0.19 -7.26 -10.05
N LYS A 95 -1.46 -6.99 -10.36
CA LYS A 95 -2.55 -7.19 -9.42
C LYS A 95 -2.74 -8.69 -9.18
N PHE A 96 -1.97 -9.22 -8.24
CA PHE A 96 -1.95 -10.66 -8.01
C PHE A 96 -3.07 -11.08 -7.08
N TYR A 97 -3.27 -10.34 -6.00
CA TYR A 97 -4.27 -10.72 -5.01
C TYR A 97 -5.01 -9.51 -4.48
N VAL A 98 -6.33 -9.57 -4.49
CA VAL A 98 -7.13 -8.54 -3.87
C VAL A 98 -7.76 -9.09 -2.60
N HIS A 99 -7.96 -8.24 -1.61
CA HIS A 99 -8.49 -8.67 -0.34
C HIS A 99 -9.53 -7.67 0.11
N GLN A 100 -10.71 -8.15 0.46
CA GLN A 100 -11.76 -7.29 0.97
C GLN A 100 -11.80 -7.38 2.49
N GLY A 101 -11.61 -6.24 3.14
CA GLY A 101 -11.54 -6.22 4.58
C GLY A 101 -10.11 -6.12 5.05
N LEU A 102 -9.90 -5.81 6.32
CA LEU A 102 -8.55 -5.69 6.85
C LEU A 102 -8.10 -7.02 7.44
N MET A 103 -6.82 -7.11 7.75
CA MET A 103 -6.23 -8.31 8.29
C MET A 103 -4.96 -7.93 9.04
N ARG A 104 -4.41 -8.85 9.82
CA ARG A 104 -3.32 -8.50 10.71
C ARG A 104 -1.97 -8.70 10.03
N LYS A 105 -0.90 -8.28 10.71
CA LYS A 105 0.47 -8.33 10.18
C LYS A 105 0.80 -9.67 9.52
N ASN A 106 0.62 -10.76 10.26
CA ASN A 106 0.99 -12.09 9.79
C ASN A 106 0.24 -12.45 8.51
N ASN A 107 -1.00 -12.00 8.40
CA ASN A 107 -1.81 -12.30 7.23
C ASN A 107 -1.27 -11.56 6.02
N ILE A 108 -1.04 -10.26 6.19
CA ILE A 108 -0.52 -9.42 5.14
C ILE A 108 0.84 -9.93 4.69
N GLU A 109 1.69 -10.16 5.69
CA GLU A 109 3.09 -10.52 5.47
C GLU A 109 3.20 -11.78 4.61
N THR A 110 2.42 -12.80 4.96
CA THR A 110 2.41 -14.05 4.20
C THR A 110 1.97 -13.79 2.76
N ILE A 111 1.12 -12.78 2.57
CA ILE A 111 0.64 -12.44 1.25
C ILE A 111 1.73 -11.76 0.40
N LEU A 112 2.62 -10.96 1.01
CA LEU A 112 3.77 -10.43 0.25
C LEU A 112 4.63 -11.58 -0.23
N ASN A 113 4.77 -12.58 0.63
CA ASN A 113 5.52 -13.79 0.32
C ASN A 113 4.85 -14.54 -0.83
N SER A 114 3.54 -14.38 -0.96
CA SER A 114 2.78 -15.01 -2.03
C SER A 114 2.81 -14.15 -3.30
N LEU A 115 3.24 -12.90 -3.16
CA LEU A 115 3.38 -12.01 -4.31
C LEU A 115 4.74 -12.22 -4.96
N GLY A 116 5.76 -11.72 -4.29
CA GLY A 116 7.11 -11.90 -4.75
C GLY A 116 8.08 -11.12 -3.92
N VAL A 117 7.91 -9.79 -3.88
CA VAL A 117 8.82 -8.90 -3.18
C VAL A 117 10.24 -9.20 -3.67
N LYS A 118 10.32 -9.38 -4.98
CA LYS A 118 11.49 -9.98 -5.61
C LYS A 118 12.50 -8.93 -6.08
N GLU A 119 12.35 -7.71 -5.62
CA GLU A 119 13.21 -6.63 -6.05
C GLU A 119 14.51 -6.61 -5.24
N GLY A 120 14.42 -7.04 -3.99
CA GLY A 120 15.56 -6.98 -3.08
C GLY A 120 16.62 -8.03 -3.36
N HIS A 121 16.68 -8.50 -4.61
CA HIS A 121 17.69 -9.45 -5.04
C HIS A 121 18.03 -9.25 -6.50
N HIS A 122 17.76 -8.05 -7.01
CA HIS A 122 18.06 -7.74 -8.41
C HIS A 122 19.29 -6.85 -8.52
N HIS A 123 20.02 -6.72 -7.43
CA HIS A 123 21.23 -5.92 -7.42
C HIS A 123 22.37 -6.67 -8.11
N HIS A 124 22.52 -6.42 -9.40
CA HIS A 124 23.56 -7.07 -10.20
C HIS A 124 24.94 -6.78 -9.62
N HIS A 125 25.74 -7.83 -9.49
CA HIS A 125 27.12 -7.68 -9.01
C HIS A 125 28.08 -8.32 -10.00
N HIS A 126 27.88 -9.62 -10.24
CA HIS A 126 28.62 -10.32 -11.29
C HIS A 126 27.97 -10.06 -12.65
N MET A 1 12.03 12.82 10.20
CA MET A 1 12.47 13.23 11.56
C MET A 1 12.59 14.75 11.66
N SER A 2 13.66 15.29 11.09
CA SER A 2 13.85 16.74 11.08
C SER A 2 12.85 17.39 10.12
N LEU A 3 12.86 16.94 8.88
CA LEU A 3 11.90 17.41 7.90
C LEU A 3 10.73 16.45 7.85
N GLU A 4 9.67 16.78 8.61
CA GLU A 4 8.47 15.94 8.70
C GLU A 4 8.81 14.57 9.26
N GLY A 5 7.87 13.65 9.13
CA GLY A 5 8.13 12.27 9.46
C GLY A 5 9.16 11.68 8.54
N ILE A 6 9.00 11.95 7.24
CA ILE A 6 9.89 11.41 6.22
C ILE A 6 10.29 12.46 5.20
N LYS A 7 9.34 13.30 4.80
CA LYS A 7 9.54 14.28 3.75
C LYS A 7 8.48 15.37 3.85
N GLN A 8 7.25 15.02 3.51
CA GLN A 8 6.12 15.91 3.70
C GLN A 8 4.96 15.10 4.29
N ILE A 9 5.29 13.88 4.66
CA ILE A 9 4.33 12.95 5.24
C ILE A 9 4.90 12.46 6.57
N ASN A 10 4.03 11.98 7.45
CA ASN A 10 4.44 11.55 8.78
C ASN A 10 5.22 10.23 8.72
N PHE A 11 5.61 9.75 9.90
CA PHE A 11 6.46 8.56 9.99
C PHE A 11 5.62 7.30 10.25
N GLN A 12 6.22 6.33 10.97
CA GLN A 12 5.60 5.03 11.25
C GLN A 12 5.68 4.10 10.03
N SER A 13 5.02 4.50 8.97
CA SER A 13 4.99 3.69 7.75
C SER A 13 6.31 3.81 6.99
N ILE A 14 6.91 5.01 7.05
CA ILE A 14 8.16 5.32 6.37
C ILE A 14 7.96 5.35 4.86
N ASN A 15 7.70 4.20 4.26
CA ASN A 15 7.38 4.13 2.84
C ASN A 15 5.88 4.34 2.63
N VAL A 16 5.41 5.50 3.06
CA VAL A 16 4.02 5.89 2.89
C VAL A 16 3.89 6.82 1.69
N VAL A 17 2.96 6.48 0.80
CA VAL A 17 2.83 7.19 -0.46
C VAL A 17 1.42 7.74 -0.68
N GLU A 18 1.39 8.95 -1.27
CA GLU A 18 0.18 9.71 -1.52
C GLU A 18 -0.61 9.18 -2.71
N ASN A 19 0.10 8.71 -3.73
CA ASN A 19 -0.55 8.22 -4.94
C ASN A 19 0.48 7.57 -5.87
N LEU A 20 0.03 7.09 -7.03
CA LEU A 20 0.89 6.36 -7.96
C LEU A 20 2.09 7.18 -8.45
N GLU A 21 1.95 8.51 -8.53
CA GLU A 21 3.05 9.34 -9.03
C GLU A 21 4.11 9.55 -7.95
N GLU A 22 3.68 9.58 -6.68
CA GLU A 22 4.61 9.58 -5.54
C GLU A 22 5.24 8.19 -5.40
N ALA A 23 4.69 7.22 -6.12
CA ALA A 23 5.14 5.84 -6.03
C ALA A 23 6.16 5.52 -7.14
N LYS A 24 6.76 4.34 -7.05
CA LYS A 24 7.72 3.89 -8.04
C LYS A 24 7.46 2.45 -8.43
N GLU A 25 8.10 2.04 -9.52
CA GLU A 25 8.14 0.65 -9.91
C GLU A 25 9.29 -0.07 -9.21
N GLY A 26 9.37 -1.38 -9.41
CA GLY A 26 10.41 -2.17 -8.80
C GLY A 26 9.94 -2.79 -7.49
N ILE A 27 9.58 -1.94 -6.54
CA ILE A 27 9.07 -2.43 -5.27
C ILE A 27 7.56 -2.64 -5.35
N PRO A 28 7.09 -3.83 -4.98
CA PRO A 28 5.66 -4.13 -4.96
C PRO A 28 4.91 -3.15 -4.08
N THR A 29 3.69 -2.81 -4.46
CA THR A 29 2.96 -1.76 -3.78
C THR A 29 1.66 -2.26 -3.15
N ILE A 30 1.48 -1.95 -1.88
CA ILE A 30 0.24 -2.25 -1.18
C ILE A 30 -0.64 -1.02 -1.15
N ILE A 31 -1.83 -1.15 -1.70
CA ILE A 31 -2.77 -0.04 -1.75
C ILE A 31 -4.03 -0.40 -0.98
N MET A 32 -4.35 0.36 0.04
CA MET A 32 -5.57 0.09 0.80
C MET A 32 -6.60 1.16 0.51
N PHE A 33 -7.72 0.72 -0.05
CA PHE A 33 -8.81 1.63 -0.36
C PHE A 33 -9.70 1.76 0.85
N LYS A 34 -9.74 2.96 1.40
CA LYS A 34 -10.47 3.20 2.63
C LYS A 34 -11.22 4.52 2.56
N THR A 35 -12.39 4.57 3.18
CA THR A 35 -13.02 5.84 3.45
C THR A 35 -12.15 6.54 4.47
N ASP A 36 -11.91 7.81 4.28
CA ASP A 36 -10.83 8.46 4.99
C ASP A 36 -11.08 8.51 6.49
N THR A 37 -12.32 8.75 6.87
CA THR A 37 -12.68 8.77 8.28
C THR A 37 -13.30 7.44 8.71
N CYS A 38 -12.46 6.55 9.22
CA CYS A 38 -12.91 5.28 9.79
C CYS A 38 -11.85 4.68 10.70
N PRO A 39 -12.27 4.06 11.82
CA PRO A 39 -11.34 3.47 12.78
C PRO A 39 -10.55 2.31 12.20
N TYR A 40 -11.19 1.55 11.31
CA TYR A 40 -10.56 0.38 10.72
C TYR A 40 -9.42 0.79 9.78
N CYS A 41 -9.47 2.03 9.31
CA CYS A 41 -8.40 2.58 8.50
C CYS A 41 -7.10 2.60 9.28
N VAL A 42 -7.14 3.19 10.46
CA VAL A 42 -5.97 3.32 11.31
C VAL A 42 -5.48 1.96 11.78
N GLU A 43 -6.42 1.05 12.01
CA GLU A 43 -6.09 -0.29 12.47
C GLU A 43 -5.25 -1.06 11.45
N MET A 44 -5.69 -1.08 10.21
CA MET A 44 -4.98 -1.81 9.17
C MET A 44 -3.67 -1.10 8.81
N GLN A 45 -3.68 0.24 8.93
CA GLN A 45 -2.47 1.02 8.76
C GLN A 45 -1.44 0.66 9.82
N LYS A 46 -1.91 0.33 11.01
CA LYS A 46 -1.03 -0.13 12.07
C LYS A 46 -0.37 -1.45 11.70
N GLU A 47 -1.17 -2.38 11.20
CA GLU A 47 -0.66 -3.66 10.70
C GLU A 47 0.45 -3.38 9.68
N LEU A 48 0.13 -2.59 8.67
CA LEU A 48 1.08 -2.22 7.61
C LEU A 48 2.33 -1.57 8.18
N SER A 49 2.14 -0.66 9.12
CA SER A 49 3.25 0.09 9.70
C SER A 49 4.26 -0.83 10.38
N TYR A 50 3.74 -1.86 11.06
CA TYR A 50 4.61 -2.77 11.78
C TYR A 50 5.29 -3.74 10.81
N VAL A 51 4.62 -4.07 9.71
CA VAL A 51 5.25 -4.84 8.65
C VAL A 51 6.38 -4.05 8.01
N SER A 52 6.13 -2.75 7.84
CA SER A 52 7.11 -1.85 7.25
C SER A 52 8.35 -1.74 8.13
N LYS A 53 8.17 -1.86 9.43
CA LYS A 53 9.30 -1.80 10.35
C LYS A 53 10.13 -3.06 10.31
N GLU A 54 9.62 -4.09 9.66
CA GLU A 54 10.37 -5.32 9.46
C GLU A 54 10.90 -5.37 8.03
N ARG A 55 10.44 -4.42 7.21
CA ARG A 55 10.85 -4.37 5.83
C ARG A 55 10.66 -2.96 5.25
N GLU A 56 11.57 -2.06 5.61
CA GLU A 56 11.52 -0.69 5.14
C GLU A 56 12.07 -0.57 3.73
N GLY A 57 11.43 0.29 2.93
CA GLY A 57 11.94 0.65 1.62
C GLY A 57 12.11 -0.53 0.67
N LYS A 58 11.34 -1.59 0.90
CA LYS A 58 11.43 -2.76 0.04
C LYS A 58 10.11 -2.98 -0.67
N PHE A 59 9.07 -2.42 -0.09
CA PHE A 59 7.76 -2.39 -0.71
C PHE A 59 7.13 -1.04 -0.43
N ASN A 60 6.14 -0.68 -1.19
CA ASN A 60 5.56 0.65 -1.08
C ASN A 60 4.12 0.57 -0.55
N ILE A 61 3.68 1.61 0.13
CA ILE A 61 2.32 1.65 0.65
C ILE A 61 1.59 2.91 0.22
N TYR A 62 0.59 2.75 -0.64
CA TYR A 62 -0.27 3.85 -1.04
C TYR A 62 -1.59 3.74 -0.31
N TYR A 63 -1.93 4.76 0.47
CA TYR A 63 -3.20 4.75 1.17
C TYR A 63 -4.26 5.41 0.32
N ALA A 64 -5.10 4.59 -0.29
CA ALA A 64 -6.13 5.08 -1.18
C ALA A 64 -7.31 5.59 -0.39
N ARG A 65 -7.33 6.89 -0.13
CA ARG A 65 -8.40 7.51 0.62
C ARG A 65 -9.51 7.93 -0.31
N LEU A 66 -10.67 7.31 -0.12
CA LEU A 66 -11.84 7.56 -0.97
C LEU A 66 -12.39 8.98 -0.83
N GLU A 67 -11.64 9.86 -0.19
CA GLU A 67 -12.08 11.24 -0.03
C GLU A 67 -11.83 12.00 -1.33
N GLU A 68 -10.76 11.59 -2.02
CA GLU A 68 -10.27 12.29 -3.19
C GLU A 68 -10.77 11.62 -4.47
N GLU A 69 -11.12 12.44 -5.45
CA GLU A 69 -11.70 11.97 -6.71
C GLU A 69 -10.75 11.07 -7.49
N LYS A 70 -9.46 11.32 -7.35
CA LYS A 70 -8.43 10.51 -8.01
C LYS A 70 -8.53 9.03 -7.63
N ASN A 71 -9.20 8.72 -6.53
CA ASN A 71 -9.35 7.35 -6.10
C ASN A 71 -10.56 6.69 -6.75
N ILE A 72 -11.32 7.44 -7.53
CA ILE A 72 -12.44 6.86 -8.27
C ILE A 72 -11.89 5.96 -9.38
N ASP A 73 -11.08 6.54 -10.24
CA ASP A 73 -10.41 5.80 -11.30
C ASP A 73 -9.45 4.78 -10.71
N LEU A 74 -8.75 5.19 -9.64
CA LEU A 74 -7.82 4.30 -8.96
C LEU A 74 -8.54 3.06 -8.42
N ALA A 75 -9.68 3.26 -7.77
CA ALA A 75 -10.48 2.16 -7.23
C ALA A 75 -10.97 1.24 -8.35
N TYR A 76 -11.49 1.86 -9.42
CA TYR A 76 -12.04 1.11 -10.53
C TYR A 76 -10.98 0.26 -11.22
N LYS A 77 -9.75 0.77 -11.26
CA LYS A 77 -8.63 0.05 -11.88
C LYS A 77 -8.43 -1.31 -11.23
N TYR A 78 -8.74 -1.41 -9.95
CA TYR A 78 -8.52 -2.64 -9.21
C TYR A 78 -9.83 -3.29 -8.82
N ASP A 79 -10.94 -2.69 -9.23
CA ASP A 79 -12.29 -3.16 -8.89
C ASP A 79 -12.48 -3.15 -7.37
N ALA A 80 -12.12 -2.03 -6.76
CA ALA A 80 -12.34 -1.84 -5.34
C ALA A 80 -13.69 -1.17 -5.12
N ASN A 81 -14.59 -1.88 -4.46
CA ASN A 81 -15.98 -1.43 -4.33
C ASN A 81 -16.29 -0.95 -2.92
N ILE A 82 -16.10 -1.82 -1.94
CA ILE A 82 -16.43 -1.48 -0.56
C ILE A 82 -15.19 -1.55 0.32
N VAL A 83 -15.21 -0.79 1.41
CA VAL A 83 -14.08 -0.71 2.31
C VAL A 83 -14.34 -1.55 3.57
N PRO A 84 -13.27 -2.03 4.22
CA PRO A 84 -11.90 -1.79 3.77
C PRO A 84 -11.41 -2.88 2.81
N THR A 85 -10.90 -2.47 1.66
CA THR A 85 -10.38 -3.42 0.70
C THR A 85 -8.91 -3.13 0.42
N THR A 86 -8.09 -4.17 0.42
CA THR A 86 -6.66 -4.01 0.24
C THR A 86 -6.20 -4.66 -1.06
N VAL A 87 -5.54 -3.89 -1.89
CA VAL A 87 -5.01 -4.36 -3.15
C VAL A 87 -3.50 -4.54 -3.05
N PHE A 88 -3.03 -5.71 -3.42
CA PHE A 88 -1.60 -6.02 -3.38
C PHE A 88 -1.05 -6.08 -4.80
N LEU A 89 -0.17 -5.13 -5.10
CA LEU A 89 0.42 -5.02 -6.42
C LEU A 89 1.81 -5.64 -6.44
N ASP A 90 2.13 -6.30 -7.54
CA ASP A 90 3.46 -6.87 -7.75
C ASP A 90 4.46 -5.73 -7.98
N LYS A 91 5.64 -6.07 -8.48
CA LYS A 91 6.76 -5.15 -8.55
C LYS A 91 6.49 -3.92 -9.43
N GLU A 92 5.68 -4.07 -10.48
CA GLU A 92 5.40 -2.97 -11.39
C GLU A 92 4.09 -2.26 -11.01
N GLY A 93 3.47 -2.73 -9.93
CA GLY A 93 2.19 -2.17 -9.54
C GLY A 93 1.04 -2.84 -10.26
N ASN A 94 1.24 -4.09 -10.67
CA ASN A 94 0.18 -4.86 -11.30
C ASN A 94 -0.68 -5.54 -10.24
N LYS A 95 -1.99 -5.56 -10.48
CA LYS A 95 -2.93 -6.07 -9.50
C LYS A 95 -2.95 -7.60 -9.51
N PHE A 96 -2.16 -8.19 -8.63
CA PHE A 96 -2.09 -9.64 -8.52
C PHE A 96 -3.21 -10.14 -7.61
N TYR A 97 -3.30 -9.57 -6.42
CA TYR A 97 -4.31 -10.00 -5.46
C TYR A 97 -5.02 -8.80 -4.84
N VAL A 98 -6.31 -8.96 -4.57
CA VAL A 98 -7.08 -7.95 -3.86
C VAL A 98 -7.96 -8.62 -2.81
N HIS A 99 -8.01 -8.03 -1.63
CA HIS A 99 -8.72 -8.62 -0.51
C HIS A 99 -9.80 -7.67 -0.07
N GLN A 100 -10.97 -8.21 0.22
CA GLN A 100 -12.10 -7.40 0.66
C GLN A 100 -12.42 -7.74 2.11
N GLY A 101 -12.19 -6.78 2.99
CA GLY A 101 -12.39 -7.01 4.40
C GLY A 101 -11.11 -6.83 5.18
N LEU A 102 -11.16 -7.06 6.48
CA LEU A 102 -10.00 -6.85 7.35
C LEU A 102 -9.00 -7.99 7.19
N MET A 103 -7.74 -7.70 7.50
CA MET A 103 -6.68 -8.70 7.50
C MET A 103 -5.52 -8.20 8.36
N ARG A 104 -4.83 -9.13 9.01
CA ARG A 104 -3.77 -8.76 9.96
C ARG A 104 -2.39 -8.86 9.33
N LYS A 105 -1.40 -8.42 10.09
CA LYS A 105 0.00 -8.41 9.67
C LYS A 105 0.45 -9.70 9.01
N ASN A 106 0.25 -10.83 9.67
CA ASN A 106 0.70 -12.11 9.13
C ASN A 106 -0.06 -12.48 7.87
N ASN A 107 -1.30 -12.01 7.77
CA ASN A 107 -2.09 -12.23 6.56
C ASN A 107 -1.45 -11.45 5.42
N ILE A 108 -0.97 -10.26 5.73
CA ILE A 108 -0.23 -9.45 4.77
C ILE A 108 1.07 -10.16 4.40
N GLU A 109 1.77 -10.63 5.44
CA GLU A 109 3.03 -11.38 5.29
C GLU A 109 2.89 -12.51 4.28
N THR A 110 1.91 -13.36 4.50
CA THR A 110 1.70 -14.54 3.67
C THR A 110 1.25 -14.14 2.26
N ILE A 111 0.54 -13.03 2.15
CA ILE A 111 0.11 -12.52 0.85
C ILE A 111 1.29 -11.96 0.06
N LEU A 112 2.18 -11.22 0.73
CA LEU A 112 3.40 -10.73 0.07
C LEU A 112 4.24 -11.92 -0.37
N ASN A 113 4.18 -12.97 0.43
CA ASN A 113 4.88 -14.22 0.18
C ASN A 113 4.49 -14.81 -1.18
N SER A 114 3.19 -14.80 -1.46
CA SER A 114 2.69 -15.33 -2.72
C SER A 114 2.74 -14.28 -3.83
N LEU A 115 2.76 -13.01 -3.43
CA LEU A 115 2.88 -11.90 -4.37
C LEU A 115 4.26 -11.92 -5.01
N GLY A 116 5.24 -11.43 -4.28
CA GLY A 116 6.60 -11.57 -4.70
C GLY A 116 7.55 -10.78 -3.82
N VAL A 117 7.28 -9.49 -3.66
CA VAL A 117 8.20 -8.62 -2.92
C VAL A 117 9.56 -8.71 -3.60
N LYS A 118 9.47 -8.73 -4.92
CA LYS A 118 10.58 -9.03 -5.81
C LYS A 118 11.54 -7.84 -5.96
N GLU A 119 12.00 -7.63 -7.19
CA GLU A 119 13.01 -6.60 -7.52
C GLU A 119 14.40 -7.14 -7.20
N GLY A 120 15.39 -6.73 -7.98
CA GLY A 120 16.71 -7.31 -7.89
C GLY A 120 17.41 -7.02 -6.58
N HIS A 121 17.15 -5.86 -6.00
CA HIS A 121 17.82 -5.47 -4.76
C HIS A 121 17.19 -6.18 -3.57
N HIS A 122 17.61 -7.41 -3.34
CA HIS A 122 17.15 -8.17 -2.20
C HIS A 122 18.31 -8.94 -1.56
N HIS A 123 19.07 -9.66 -2.40
CA HIS A 123 20.25 -10.40 -1.96
C HIS A 123 21.12 -10.70 -3.17
N HIS A 124 22.41 -10.46 -3.05
CA HIS A 124 23.33 -10.67 -4.16
C HIS A 124 24.70 -11.11 -3.65
N HIS A 125 25.35 -11.99 -4.41
CA HIS A 125 26.73 -12.38 -4.10
C HIS A 125 27.62 -12.06 -5.28
N HIS A 126 27.47 -12.81 -6.35
CA HIS A 126 28.23 -12.59 -7.57
C HIS A 126 27.32 -12.68 -8.79
N MET A 1 -1.07 22.30 11.76
CA MET A 1 -0.02 22.64 10.77
C MET A 1 0.47 21.35 10.12
N SER A 2 1.50 21.47 9.27
CA SER A 2 2.05 20.34 8.52
C SER A 2 1.04 19.84 7.48
N LEU A 3 1.22 20.28 6.24
CA LEU A 3 0.28 19.97 5.17
C LEU A 3 0.89 20.20 3.78
N GLU A 4 2.22 20.27 3.72
CA GLU A 4 2.91 20.51 2.45
C GLU A 4 2.71 19.35 1.48
N GLY A 5 2.36 18.20 2.03
CA GLY A 5 2.15 17.02 1.21
C GLY A 5 3.43 16.27 0.94
N ILE A 6 4.43 16.98 0.42
CA ILE A 6 5.71 16.40 -0.01
C ILE A 6 6.38 15.52 1.05
N LYS A 7 6.10 15.78 2.33
CA LYS A 7 6.62 14.94 3.39
C LYS A 7 5.54 14.63 4.42
N GLN A 8 4.30 14.79 4.00
CA GLN A 8 3.17 14.56 4.89
C GLN A 8 2.49 13.25 4.56
N ILE A 9 3.31 12.23 4.31
CA ILE A 9 2.82 10.90 3.96
C ILE A 9 2.34 10.13 5.19
N ASN A 10 2.11 10.87 6.29
CA ASN A 10 1.65 10.29 7.55
C ASN A 10 2.73 9.43 8.20
N PHE A 11 3.45 10.03 9.15
CA PHE A 11 4.51 9.35 9.86
C PHE A 11 3.96 8.29 10.80
N GLN A 12 3.88 7.07 10.31
CA GLN A 12 3.39 5.95 11.12
C GLN A 12 3.69 4.63 10.44
N SER A 13 3.08 4.42 9.29
CA SER A 13 3.17 3.15 8.59
C SER A 13 4.57 2.86 8.04
N ILE A 14 5.25 3.89 7.54
CA ILE A 14 6.56 3.73 6.90
C ILE A 14 6.40 3.02 5.56
N ASN A 15 7.20 3.44 4.56
CA ASN A 15 7.09 2.93 3.19
C ASN A 15 5.76 3.37 2.57
N VAL A 16 5.10 4.29 3.24
CA VAL A 16 3.79 4.76 2.82
C VAL A 16 3.91 5.82 1.73
N VAL A 17 3.08 5.69 0.71
CA VAL A 17 3.10 6.56 -0.45
C VAL A 17 1.68 7.00 -0.81
N GLU A 18 1.54 8.24 -1.27
CA GLU A 18 0.24 8.75 -1.69
C GLU A 18 -0.22 8.08 -2.98
N ASN A 19 0.60 8.15 -4.01
CA ASN A 19 0.15 7.79 -5.34
C ASN A 19 1.23 7.10 -6.14
N LEU A 20 0.83 6.56 -7.28
CA LEU A 20 1.78 6.01 -8.25
C LEU A 20 2.70 7.12 -8.76
N GLU A 21 2.17 8.35 -8.82
CA GLU A 21 2.94 9.51 -9.23
C GLU A 21 3.95 9.90 -8.14
N GLU A 22 3.75 9.33 -6.96
CA GLU A 22 4.61 9.57 -5.80
C GLU A 22 5.43 8.31 -5.48
N ALA A 23 5.21 7.27 -6.28
CA ALA A 23 5.85 5.98 -6.04
C ALA A 23 7.25 5.95 -6.64
N LYS A 24 8.05 5.00 -6.19
CA LYS A 24 9.43 4.87 -6.64
C LYS A 24 9.92 3.44 -6.50
N GLU A 25 10.81 3.04 -7.40
CA GLU A 25 11.58 1.81 -7.28
C GLU A 25 10.81 0.59 -7.76
N GLY A 26 11.51 -0.51 -7.98
CA GLY A 26 10.90 -1.72 -8.49
C GLY A 26 10.37 -2.59 -7.37
N ILE A 27 9.50 -2.02 -6.56
CA ILE A 27 8.94 -2.72 -5.42
C ILE A 27 7.42 -2.87 -5.59
N PRO A 28 6.87 -3.98 -5.08
CA PRO A 28 5.42 -4.23 -5.14
C PRO A 28 4.62 -3.13 -4.47
N THR A 29 3.55 -2.72 -5.13
CA THR A 29 2.73 -1.64 -4.63
C THR A 29 1.49 -2.18 -3.92
N ILE A 30 1.43 -1.94 -2.63
CA ILE A 30 0.30 -2.39 -1.83
C ILE A 30 -0.68 -1.25 -1.64
N ILE A 31 -1.82 -1.35 -2.30
CA ILE A 31 -2.81 -0.30 -2.26
C ILE A 31 -3.96 -0.70 -1.34
N MET A 32 -4.43 0.22 -0.52
CA MET A 32 -5.59 -0.03 0.31
C MET A 32 -6.62 1.07 0.13
N PHE A 33 -7.81 0.69 -0.26
CA PHE A 33 -8.90 1.63 -0.45
C PHE A 33 -9.62 1.87 0.86
N LYS A 34 -9.52 3.08 1.36
CA LYS A 34 -10.10 3.43 2.64
C LYS A 34 -10.73 4.83 2.57
N THR A 35 -11.78 5.05 3.35
CA THR A 35 -12.41 6.36 3.41
C THR A 35 -11.70 7.24 4.43
N ASP A 36 -12.15 8.49 4.54
CA ASP A 36 -11.58 9.43 5.50
C ASP A 36 -11.75 8.90 6.93
N THR A 37 -12.94 9.09 7.49
CA THR A 37 -13.24 8.62 8.82
C THR A 37 -13.62 7.14 8.80
N CYS A 38 -12.65 6.28 9.11
CA CYS A 38 -12.90 4.86 9.21
C CYS A 38 -11.89 4.20 10.13
N PRO A 39 -12.37 3.30 11.02
CA PRO A 39 -11.49 2.58 11.94
C PRO A 39 -10.59 1.58 11.23
N TYR A 40 -11.06 1.10 10.08
CA TYR A 40 -10.32 0.13 9.28
C TYR A 40 -8.96 0.67 8.88
N CYS A 41 -8.92 1.98 8.63
CA CYS A 41 -7.68 2.64 8.24
C CYS A 41 -6.66 2.54 9.36
N VAL A 42 -7.05 2.97 10.56
CA VAL A 42 -6.15 2.97 11.70
C VAL A 42 -5.65 1.57 12.03
N GLU A 43 -6.57 0.62 12.02
CA GLU A 43 -6.23 -0.79 12.29
C GLU A 43 -5.18 -1.29 11.31
N MET A 44 -5.43 -1.08 10.03
CA MET A 44 -4.52 -1.56 8.99
C MET A 44 -3.20 -0.80 9.05
N GLN A 45 -3.26 0.49 9.37
CA GLN A 45 -2.06 1.33 9.48
C GLN A 45 -1.12 0.81 10.56
N LYS A 46 -1.68 0.35 11.68
CA LYS A 46 -0.87 -0.25 12.73
C LYS A 46 -0.09 -1.41 12.16
N GLU A 47 -0.82 -2.31 11.51
CA GLU A 47 -0.25 -3.52 10.96
C GLU A 47 0.79 -3.21 9.89
N LEU A 48 0.47 -2.24 9.03
CA LEU A 48 1.38 -1.79 8.00
C LEU A 48 2.66 -1.27 8.61
N SER A 49 2.52 -0.48 9.67
CA SER A 49 3.67 0.07 10.39
C SER A 49 4.55 -1.07 10.89
N TYR A 50 3.92 -2.11 11.43
CA TYR A 50 4.63 -3.26 11.93
C TYR A 50 5.34 -4.00 10.80
N VAL A 51 4.64 -4.17 9.68
CA VAL A 51 5.19 -4.87 8.53
C VAL A 51 6.38 -4.11 7.93
N SER A 52 6.20 -2.81 7.71
CA SER A 52 7.26 -1.98 7.16
C SER A 52 8.48 -1.96 8.07
N LYS A 53 8.25 -2.08 9.37
CA LYS A 53 9.34 -2.18 10.34
C LYS A 53 10.14 -3.46 10.12
N GLU A 54 9.49 -4.45 9.51
CA GLU A 54 10.10 -5.75 9.26
C GLU A 54 10.37 -5.94 7.77
N ARG A 55 10.08 -4.90 6.99
CA ARG A 55 10.23 -4.96 5.54
C ARG A 55 10.40 -3.54 4.99
N GLU A 56 11.61 -3.01 5.09
CA GLU A 56 11.88 -1.61 4.76
C GLU A 56 12.11 -1.39 3.27
N GLY A 57 11.34 -0.46 2.70
CA GLY A 57 11.52 -0.08 1.31
C GLY A 57 11.50 -1.24 0.34
N LYS A 58 10.74 -2.28 0.67
CA LYS A 58 10.63 -3.44 -0.19
C LYS A 58 9.23 -3.49 -0.78
N PHE A 59 8.39 -2.59 -0.30
CA PHE A 59 7.03 -2.45 -0.77
C PHE A 59 6.52 -1.09 -0.35
N ASN A 60 5.72 -0.46 -1.19
CA ASN A 60 5.17 0.85 -0.88
C ASN A 60 3.66 0.76 -0.65
N ILE A 61 3.20 1.44 0.39
CA ILE A 61 1.79 1.42 0.75
C ILE A 61 1.07 2.62 0.17
N TYR A 62 0.24 2.39 -0.82
CA TYR A 62 -0.55 3.43 -1.45
C TYR A 62 -1.89 3.57 -0.72
N TYR A 63 -2.12 4.72 -0.10
CA TYR A 63 -3.41 4.97 0.52
C TYR A 63 -4.40 5.39 -0.55
N ALA A 64 -5.27 4.49 -0.92
CA ALA A 64 -6.32 4.81 -1.87
C ALA A 64 -7.49 5.41 -1.10
N ARG A 65 -7.41 6.70 -0.88
CA ARG A 65 -8.33 7.37 0.00
C ARG A 65 -9.54 7.90 -0.75
N LEU A 66 -10.70 7.36 -0.38
CA LEU A 66 -11.96 7.68 -1.04
C LEU A 66 -12.43 9.09 -0.69
N GLU A 67 -11.60 9.83 0.03
CA GLU A 67 -11.92 11.20 0.36
C GLU A 67 -11.49 12.07 -0.80
N GLU A 68 -10.70 11.46 -1.67
CA GLU A 68 -10.19 12.13 -2.85
C GLU A 68 -10.98 11.73 -4.09
N GLU A 69 -11.45 12.73 -4.81
CA GLU A 69 -12.22 12.52 -6.04
C GLU A 69 -11.40 11.74 -7.07
N LYS A 70 -10.10 12.01 -7.12
CA LYS A 70 -9.20 11.35 -8.08
C LYS A 70 -9.20 9.83 -7.87
N ASN A 71 -9.55 9.43 -6.66
CA ASN A 71 -9.44 8.06 -6.26
C ASN A 71 -10.78 7.35 -6.38
N ILE A 72 -11.78 8.06 -6.90
CA ILE A 72 -13.03 7.43 -7.27
C ILE A 72 -12.80 6.58 -8.51
N ASP A 73 -12.19 7.19 -9.53
CA ASP A 73 -11.79 6.47 -10.73
C ASP A 73 -10.71 5.47 -10.41
N LEU A 74 -9.77 5.88 -9.55
CA LEU A 74 -8.72 4.96 -9.10
C LEU A 74 -9.33 3.72 -8.45
N ALA A 75 -10.36 3.94 -7.63
CA ALA A 75 -11.11 2.86 -6.99
C ALA A 75 -11.57 1.81 -8.00
N TYR A 76 -12.31 2.24 -9.00
CA TYR A 76 -12.84 1.33 -10.02
C TYR A 76 -11.71 0.67 -10.82
N LYS A 77 -10.62 1.40 -11.00
CA LYS A 77 -9.48 0.89 -11.76
C LYS A 77 -8.86 -0.33 -11.08
N TYR A 78 -9.23 -0.57 -9.82
CA TYR A 78 -8.74 -1.74 -9.09
C TYR A 78 -9.87 -2.55 -8.47
N ASP A 79 -11.08 -2.39 -9.01
CA ASP A 79 -12.24 -3.21 -8.63
C ASP A 79 -12.72 -2.90 -7.22
N ALA A 80 -12.28 -1.79 -6.67
CA ALA A 80 -12.62 -1.42 -5.31
C ALA A 80 -14.09 -1.06 -5.21
N ASN A 81 -14.77 -1.66 -4.23
CA ASN A 81 -16.20 -1.48 -4.08
C ASN A 81 -16.56 -1.20 -2.62
N ILE A 82 -15.90 -1.90 -1.70
CA ILE A 82 -16.13 -1.68 -0.28
C ILE A 82 -14.82 -1.31 0.41
N VAL A 83 -14.89 -1.09 1.72
CA VAL A 83 -13.71 -0.77 2.50
C VAL A 83 -13.61 -1.68 3.72
N PRO A 84 -12.39 -2.16 4.03
CA PRO A 84 -11.20 -1.84 3.27
C PRO A 84 -10.89 -2.89 2.20
N THR A 85 -10.69 -2.43 0.98
CA THR A 85 -10.27 -3.31 -0.10
C THR A 85 -8.82 -3.02 -0.45
N THR A 86 -7.95 -3.98 -0.22
CA THR A 86 -6.55 -3.80 -0.50
C THR A 86 -6.13 -4.62 -1.70
N VAL A 87 -5.59 -3.92 -2.71
CA VAL A 87 -5.11 -4.56 -3.91
C VAL A 87 -3.58 -4.65 -3.88
N PHE A 88 -3.09 -5.87 -3.96
CA PHE A 88 -1.67 -6.13 -3.91
C PHE A 88 -1.11 -6.32 -5.30
N LEU A 89 -0.27 -5.37 -5.70
CA LEU A 89 0.38 -5.42 -7.01
C LEU A 89 1.83 -5.84 -6.84
N ASP A 90 2.30 -6.72 -7.70
CA ASP A 90 3.71 -7.10 -7.70
C ASP A 90 4.55 -5.92 -8.23
N LYS A 91 5.86 -6.08 -8.29
CA LYS A 91 6.75 -5.02 -8.74
C LYS A 91 6.48 -4.59 -10.19
N GLU A 92 5.70 -5.39 -10.89
CA GLU A 92 5.37 -5.10 -12.28
C GLU A 92 4.15 -4.19 -12.36
N GLY A 93 3.17 -4.44 -11.51
CA GLY A 93 1.95 -3.66 -11.52
C GLY A 93 0.71 -4.53 -11.62
N ASN A 94 0.90 -5.79 -12.00
CA ASN A 94 -0.19 -6.75 -12.09
C ASN A 94 -0.92 -6.91 -10.76
N LYS A 95 -2.24 -7.00 -10.86
CA LYS A 95 -3.09 -7.25 -9.71
C LYS A 95 -3.03 -8.72 -9.33
N PHE A 96 -2.08 -9.06 -8.46
CA PHE A 96 -1.84 -10.45 -8.09
C PHE A 96 -2.89 -10.94 -7.11
N TYR A 97 -3.17 -10.14 -6.09
CA TYR A 97 -4.14 -10.53 -5.07
C TYR A 97 -4.90 -9.33 -4.55
N VAL A 98 -6.21 -9.48 -4.40
CA VAL A 98 -7.03 -8.45 -3.79
C VAL A 98 -7.66 -9.00 -2.53
N HIS A 99 -7.90 -8.15 -1.55
CA HIS A 99 -8.46 -8.58 -0.29
C HIS A 99 -9.52 -7.59 0.13
N GLN A 100 -10.75 -8.06 0.23
CA GLN A 100 -11.85 -7.23 0.71
C GLN A 100 -12.13 -7.56 2.16
N GLY A 101 -11.74 -6.66 3.05
CA GLY A 101 -11.96 -6.89 4.46
C GLY A 101 -10.70 -6.64 5.26
N LEU A 102 -10.78 -6.90 6.56
CA LEU A 102 -9.68 -6.61 7.46
C LEU A 102 -8.75 -7.81 7.61
N MET A 103 -7.53 -7.54 8.09
CA MET A 103 -6.56 -8.57 8.40
C MET A 103 -5.36 -7.93 9.10
N ARG A 104 -4.55 -8.72 9.78
CA ARG A 104 -3.46 -8.18 10.58
C ARG A 104 -2.10 -8.31 9.88
N LYS A 105 -1.05 -7.78 10.53
CA LYS A 105 0.28 -7.66 9.93
C LYS A 105 0.77 -8.95 9.27
N ASN A 106 0.57 -10.08 9.95
CA ASN A 106 1.08 -11.36 9.45
C ASN A 106 0.35 -11.75 8.17
N ASN A 107 -0.91 -11.38 8.09
CA ASN A 107 -1.73 -11.66 6.91
C ASN A 107 -1.21 -10.85 5.73
N ILE A 108 -0.99 -9.56 5.96
CA ILE A 108 -0.44 -8.67 4.95
C ILE A 108 0.92 -9.18 4.48
N GLU A 109 1.78 -9.45 5.45
CA GLU A 109 3.15 -9.90 5.20
C GLU A 109 3.17 -11.15 4.32
N THR A 110 2.36 -12.14 4.68
CA THR A 110 2.29 -13.38 3.92
C THR A 110 1.86 -13.12 2.47
N ILE A 111 1.00 -12.12 2.28
CA ILE A 111 0.54 -11.77 0.95
C ILE A 111 1.67 -11.17 0.13
N LEU A 112 2.49 -10.30 0.75
CA LEU A 112 3.62 -9.71 0.05
C LEU A 112 4.56 -10.80 -0.41
N ASN A 113 4.81 -11.73 0.49
CA ASN A 113 5.66 -12.89 0.24
C ASN A 113 5.08 -13.75 -0.89
N SER A 114 3.77 -13.69 -1.06
CA SER A 114 3.10 -14.43 -2.12
C SER A 114 3.15 -13.65 -3.43
N LEU A 115 3.27 -12.33 -3.35
CA LEU A 115 3.38 -11.48 -4.53
C LEU A 115 4.74 -11.65 -5.17
N GLY A 116 5.77 -11.33 -4.40
CA GLY A 116 7.12 -11.51 -4.86
C GLY A 116 8.10 -10.65 -4.10
N VAL A 117 7.79 -9.36 -3.99
CA VAL A 117 8.68 -8.39 -3.32
C VAL A 117 10.08 -8.49 -3.95
N LYS A 118 10.08 -8.59 -5.26
CA LYS A 118 11.31 -8.81 -6.01
C LYS A 118 12.01 -7.50 -6.31
N GLU A 119 12.65 -6.94 -5.29
CA GLU A 119 13.41 -5.70 -5.40
C GLU A 119 14.37 -5.75 -6.58
N GLY A 120 15.45 -6.52 -6.41
CA GLY A 120 16.38 -6.74 -7.50
C GLY A 120 17.41 -5.65 -7.67
N HIS A 121 17.75 -4.96 -6.59
CA HIS A 121 18.79 -3.94 -6.64
C HIS A 121 20.04 -4.36 -5.88
N HIS A 122 19.85 -5.09 -4.79
CA HIS A 122 20.98 -5.56 -3.99
C HIS A 122 21.75 -6.68 -4.70
N HIS A 123 22.52 -6.29 -5.71
CA HIS A 123 23.42 -7.18 -6.42
C HIS A 123 24.40 -6.35 -7.24
N HIS A 124 25.67 -6.40 -6.90
CA HIS A 124 26.66 -5.52 -7.49
C HIS A 124 27.71 -6.26 -8.30
N HIS A 125 28.25 -5.59 -9.30
CA HIS A 125 29.47 -6.02 -9.96
C HIS A 125 30.59 -5.10 -9.49
N HIS A 126 30.20 -4.08 -8.73
CA HIS A 126 31.10 -3.10 -8.16
C HIS A 126 30.30 -2.17 -7.26
N MET A 1 0.82 23.87 4.44
CA MET A 1 1.88 24.53 5.23
C MET A 1 1.37 24.88 6.63
N SER A 2 0.05 24.90 6.77
CA SER A 2 -0.56 25.15 8.07
C SER A 2 -1.93 24.50 8.08
N LEU A 3 -2.03 23.36 8.78
CA LEU A 3 -3.24 22.57 8.82
C LEU A 3 -3.55 22.01 7.42
N GLU A 4 -2.97 20.85 7.12
CA GLU A 4 -3.17 20.23 5.81
C GLU A 4 -4.46 19.43 5.80
N GLY A 5 -4.90 19.00 6.97
CA GLY A 5 -6.10 18.18 7.07
C GLY A 5 -5.83 16.74 6.69
N ILE A 6 -5.28 16.54 5.51
CA ILE A 6 -5.06 15.19 4.98
C ILE A 6 -3.70 15.07 4.29
N LYS A 7 -3.25 16.16 3.69
CA LYS A 7 -1.99 16.14 2.93
C LYS A 7 -0.78 16.39 3.84
N GLN A 8 -0.81 15.78 5.01
CA GLN A 8 0.29 15.88 5.95
C GLN A 8 0.87 14.48 6.20
N ILE A 9 0.50 13.56 5.32
CA ILE A 9 0.82 12.16 5.51
C ILE A 9 2.02 11.73 4.65
N ASN A 10 3.19 11.76 5.26
CA ASN A 10 4.39 11.22 4.62
C ASN A 10 5.09 10.27 5.58
N PHE A 11 4.53 10.16 6.77
CA PHE A 11 5.08 9.31 7.82
C PHE A 11 3.93 8.67 8.59
N GLN A 12 4.03 7.37 8.80
CA GLN A 12 3.00 6.57 9.47
C GLN A 12 3.33 5.11 9.30
N SER A 13 3.35 4.68 8.04
CA SER A 13 3.70 3.31 7.71
C SER A 13 5.10 3.27 7.08
N ILE A 14 5.79 4.41 7.10
CA ILE A 14 7.18 4.50 6.64
C ILE A 14 7.29 4.36 5.12
N ASN A 15 7.04 3.16 4.60
CA ASN A 15 7.11 2.90 3.16
C ASN A 15 5.80 3.33 2.49
N VAL A 16 5.17 4.35 3.03
CA VAL A 16 3.85 4.77 2.57
C VAL A 16 3.96 5.93 1.58
N VAL A 17 3.02 5.99 0.65
CA VAL A 17 2.99 7.05 -0.35
C VAL A 17 1.58 7.63 -0.50
N GLU A 18 1.51 8.93 -0.76
CA GLU A 18 0.25 9.62 -0.97
C GLU A 18 -0.43 9.15 -2.26
N ASN A 19 0.35 9.03 -3.33
CA ASN A 19 -0.21 8.70 -4.63
C ASN A 19 0.88 8.17 -5.54
N LEU A 20 0.48 7.60 -6.67
CA LEU A 20 1.42 7.09 -7.66
C LEU A 20 2.31 8.21 -8.19
N GLU A 21 1.76 9.42 -8.21
CA GLU A 21 2.53 10.61 -8.59
C GLU A 21 3.72 10.80 -7.65
N GLU A 22 3.52 10.40 -6.40
CA GLU A 22 4.53 10.56 -5.36
C GLU A 22 5.34 9.27 -5.18
N ALA A 23 4.99 8.24 -5.96
CA ALA A 23 5.55 6.91 -5.76
C ALA A 23 6.55 6.52 -6.83
N LYS A 24 7.21 5.40 -6.62
CA LYS A 24 8.17 4.85 -7.56
C LYS A 24 7.85 3.37 -7.80
N GLU A 25 8.26 2.85 -8.94
CA GLU A 25 7.93 1.48 -9.32
C GLU A 25 9.15 0.56 -9.12
N GLY A 26 8.96 -0.73 -9.39
CA GLY A 26 10.02 -1.69 -9.20
C GLY A 26 9.76 -2.59 -8.02
N ILE A 27 9.17 -2.01 -6.99
CA ILE A 27 8.80 -2.77 -5.80
C ILE A 27 7.29 -3.00 -5.76
N PRO A 28 6.84 -4.08 -5.11
CA PRO A 28 5.41 -4.38 -4.96
C PRO A 28 4.64 -3.21 -4.36
N THR A 29 3.50 -2.92 -4.95
CA THR A 29 2.68 -1.81 -4.51
C THR A 29 1.45 -2.32 -3.76
N ILE A 30 1.40 -2.05 -2.47
CA ILE A 30 0.29 -2.48 -1.64
C ILE A 30 -0.69 -1.32 -1.49
N ILE A 31 -1.83 -1.46 -2.12
CA ILE A 31 -2.84 -0.41 -2.14
C ILE A 31 -3.97 -0.74 -1.20
N MET A 32 -4.29 0.17 -0.29
CA MET A 32 -5.46 -0.01 0.55
C MET A 32 -6.45 1.12 0.33
N PHE A 33 -7.61 0.75 -0.16
CA PHE A 33 -8.70 1.69 -0.32
C PHE A 33 -9.41 1.89 1.02
N LYS A 34 -9.41 3.10 1.52
CA LYS A 34 -10.02 3.37 2.82
C LYS A 34 -10.79 4.68 2.81
N THR A 35 -11.88 4.72 3.55
CA THR A 35 -12.66 5.93 3.71
C THR A 35 -12.17 6.69 4.95
N ASP A 36 -12.42 7.99 4.98
CA ASP A 36 -11.98 8.84 6.09
C ASP A 36 -12.59 8.41 7.41
N THR A 37 -13.90 8.55 7.52
CA THR A 37 -14.61 8.35 8.77
C THR A 37 -14.88 6.86 9.02
N CYS A 38 -13.83 6.06 8.96
CA CYS A 38 -13.91 4.63 9.22
C CYS A 38 -12.64 4.17 9.91
N PRO A 39 -12.74 3.73 11.16
CA PRO A 39 -11.55 3.32 11.95
C PRO A 39 -10.91 2.03 11.45
N TYR A 40 -11.51 1.40 10.45
CA TYR A 40 -10.95 0.20 9.84
C TYR A 40 -9.68 0.53 9.07
N CYS A 41 -9.50 1.81 8.75
CA CYS A 41 -8.30 2.24 8.04
C CYS A 41 -7.10 2.24 8.97
N VAL A 42 -7.21 2.94 10.08
CA VAL A 42 -6.10 3.12 11.01
C VAL A 42 -5.63 1.77 11.55
N GLU A 43 -6.57 0.85 11.77
CA GLU A 43 -6.26 -0.47 12.28
C GLU A 43 -5.26 -1.19 11.36
N MET A 44 -5.58 -1.22 10.07
CA MET A 44 -4.76 -1.91 9.11
C MET A 44 -3.48 -1.10 8.83
N GLN A 45 -3.59 0.21 8.96
CA GLN A 45 -2.43 1.09 8.80
C GLN A 45 -1.40 0.81 9.89
N LYS A 46 -1.85 0.45 11.09
CA LYS A 46 -0.92 0.01 12.14
C LYS A 46 -0.17 -1.22 11.65
N GLU A 47 -0.95 -2.20 11.19
CA GLU A 47 -0.40 -3.46 10.72
C GLU A 47 0.63 -3.23 9.62
N LEU A 48 0.28 -2.37 8.66
CA LEU A 48 1.18 -2.03 7.57
C LEU A 48 2.46 -1.39 8.10
N SER A 49 2.33 -0.56 9.13
CA SER A 49 3.48 0.07 9.75
C SER A 49 4.37 -0.97 10.41
N TYR A 50 3.75 -1.90 11.14
CA TYR A 50 4.48 -2.98 11.80
C TYR A 50 5.24 -3.81 10.77
N VAL A 51 4.62 -4.05 9.63
CA VAL A 51 5.26 -4.79 8.55
C VAL A 51 6.43 -4.00 7.97
N SER A 52 6.16 -2.76 7.58
CA SER A 52 7.17 -1.89 6.98
C SER A 52 8.35 -1.67 7.92
N LYS A 53 8.07 -1.69 9.22
CA LYS A 53 9.08 -1.52 10.25
C LYS A 53 10.21 -2.53 10.11
N GLU A 54 9.87 -3.70 9.56
CA GLU A 54 10.86 -4.76 9.35
C GLU A 54 11.09 -5.01 7.87
N ARG A 55 10.04 -4.86 7.08
CA ARG A 55 10.14 -5.01 5.63
C ARG A 55 10.48 -3.65 5.02
N GLU A 56 11.73 -3.24 5.19
CA GLU A 56 12.18 -1.93 4.76
C GLU A 56 12.52 -1.88 3.27
N GLY A 57 11.94 -0.91 2.57
CA GLY A 57 12.25 -0.69 1.16
C GLY A 57 12.04 -1.93 0.32
N LYS A 58 10.94 -2.64 0.56
CA LYS A 58 10.65 -3.85 -0.19
C LYS A 58 9.26 -3.80 -0.80
N PHE A 59 8.47 -2.82 -0.35
CA PHE A 59 7.12 -2.63 -0.88
C PHE A 59 6.66 -1.22 -0.55
N ASN A 60 5.83 -0.66 -1.41
CA ASN A 60 5.33 0.69 -1.21
C ASN A 60 3.83 0.66 -0.93
N ILE A 61 3.41 1.34 0.14
CA ILE A 61 2.02 1.37 0.53
C ILE A 61 1.33 2.62 0.02
N TYR A 62 0.43 2.45 -0.93
CA TYR A 62 -0.33 3.55 -1.47
C TYR A 62 -1.68 3.64 -0.78
N TYR A 63 -1.92 4.74 -0.08
CA TYR A 63 -3.22 4.95 0.55
C TYR A 63 -4.21 5.41 -0.49
N ALA A 64 -5.08 4.51 -0.91
CA ALA A 64 -6.16 4.87 -1.80
C ALA A 64 -7.32 5.38 -0.98
N ARG A 65 -7.17 6.59 -0.48
CA ARG A 65 -8.13 7.17 0.42
C ARG A 65 -9.27 7.81 -0.34
N LEU A 66 -10.48 7.41 -0.01
CA LEU A 66 -11.70 7.98 -0.60
C LEU A 66 -11.89 9.44 -0.19
N GLU A 67 -10.83 10.00 0.39
CA GLU A 67 -10.85 11.36 0.89
C GLU A 67 -10.59 12.32 -0.25
N GLU A 68 -9.90 11.83 -1.28
CA GLU A 68 -9.64 12.62 -2.47
C GLU A 68 -10.29 11.94 -3.68
N GLU A 69 -10.73 12.75 -4.63
CA GLU A 69 -11.45 12.24 -5.80
C GLU A 69 -10.54 11.43 -6.72
N LYS A 70 -9.23 11.61 -6.57
CA LYS A 70 -8.25 10.92 -7.41
C LYS A 70 -8.37 9.40 -7.19
N ASN A 71 -8.72 9.03 -5.96
CA ASN A 71 -8.74 7.63 -5.57
C ASN A 71 -10.05 7.00 -5.98
N ILE A 72 -10.99 7.82 -6.42
CA ILE A 72 -12.25 7.32 -6.95
C ILE A 72 -12.00 6.66 -8.31
N ASP A 73 -11.18 7.32 -9.12
CA ASP A 73 -10.76 6.76 -10.40
C ASP A 73 -9.95 5.50 -10.17
N LEU A 74 -9.02 5.58 -9.22
CA LEU A 74 -8.22 4.42 -8.81
C LEU A 74 -9.12 3.28 -8.33
N ALA A 75 -10.18 3.62 -7.60
CA ALA A 75 -11.11 2.64 -7.07
C ALA A 75 -11.67 1.76 -8.18
N TYR A 76 -12.30 2.38 -9.16
CA TYR A 76 -12.90 1.62 -10.26
C TYR A 76 -11.82 0.94 -11.09
N LYS A 77 -10.68 1.58 -11.20
CA LYS A 77 -9.55 1.08 -11.97
C LYS A 77 -8.97 -0.19 -11.32
N TYR A 78 -9.30 -0.42 -10.07
CA TYR A 78 -8.83 -1.60 -9.36
C TYR A 78 -9.98 -2.45 -8.82
N ASP A 79 -11.21 -2.13 -9.26
CA ASP A 79 -12.40 -2.92 -8.92
C ASP A 79 -12.79 -2.76 -7.45
N ALA A 80 -12.38 -1.65 -6.86
CA ALA A 80 -12.68 -1.37 -5.47
C ALA A 80 -14.07 -0.76 -5.34
N ASN A 81 -15.02 -1.59 -4.92
CA ASN A 81 -16.39 -1.15 -4.74
C ASN A 81 -16.65 -0.75 -3.29
N ILE A 82 -16.16 -1.54 -2.36
CA ILE A 82 -16.33 -1.28 -0.93
C ILE A 82 -15.01 -1.45 -0.19
N VAL A 83 -14.87 -0.73 0.91
CA VAL A 83 -13.64 -0.73 1.68
C VAL A 83 -13.77 -1.62 2.92
N PRO A 84 -12.64 -2.08 3.49
CA PRO A 84 -11.30 -1.78 2.98
C PRO A 84 -10.89 -2.71 1.84
N THR A 85 -10.52 -2.14 0.72
CA THR A 85 -10.09 -2.92 -0.42
C THR A 85 -8.56 -3.00 -0.44
N THR A 86 -8.03 -4.18 -0.23
CA THR A 86 -6.60 -4.37 -0.22
C THR A 86 -6.13 -4.98 -1.53
N VAL A 87 -5.41 -4.21 -2.31
CA VAL A 87 -4.90 -4.66 -3.59
C VAL A 87 -3.39 -4.87 -3.50
N PHE A 88 -2.98 -6.12 -3.57
CA PHE A 88 -1.57 -6.46 -3.54
C PHE A 88 -1.02 -6.55 -4.96
N LEU A 89 -0.26 -5.54 -5.35
CA LEU A 89 0.39 -5.54 -6.64
C LEU A 89 1.81 -6.05 -6.49
N ASP A 90 2.22 -6.91 -7.40
CA ASP A 90 3.61 -7.34 -7.43
C ASP A 90 4.47 -6.18 -7.97
N LYS A 91 5.78 -6.38 -8.02
CA LYS A 91 6.72 -5.34 -8.41
C LYS A 91 6.39 -4.69 -9.75
N GLU A 92 5.73 -5.44 -10.63
CA GLU A 92 5.45 -4.95 -11.98
C GLU A 92 4.10 -4.24 -12.05
N GLY A 93 3.46 -4.10 -10.90
CA GLY A 93 2.19 -3.40 -10.83
C GLY A 93 1.02 -4.28 -11.25
N ASN A 94 1.26 -5.59 -11.33
CA ASN A 94 0.21 -6.52 -11.71
C ASN A 94 -0.68 -6.84 -10.52
N LYS A 95 -1.97 -6.97 -10.77
CA LYS A 95 -2.93 -7.30 -9.73
C LYS A 95 -2.88 -8.79 -9.45
N PHE A 96 -1.92 -9.20 -8.63
CA PHE A 96 -1.71 -10.61 -8.33
C PHE A 96 -2.73 -11.10 -7.29
N TYR A 97 -2.97 -10.29 -6.27
CA TYR A 97 -3.90 -10.69 -5.22
C TYR A 97 -4.73 -9.51 -4.75
N VAL A 98 -6.02 -9.57 -5.01
CA VAL A 98 -6.96 -8.56 -4.52
C VAL A 98 -7.84 -9.17 -3.44
N HIS A 99 -7.92 -8.50 -2.30
CA HIS A 99 -8.63 -9.02 -1.14
C HIS A 99 -9.43 -7.89 -0.50
N GLN A 100 -10.62 -8.22 -0.01
CA GLN A 100 -11.47 -7.22 0.62
C GLN A 100 -11.74 -7.58 2.07
N GLY A 101 -11.43 -6.67 2.97
CA GLY A 101 -11.65 -6.92 4.38
C GLY A 101 -10.54 -6.34 5.23
N LEU A 102 -10.51 -6.72 6.49
CA LEU A 102 -9.51 -6.22 7.42
C LEU A 102 -8.47 -7.31 7.70
N MET A 103 -7.21 -7.01 7.41
CA MET A 103 -6.14 -7.98 7.64
C MET A 103 -5.16 -7.44 8.68
N ARG A 104 -4.40 -8.35 9.27
CA ARG A 104 -3.41 -8.00 10.27
C ARG A 104 -1.99 -8.21 9.73
N LYS A 105 -1.00 -7.73 10.48
CA LYS A 105 0.40 -7.79 10.07
C LYS A 105 0.80 -9.16 9.55
N ASN A 106 0.57 -10.20 10.34
CA ASN A 106 0.95 -11.56 9.98
C ASN A 106 0.35 -11.98 8.64
N ASN A 107 -0.89 -11.57 8.43
CA ASN A 107 -1.62 -11.96 7.24
C ASN A 107 -1.03 -11.25 6.02
N ILE A 108 -0.78 -9.95 6.18
CA ILE A 108 -0.16 -9.17 5.13
C ILE A 108 1.22 -9.73 4.79
N GLU A 109 2.00 -9.96 5.85
CA GLU A 109 3.35 -10.51 5.73
C GLU A 109 3.36 -11.81 4.93
N THR A 110 2.45 -12.72 5.27
CA THR A 110 2.34 -14.00 4.59
C THR A 110 1.93 -13.80 3.13
N ILE A 111 1.04 -12.85 2.90
CA ILE A 111 0.59 -12.56 1.55
C ILE A 111 1.75 -12.01 0.70
N LEU A 112 2.57 -11.14 1.29
CA LEU A 112 3.73 -10.60 0.58
C LEU A 112 4.69 -11.73 0.21
N ASN A 113 4.77 -12.72 1.09
CA ASN A 113 5.62 -13.88 0.87
C ASN A 113 5.22 -14.60 -0.41
N SER A 114 3.92 -14.79 -0.60
CA SER A 114 3.41 -15.49 -1.78
C SER A 114 3.21 -14.55 -2.97
N LEU A 115 3.18 -13.25 -2.69
CA LEU A 115 2.98 -12.23 -3.72
C LEU A 115 4.21 -12.12 -4.60
N GLY A 116 5.26 -11.57 -4.03
CA GLY A 116 6.51 -11.43 -4.74
C GLY A 116 7.58 -10.81 -3.88
N VAL A 117 7.45 -9.51 -3.65
CA VAL A 117 8.45 -8.74 -2.93
C VAL A 117 9.84 -8.98 -3.53
N LYS A 118 10.04 -8.39 -4.69
CA LYS A 118 11.22 -8.62 -5.48
C LYS A 118 11.43 -7.47 -6.45
N GLU A 119 12.61 -7.40 -7.07
CA GLU A 119 12.85 -6.43 -8.12
C GLU A 119 13.69 -7.06 -9.21
N GLY A 120 13.03 -7.68 -10.17
CA GLY A 120 13.69 -8.09 -11.39
C GLY A 120 14.15 -6.87 -12.16
N HIS A 121 15.43 -6.56 -12.04
CA HIS A 121 15.96 -5.28 -12.49
C HIS A 121 15.62 -4.98 -13.95
N HIS A 122 14.68 -4.06 -14.14
CA HIS A 122 14.37 -3.54 -15.47
C HIS A 122 15.48 -2.60 -15.91
N HIS A 123 15.25 -1.87 -17.00
CA HIS A 123 16.26 -0.93 -17.49
C HIS A 123 16.45 0.24 -16.53
N HIS A 124 17.31 0.03 -15.54
CA HIS A 124 17.70 1.08 -14.60
C HIS A 124 19.17 1.39 -14.78
N HIS A 125 19.71 0.94 -15.90
CA HIS A 125 21.13 1.06 -16.17
C HIS A 125 21.39 2.22 -17.12
N HIS A 126 22.51 2.90 -16.91
CA HIS A 126 22.99 3.91 -17.83
C HIS A 126 24.20 3.37 -18.57
N MET A 1 -10.78 16.00 -1.21
CA MET A 1 -9.62 16.26 -2.10
C MET A 1 -8.32 16.23 -1.30
N SER A 2 -7.22 15.95 -1.98
CA SER A 2 -5.91 15.93 -1.34
C SER A 2 -5.50 17.34 -0.92
N LEU A 3 -5.57 17.61 0.38
CA LEU A 3 -5.20 18.91 0.92
C LEU A 3 -3.78 18.89 1.48
N GLU A 4 -3.26 17.68 1.65
CA GLU A 4 -1.97 17.49 2.29
C GLU A 4 -0.89 17.13 1.29
N GLY A 5 -0.90 15.89 0.80
CA GLY A 5 0.12 15.43 -0.13
C GLY A 5 1.44 15.15 0.54
N ILE A 6 1.92 16.14 1.29
CA ILE A 6 3.16 16.01 2.03
C ILE A 6 2.89 16.27 3.51
N LYS A 7 3.95 16.54 4.27
CA LYS A 7 3.84 16.87 5.70
C LYS A 7 3.50 15.62 6.52
N GLN A 8 2.28 15.14 6.37
CA GLN A 8 1.84 13.95 7.08
C GLN A 8 2.35 12.70 6.40
N ILE A 9 2.42 12.79 5.10
CA ILE A 9 2.99 11.72 4.30
C ILE A 9 4.49 11.95 4.16
N ASN A 10 5.25 11.20 4.96
CA ASN A 10 6.70 11.33 5.01
C ASN A 10 7.24 10.34 6.03
N PHE A 11 6.50 10.19 7.12
CA PHE A 11 6.86 9.29 8.20
C PHE A 11 5.62 8.60 8.75
N GLN A 12 5.72 8.11 9.99
CA GLN A 12 4.60 7.49 10.72
C GLN A 12 4.30 6.07 10.19
N SER A 13 4.16 5.94 8.88
CA SER A 13 3.90 4.64 8.27
C SER A 13 5.12 4.13 7.52
N ILE A 14 6.16 4.98 7.45
CA ILE A 14 7.44 4.64 6.80
C ILE A 14 7.28 4.53 5.29
N ASN A 15 6.66 3.44 4.81
CA ASN A 15 6.53 3.19 3.39
C ASN A 15 5.29 3.87 2.82
N VAL A 16 4.90 4.98 3.42
CA VAL A 16 3.69 5.70 3.04
C VAL A 16 3.85 6.41 1.69
N VAL A 17 2.90 6.18 0.80
CA VAL A 17 2.95 6.76 -0.53
C VAL A 17 1.65 7.49 -0.88
N GLU A 18 1.82 8.70 -1.43
CA GLU A 18 0.71 9.57 -1.82
C GLU A 18 -0.11 8.98 -2.97
N ASN A 19 0.54 8.65 -4.06
CA ASN A 19 -0.15 8.14 -5.24
C ASN A 19 0.79 7.26 -6.06
N LEU A 20 0.28 6.72 -7.16
CA LEU A 20 1.04 5.80 -8.00
C LEU A 20 2.32 6.46 -8.54
N GLU A 21 2.26 7.77 -8.75
CA GLU A 21 3.43 8.52 -9.20
C GLU A 21 4.57 8.40 -8.18
N GLU A 22 4.19 8.35 -6.91
CA GLU A 22 5.16 8.27 -5.83
C GLU A 22 5.61 6.83 -5.60
N ALA A 23 4.96 5.89 -6.26
CA ALA A 23 5.42 4.51 -6.22
C ALA A 23 6.52 4.33 -7.24
N LYS A 24 7.74 4.19 -6.76
CA LYS A 24 8.92 4.21 -7.62
C LYS A 24 9.82 3.03 -7.32
N GLU A 25 10.86 2.89 -8.15
CA GLU A 25 11.81 1.79 -8.05
C GLU A 25 11.12 0.46 -8.39
N GLY A 26 11.91 -0.58 -8.59
CA GLY A 26 11.35 -1.88 -8.95
C GLY A 26 10.86 -2.65 -7.73
N ILE A 27 10.05 -2.00 -6.91
CA ILE A 27 9.45 -2.64 -5.74
C ILE A 27 7.94 -2.69 -5.87
N PRO A 28 7.32 -3.73 -5.29
CA PRO A 28 5.87 -3.92 -5.32
C PRO A 28 5.11 -2.77 -4.66
N THR A 29 3.80 -2.75 -4.85
CA THR A 29 2.97 -1.70 -4.30
C THR A 29 1.71 -2.28 -3.68
N ILE A 30 1.49 -1.96 -2.42
CA ILE A 30 0.31 -2.42 -1.71
C ILE A 30 -0.68 -1.27 -1.55
N ILE A 31 -1.82 -1.41 -2.19
CA ILE A 31 -2.87 -0.42 -2.11
C ILE A 31 -3.93 -0.86 -1.11
N MET A 32 -4.43 0.06 -0.30
CA MET A 32 -5.58 -0.23 0.54
C MET A 32 -6.58 0.91 0.45
N PHE A 33 -7.74 0.60 -0.12
CA PHE A 33 -8.82 1.56 -0.23
C PHE A 33 -9.53 1.72 1.10
N LYS A 34 -9.80 2.96 1.48
CA LYS A 34 -10.44 3.28 2.74
C LYS A 34 -11.41 4.44 2.57
N THR A 35 -12.42 4.48 3.42
CA THR A 35 -13.35 5.59 3.45
C THR A 35 -12.66 6.82 4.05
N ASP A 36 -13.24 7.99 3.88
CA ASP A 36 -12.67 9.22 4.43
C ASP A 36 -12.54 9.14 5.95
N THR A 37 -13.57 8.64 6.62
CA THR A 37 -13.55 8.49 8.06
C THR A 37 -13.99 7.09 8.49
N CYS A 38 -13.03 6.21 8.73
CA CYS A 38 -13.33 4.86 9.19
C CYS A 38 -12.19 4.32 10.04
N PRO A 39 -12.51 3.59 11.12
CA PRO A 39 -11.51 3.00 12.00
C PRO A 39 -10.74 1.87 11.34
N TYR A 40 -11.41 1.16 10.42
CA TYR A 40 -10.77 0.08 9.68
C TYR A 40 -9.59 0.61 8.86
N CYS A 41 -9.67 1.89 8.52
CA CYS A 41 -8.61 2.56 7.79
C CYS A 41 -7.31 2.54 8.59
N VAL A 42 -7.38 3.02 9.83
CA VAL A 42 -6.20 3.22 10.63
C VAL A 42 -5.64 1.88 11.13
N GLU A 43 -6.53 0.96 11.48
CA GLU A 43 -6.12 -0.34 12.00
C GLU A 43 -5.29 -1.10 10.97
N MET A 44 -5.82 -1.20 9.75
CA MET A 44 -5.17 -1.99 8.71
C MET A 44 -3.87 -1.35 8.26
N GLN A 45 -3.85 -0.02 8.19
CA GLN A 45 -2.70 0.69 7.71
C GLN A 45 -1.56 0.68 8.74
N LYS A 46 -1.91 0.67 10.02
CA LYS A 46 -0.90 0.58 11.05
C LYS A 46 -0.33 -0.83 11.13
N GLU A 47 -1.13 -1.82 10.77
CA GLU A 47 -0.63 -3.18 10.61
C GLU A 47 0.40 -3.19 9.48
N LEU A 48 0.06 -2.52 8.37
CA LEU A 48 0.99 -2.34 7.26
C LEU A 48 2.26 -1.65 7.74
N SER A 49 2.09 -0.70 8.67
CA SER A 49 3.21 0.02 9.25
C SER A 49 4.09 -0.93 10.06
N TYR A 50 3.46 -1.87 10.77
CA TYR A 50 4.20 -2.89 11.50
C TYR A 50 4.96 -3.79 10.53
N VAL A 51 4.34 -4.10 9.41
CA VAL A 51 4.98 -4.89 8.37
C VAL A 51 6.16 -4.13 7.78
N SER A 52 6.00 -2.82 7.67
CA SER A 52 7.05 -1.95 7.15
C SER A 52 8.27 -1.97 8.07
N LYS A 53 8.01 -2.15 9.36
CA LYS A 53 9.09 -2.27 10.35
C LYS A 53 9.88 -3.55 10.14
N GLU A 54 9.23 -4.56 9.56
CA GLU A 54 9.86 -5.84 9.29
C GLU A 54 10.26 -5.93 7.82
N ARG A 55 10.04 -4.86 7.08
CA ARG A 55 10.33 -4.84 5.65
C ARG A 55 10.40 -3.39 5.17
N GLU A 56 11.52 -2.75 5.47
CA GLU A 56 11.68 -1.32 5.25
C GLU A 56 12.08 -1.03 3.81
N GLY A 57 11.31 -0.16 3.15
CA GLY A 57 11.63 0.28 1.81
C GLY A 57 11.69 -0.85 0.79
N LYS A 58 10.74 -1.78 0.87
CA LYS A 58 10.73 -2.92 -0.04
C LYS A 58 9.39 -3.01 -0.76
N PHE A 59 8.50 -2.09 -0.45
CA PHE A 59 7.21 -2.00 -1.13
C PHE A 59 6.55 -0.66 -0.83
N ASN A 60 5.92 -0.10 -1.84
CA ASN A 60 5.22 1.17 -1.69
C ASN A 60 3.84 0.96 -1.11
N ILE A 61 3.47 1.72 -0.08
CA ILE A 61 2.12 1.64 0.47
C ILE A 61 1.28 2.82 -0.02
N TYR A 62 0.35 2.54 -0.91
CA TYR A 62 -0.51 3.59 -1.44
C TYR A 62 -1.79 3.69 -0.62
N TYR A 63 -2.01 4.84 -0.01
CA TYR A 63 -3.23 5.05 0.77
C TYR A 63 -4.35 5.55 -0.12
N ALA A 64 -5.27 4.66 -0.43
CA ALA A 64 -6.35 4.97 -1.34
C ALA A 64 -7.62 5.36 -0.59
N ARG A 65 -7.68 6.61 -0.17
CA ARG A 65 -8.84 7.12 0.56
C ARG A 65 -9.81 7.81 -0.38
N LEU A 66 -11.08 7.43 -0.27
CA LEU A 66 -12.15 7.99 -1.10
C LEU A 66 -12.42 9.45 -0.73
N GLU A 67 -11.57 9.98 0.14
CA GLU A 67 -11.68 11.32 0.70
C GLU A 67 -11.10 12.37 -0.25
N GLU A 68 -10.29 11.92 -1.20
CA GLU A 68 -9.52 12.84 -2.02
C GLU A 68 -10.10 13.02 -3.42
N GLU A 69 -11.19 12.32 -3.71
CA GLU A 69 -11.83 12.34 -5.03
C GLU A 69 -10.97 11.65 -6.11
N LYS A 70 -9.65 11.80 -6.03
CA LYS A 70 -8.74 11.11 -6.94
C LYS A 70 -8.90 9.59 -6.81
N ASN A 71 -9.34 9.15 -5.65
CA ASN A 71 -9.56 7.72 -5.44
C ASN A 71 -10.94 7.29 -5.89
N ILE A 72 -11.74 8.21 -6.39
CA ILE A 72 -13.01 7.84 -6.99
C ILE A 72 -12.72 7.05 -8.26
N ASP A 73 -11.78 7.57 -9.04
CA ASP A 73 -11.34 6.92 -10.26
C ASP A 73 -10.50 5.69 -9.93
N LEU A 74 -9.52 5.86 -9.04
CA LEU A 74 -8.65 4.77 -8.64
C LEU A 74 -9.44 3.58 -8.06
N ALA A 75 -10.49 3.89 -7.30
CA ALA A 75 -11.34 2.84 -6.74
C ALA A 75 -12.05 2.06 -7.84
N TYR A 76 -12.64 2.78 -8.79
CA TYR A 76 -13.37 2.15 -9.89
C TYR A 76 -12.43 1.29 -10.74
N LYS A 77 -11.21 1.77 -10.93
CA LYS A 77 -10.20 1.03 -11.68
C LYS A 77 -10.01 -0.38 -11.12
N TYR A 78 -10.13 -0.52 -9.81
CA TYR A 78 -9.90 -1.79 -9.16
C TYR A 78 -11.17 -2.34 -8.54
N ASP A 79 -12.32 -1.76 -8.91
CA ASP A 79 -13.64 -2.25 -8.48
C ASP A 79 -13.78 -2.13 -6.95
N ALA A 80 -13.10 -1.16 -6.38
CA ALA A 80 -13.08 -0.99 -4.93
C ALA A 80 -14.23 -0.12 -4.46
N ASN A 81 -15.23 -0.76 -3.89
CA ASN A 81 -16.37 -0.05 -3.33
C ASN A 81 -16.62 -0.47 -1.88
N ILE A 82 -15.95 -1.54 -1.47
CA ILE A 82 -16.11 -2.07 -0.12
C ILE A 82 -14.81 -1.92 0.65
N VAL A 83 -14.90 -1.43 1.88
CA VAL A 83 -13.73 -1.27 2.72
C VAL A 83 -13.79 -2.20 3.92
N PRO A 84 -12.64 -2.71 4.39
CA PRO A 84 -11.35 -2.43 3.79
C PRO A 84 -11.04 -3.38 2.62
N THR A 85 -10.16 -2.96 1.74
CA THR A 85 -9.78 -3.78 0.61
C THR A 85 -8.39 -3.41 0.16
N THR A 86 -7.60 -4.41 -0.16
CA THR A 86 -6.22 -4.21 -0.51
C THR A 86 -5.90 -4.81 -1.86
N VAL A 87 -5.10 -4.09 -2.61
CA VAL A 87 -4.66 -4.52 -3.92
C VAL A 87 -3.15 -4.73 -3.90
N PHE A 88 -2.75 -5.98 -4.01
CA PHE A 88 -1.34 -6.34 -3.99
C PHE A 88 -0.76 -6.33 -5.40
N LEU A 89 0.06 -5.33 -5.66
CA LEU A 89 0.75 -5.21 -6.95
C LEU A 89 2.17 -5.77 -6.82
N ASP A 90 2.54 -6.64 -7.75
CA ASP A 90 3.89 -7.22 -7.79
C ASP A 90 4.89 -6.15 -8.27
N LYS A 91 6.19 -6.45 -8.17
CA LYS A 91 7.24 -5.50 -8.51
C LYS A 91 7.20 -5.10 -9.98
N GLU A 92 6.62 -5.95 -10.82
CA GLU A 92 6.51 -5.66 -12.24
C GLU A 92 5.40 -4.63 -12.48
N GLY A 93 4.68 -4.30 -11.41
CA GLY A 93 3.60 -3.34 -11.50
C GLY A 93 2.30 -3.95 -11.94
N ASN A 94 2.15 -5.25 -11.74
CA ASN A 94 0.95 -5.96 -12.13
C ASN A 94 0.13 -6.33 -10.90
N LYS A 95 -1.18 -6.37 -11.05
CA LYS A 95 -2.06 -6.75 -9.96
C LYS A 95 -2.03 -8.25 -9.77
N PHE A 96 -1.58 -8.69 -8.61
CA PHE A 96 -1.47 -10.11 -8.32
C PHE A 96 -2.68 -10.61 -7.54
N TYR A 97 -3.02 -9.91 -6.46
CA TYR A 97 -4.10 -10.38 -5.60
C TYR A 97 -4.84 -9.22 -4.94
N VAL A 98 -6.15 -9.31 -4.92
CA VAL A 98 -6.98 -8.35 -4.19
C VAL A 98 -7.69 -9.05 -3.04
N HIS A 99 -7.93 -8.33 -1.96
CA HIS A 99 -8.54 -8.91 -0.79
C HIS A 99 -9.48 -7.90 -0.15
N GLN A 100 -10.61 -8.38 0.33
CA GLN A 100 -11.53 -7.56 1.10
C GLN A 100 -11.54 -8.04 2.53
N GLY A 101 -11.22 -7.14 3.45
CA GLY A 101 -11.13 -7.51 4.84
C GLY A 101 -10.05 -6.74 5.56
N LEU A 102 -10.02 -6.88 6.87
CA LEU A 102 -9.07 -6.16 7.70
C LEU A 102 -7.72 -6.86 7.73
N MET A 103 -7.76 -8.07 8.24
CA MET A 103 -6.57 -8.90 8.45
C MET A 103 -5.63 -8.26 9.48
N ARG A 104 -4.56 -8.97 9.81
CA ARG A 104 -3.51 -8.42 10.67
C ARG A 104 -2.17 -8.46 9.95
N LYS A 105 -1.15 -7.95 10.62
CA LYS A 105 0.20 -7.86 10.08
C LYS A 105 0.68 -9.13 9.38
N ASN A 106 0.71 -10.24 10.11
CA ASN A 106 1.27 -11.48 9.57
C ASN A 106 0.45 -12.02 8.41
N ASN A 107 -0.85 -11.74 8.44
CA ASN A 107 -1.73 -12.17 7.35
C ASN A 107 -1.33 -11.47 6.08
N ILE A 108 -1.13 -10.17 6.18
CA ILE A 108 -0.63 -9.37 5.07
C ILE A 108 0.74 -9.88 4.65
N GLU A 109 1.61 -10.09 5.63
CA GLU A 109 2.95 -10.63 5.40
C GLU A 109 2.92 -11.90 4.55
N THR A 110 2.05 -12.82 4.91
CA THR A 110 1.94 -14.09 4.21
C THR A 110 1.53 -13.88 2.75
N ILE A 111 0.59 -12.95 2.54
CA ILE A 111 0.15 -12.64 1.19
C ILE A 111 1.27 -11.94 0.42
N LEU A 112 2.03 -11.09 1.11
CA LEU A 112 3.16 -10.42 0.50
C LEU A 112 4.23 -11.43 0.08
N ASN A 113 4.37 -12.48 0.87
CA ASN A 113 5.30 -13.56 0.57
C ASN A 113 4.94 -14.22 -0.76
N SER A 114 3.65 -14.39 -1.00
CA SER A 114 3.18 -14.96 -2.26
C SER A 114 3.18 -13.92 -3.38
N LEU A 115 3.01 -12.66 -3.00
CA LEU A 115 3.01 -11.53 -3.93
C LEU A 115 4.39 -11.36 -4.57
N GLY A 116 5.33 -10.91 -3.76
CA GLY A 116 6.69 -10.76 -4.23
C GLY A 116 7.54 -10.04 -3.21
N VAL A 117 7.33 -8.73 -3.07
CA VAL A 117 8.12 -7.88 -2.19
C VAL A 117 9.61 -8.02 -2.56
N LYS A 118 9.82 -8.15 -3.86
CA LYS A 118 11.12 -8.35 -4.45
C LYS A 118 11.64 -7.04 -5.04
N GLU A 119 12.85 -6.66 -4.65
CA GLU A 119 13.42 -5.38 -5.06
C GLU A 119 14.23 -5.54 -6.33
N GLY A 120 13.73 -4.98 -7.43
CA GLY A 120 14.45 -5.02 -8.68
C GLY A 120 14.79 -3.63 -9.16
N HIS A 121 15.99 -3.15 -8.80
CA HIS A 121 16.41 -1.80 -9.18
C HIS A 121 16.43 -1.64 -10.70
N HIS A 122 15.71 -0.64 -11.17
CA HIS A 122 15.53 -0.42 -12.60
C HIS A 122 16.70 0.32 -13.22
N HIS A 123 17.78 -0.41 -13.52
CA HIS A 123 18.93 0.12 -14.26
C HIS A 123 20.00 -0.96 -14.40
N HIS A 124 21.02 -0.67 -15.21
CA HIS A 124 22.14 -1.59 -15.41
C HIS A 124 23.29 -1.12 -14.53
N HIS A 125 24.53 -1.39 -14.94
CA HIS A 125 25.66 -0.68 -14.35
C HIS A 125 25.52 0.79 -14.73
N HIS A 126 24.77 1.00 -15.81
CA HIS A 126 24.30 2.29 -16.23
C HIS A 126 22.96 2.09 -16.94
N MET A 1 4.67 13.24 -6.95
CA MET A 1 5.68 12.48 -6.17
C MET A 1 5.73 13.03 -4.76
N SER A 2 5.67 12.13 -3.77
CA SER A 2 5.57 12.55 -2.39
C SER A 2 6.87 13.14 -1.85
N LEU A 3 7.10 14.39 -2.21
CA LEU A 3 8.11 15.21 -1.56
C LEU A 3 7.37 16.31 -0.83
N GLU A 4 7.20 16.13 0.47
CA GLU A 4 6.30 16.97 1.24
C GLU A 4 6.77 18.41 1.31
N GLY A 5 8.08 18.63 1.43
CA GLY A 5 8.60 19.97 1.58
C GLY A 5 8.46 20.45 3.00
N ILE A 6 7.22 20.51 3.47
CA ILE A 6 6.94 20.77 4.87
C ILE A 6 6.47 19.46 5.49
N LYS A 7 6.78 19.25 6.76
CA LYS A 7 6.44 18.00 7.41
C LYS A 7 4.93 17.87 7.57
N GLN A 8 4.32 17.11 6.67
CA GLN A 8 2.89 16.90 6.71
C GLN A 8 2.56 15.42 6.75
N ILE A 9 3.60 14.62 6.66
CA ILE A 9 3.47 13.19 6.81
C ILE A 9 4.20 12.76 8.10
N ASN A 10 3.72 11.71 8.73
CA ASN A 10 4.23 11.31 10.04
C ASN A 10 5.11 10.07 9.94
N PHE A 11 5.49 9.55 11.10
CA PHE A 11 6.21 8.29 11.18
C PHE A 11 5.19 7.13 11.27
N GLN A 12 5.67 5.94 11.65
CA GLN A 12 4.83 4.73 11.69
C GLN A 12 4.55 4.26 10.25
N SER A 13 3.87 5.09 9.50
CA SER A 13 3.64 4.85 8.09
C SER A 13 4.88 5.27 7.30
N ILE A 14 5.79 4.34 7.11
CA ILE A 14 7.05 4.62 6.42
C ILE A 14 6.95 4.34 4.93
N ASN A 15 6.77 3.08 4.58
CA ASN A 15 6.67 2.67 3.18
C ASN A 15 5.27 2.92 2.66
N VAL A 16 4.84 4.18 2.72
CA VAL A 16 3.47 4.51 2.37
C VAL A 16 3.40 5.69 1.41
N VAL A 17 2.35 5.71 0.59
CA VAL A 17 2.14 6.77 -0.37
C VAL A 17 0.65 7.04 -0.54
N GLU A 18 0.31 8.17 -1.13
CA GLU A 18 -1.09 8.50 -1.41
C GLU A 18 -1.50 8.01 -2.79
N ASN A 19 -0.75 8.41 -3.80
CA ASN A 19 -1.16 8.18 -5.19
C ASN A 19 -0.03 7.56 -6.01
N LEU A 20 -0.37 6.99 -7.17
CA LEU A 20 0.64 6.45 -8.08
C LEU A 20 1.49 7.59 -8.63
N GLU A 21 0.86 8.73 -8.82
CA GLU A 21 1.56 9.94 -9.23
C GLU A 21 2.48 10.42 -8.12
N GLU A 22 2.17 10.03 -6.89
CA GLU A 22 3.05 10.29 -5.75
C GLU A 22 4.08 9.17 -5.58
N ALA A 23 3.92 8.10 -6.33
CA ALA A 23 4.71 6.89 -6.13
C ALA A 23 5.50 6.50 -7.37
N LYS A 24 6.36 5.50 -7.21
CA LYS A 24 7.13 4.97 -8.32
C LYS A 24 7.21 3.45 -8.21
N GLU A 25 7.52 2.79 -9.32
CA GLU A 25 7.59 1.34 -9.34
C GLU A 25 9.00 0.87 -8.97
N GLY A 26 9.18 -0.45 -8.94
CA GLY A 26 10.44 -1.02 -8.48
C GLY A 26 10.26 -1.64 -7.12
N ILE A 27 9.33 -1.10 -6.36
CA ILE A 27 8.94 -1.68 -5.09
C ILE A 27 7.46 -2.05 -5.15
N PRO A 28 7.12 -3.26 -4.67
CA PRO A 28 5.73 -3.76 -4.68
C PRO A 28 4.77 -2.79 -4.02
N THR A 29 3.62 -2.61 -4.65
CA THR A 29 2.66 -1.61 -4.20
C THR A 29 1.44 -2.27 -3.58
N ILE A 30 1.20 -1.96 -2.31
CA ILE A 30 0.02 -2.46 -1.63
C ILE A 30 -1.03 -1.36 -1.61
N ILE A 31 -2.07 -1.53 -2.41
CA ILE A 31 -3.10 -0.51 -2.52
C ILE A 31 -4.27 -0.83 -1.60
N MET A 32 -4.44 -0.02 -0.58
CA MET A 32 -5.57 -0.18 0.32
C MET A 32 -6.45 1.07 0.28
N PHE A 33 -7.75 0.86 0.22
CA PHE A 33 -8.69 1.96 0.13
C PHE A 33 -9.12 2.40 1.51
N LYS A 34 -9.09 3.71 1.73
CA LYS A 34 -9.48 4.27 3.01
C LYS A 34 -10.46 5.42 2.79
N THR A 35 -11.48 5.48 3.64
CA THR A 35 -12.41 6.59 3.62
C THR A 35 -11.77 7.79 4.30
N ASP A 36 -12.29 8.98 4.06
CA ASP A 36 -11.80 10.16 4.73
C ASP A 36 -12.15 10.08 6.21
N THR A 37 -11.15 9.75 7.02
CA THR A 37 -11.34 9.54 8.45
C THR A 37 -12.06 8.22 8.73
N CYS A 38 -11.29 7.15 8.87
CA CYS A 38 -11.85 5.83 9.18
C CYS A 38 -10.88 5.02 10.02
N PRO A 39 -11.35 4.51 11.16
CA PRO A 39 -10.49 3.83 12.13
C PRO A 39 -10.04 2.43 11.69
N TYR A 40 -10.89 1.73 10.97
CA TYR A 40 -10.59 0.35 10.58
C TYR A 40 -9.43 0.30 9.60
N CYS A 41 -9.23 1.38 8.87
CA CYS A 41 -8.11 1.48 7.95
C CYS A 41 -6.84 1.82 8.72
N VAL A 42 -6.98 2.66 9.74
CA VAL A 42 -5.86 3.02 10.61
C VAL A 42 -5.37 1.79 11.35
N GLU A 43 -6.31 0.92 11.70
CA GLU A 43 -6.00 -0.35 12.35
C GLU A 43 -5.03 -1.16 11.47
N MET A 44 -5.35 -1.23 10.18
CA MET A 44 -4.51 -1.96 9.24
C MET A 44 -3.17 -1.27 9.04
N GLN A 45 -3.15 0.05 9.15
CA GLN A 45 -1.90 0.81 9.06
C GLN A 45 -0.94 0.37 10.16
N LYS A 46 -1.49 0.13 11.35
CA LYS A 46 -0.70 -0.37 12.48
C LYS A 46 -0.02 -1.67 12.08
N GLU A 47 -0.83 -2.60 11.59
CA GLU A 47 -0.32 -3.89 11.13
C GLU A 47 0.74 -3.71 10.06
N LEU A 48 0.43 -2.86 9.08
CA LEU A 48 1.34 -2.58 7.97
C LEU A 48 2.68 -2.04 8.47
N SER A 49 2.64 -1.22 9.51
CA SER A 49 3.85 -0.66 10.09
C SER A 49 4.69 -1.77 10.71
N TYR A 50 4.02 -2.74 11.33
CA TYR A 50 4.71 -3.88 11.91
C TYR A 50 5.27 -4.79 10.83
N VAL A 51 4.54 -4.91 9.73
CA VAL A 51 5.03 -5.67 8.58
C VAL A 51 6.20 -4.95 7.94
N SER A 52 6.19 -3.63 8.01
CA SER A 52 7.31 -2.82 7.56
C SER A 52 8.55 -3.12 8.39
N LYS A 53 8.34 -3.44 9.66
CA LYS A 53 9.46 -3.78 10.55
C LYS A 53 10.01 -5.17 10.21
N GLU A 54 9.24 -5.93 9.46
CA GLU A 54 9.69 -7.23 8.95
C GLU A 54 10.39 -7.02 7.62
N ARG A 55 9.84 -6.13 6.81
CA ARG A 55 10.33 -5.89 5.46
C ARG A 55 10.44 -4.39 5.22
N GLU A 56 11.47 -3.78 5.79
CA GLU A 56 11.60 -2.32 5.78
C GLU A 56 12.20 -1.82 4.47
N GLY A 57 11.59 -0.79 3.91
CA GLY A 57 12.06 -0.21 2.66
C GLY A 57 12.05 -1.22 1.54
N LYS A 58 11.02 -2.04 1.47
CA LYS A 58 10.97 -3.14 0.50
C LYS A 58 9.73 -3.04 -0.37
N PHE A 59 8.83 -2.12 -0.02
CA PHE A 59 7.59 -1.96 -0.75
C PHE A 59 7.03 -0.56 -0.54
N ASN A 60 5.85 -0.31 -1.10
CA ASN A 60 5.17 0.97 -0.96
C ASN A 60 3.67 0.75 -0.89
N ILE A 61 3.03 1.41 0.07
CA ILE A 61 1.59 1.23 0.28
C ILE A 61 0.79 2.43 -0.21
N TYR A 62 -0.02 2.21 -1.22
CA TYR A 62 -0.88 3.23 -1.78
C TYR A 62 -2.17 3.32 -0.96
N TYR A 63 -2.38 4.45 -0.30
CA TYR A 63 -3.62 4.69 0.41
C TYR A 63 -4.61 5.43 -0.48
N ALA A 64 -5.66 4.75 -0.88
CA ALA A 64 -6.67 5.37 -1.73
C ALA A 64 -7.70 6.12 -0.90
N ARG A 65 -7.61 7.44 -0.85
CA ARG A 65 -8.61 8.20 -0.12
C ARG A 65 -9.87 8.32 -0.96
N LEU A 66 -10.95 7.71 -0.49
CA LEU A 66 -12.22 7.73 -1.22
C LEU A 66 -12.82 9.14 -1.23
N GLU A 67 -12.02 10.13 -0.82
CA GLU A 67 -12.50 11.50 -0.70
C GLU A 67 -12.41 12.20 -2.04
N GLU A 68 -11.31 11.98 -2.75
CA GLU A 68 -11.02 12.73 -3.95
C GLU A 68 -11.51 11.98 -5.18
N GLU A 69 -11.42 12.62 -6.34
CA GLU A 69 -11.92 12.06 -7.57
C GLU A 69 -10.89 11.17 -8.26
N LYS A 70 -9.61 11.47 -8.09
CA LYS A 70 -8.54 10.66 -8.67
C LYS A 70 -8.62 9.23 -8.13
N ASN A 71 -9.03 9.11 -6.88
CA ASN A 71 -9.11 7.81 -6.23
C ASN A 71 -10.37 7.07 -6.65
N ILE A 72 -11.33 7.81 -7.21
CA ILE A 72 -12.56 7.21 -7.72
C ILE A 72 -12.25 6.42 -8.99
N ASP A 73 -11.42 7.02 -9.84
CA ASP A 73 -10.92 6.33 -11.02
C ASP A 73 -10.14 5.09 -10.61
N LEU A 74 -9.24 5.28 -9.64
CA LEU A 74 -8.44 4.20 -9.10
C LEU A 74 -9.33 3.08 -8.56
N ALA A 75 -10.34 3.47 -7.80
CA ALA A 75 -11.28 2.54 -7.21
C ALA A 75 -11.91 1.63 -8.26
N TYR A 76 -12.46 2.23 -9.31
CA TYR A 76 -13.16 1.47 -10.33
C TYR A 76 -12.17 0.71 -11.21
N LYS A 77 -11.01 1.30 -11.42
CA LYS A 77 -9.95 0.71 -12.23
C LYS A 77 -9.43 -0.58 -11.59
N TYR A 78 -9.44 -0.63 -10.27
CA TYR A 78 -9.01 -1.82 -9.55
C TYR A 78 -10.19 -2.62 -9.03
N ASP A 79 -11.40 -2.13 -9.29
CA ASP A 79 -12.64 -2.85 -8.94
C ASP A 79 -12.81 -2.93 -7.42
N ALA A 80 -12.50 -1.84 -6.74
CA ALA A 80 -12.58 -1.79 -5.29
C ALA A 80 -13.15 -0.46 -4.82
N ASN A 81 -14.41 -0.47 -4.44
CA ASN A 81 -15.11 0.74 -4.00
C ASN A 81 -15.34 0.73 -2.49
N ILE A 82 -15.53 -0.45 -1.93
CA ILE A 82 -15.79 -0.56 -0.50
C ILE A 82 -14.49 -0.59 0.30
N VAL A 83 -14.58 -0.27 1.58
CA VAL A 83 -13.40 -0.24 2.44
C VAL A 83 -13.56 -1.24 3.60
N PRO A 84 -12.46 -1.86 4.03
CA PRO A 84 -11.15 -1.69 3.43
C PRO A 84 -10.82 -2.75 2.39
N THR A 85 -10.61 -2.33 1.17
CA THR A 85 -10.17 -3.22 0.11
C THR A 85 -8.66 -3.09 -0.06
N THR A 86 -8.00 -4.21 -0.35
CA THR A 86 -6.56 -4.20 -0.52
C THR A 86 -6.15 -5.02 -1.74
N VAL A 87 -5.49 -4.36 -2.68
CA VAL A 87 -4.97 -5.04 -3.86
C VAL A 87 -3.44 -5.04 -3.82
N PHE A 88 -2.86 -6.22 -3.95
CA PHE A 88 -1.42 -6.40 -3.83
C PHE A 88 -0.76 -6.44 -5.21
N LEU A 89 0.12 -5.49 -5.44
CA LEU A 89 0.79 -5.37 -6.73
C LEU A 89 2.26 -5.79 -6.62
N ASP A 90 2.73 -6.51 -7.63
CA ASP A 90 4.16 -6.83 -7.77
C ASP A 90 4.94 -5.52 -7.96
N LYS A 91 6.27 -5.59 -7.93
CA LYS A 91 7.09 -4.36 -8.01
C LYS A 91 6.89 -3.63 -9.35
N GLU A 92 6.31 -4.33 -10.33
CA GLU A 92 5.96 -3.71 -11.61
C GLU A 92 4.76 -2.79 -11.46
N GLY A 93 3.96 -3.05 -10.44
CA GLY A 93 2.67 -2.38 -10.32
C GLY A 93 1.57 -3.23 -10.89
N ASN A 94 1.85 -4.53 -11.05
CA ASN A 94 0.89 -5.48 -11.60
C ASN A 94 0.06 -6.09 -10.49
N LYS A 95 -1.25 -6.01 -10.60
CA LYS A 95 -2.15 -6.54 -9.58
C LYS A 95 -2.15 -8.06 -9.61
N PHE A 96 -1.63 -8.67 -8.55
CA PHE A 96 -1.54 -10.11 -8.48
C PHE A 96 -2.66 -10.68 -7.61
N TYR A 97 -2.77 -10.18 -6.38
CA TYR A 97 -3.73 -10.72 -5.44
C TYR A 97 -4.64 -9.64 -4.89
N VAL A 98 -5.91 -9.98 -4.72
CA VAL A 98 -6.88 -9.05 -4.13
C VAL A 98 -7.50 -9.65 -2.88
N HIS A 99 -7.68 -8.82 -1.87
CA HIS A 99 -8.32 -9.24 -0.63
C HIS A 99 -9.01 -8.04 -0.01
N GLN A 100 -10.20 -8.24 0.53
CA GLN A 100 -10.93 -7.14 1.14
C GLN A 100 -11.41 -7.53 2.54
N GLY A 101 -11.31 -6.58 3.45
CA GLY A 101 -11.64 -6.84 4.83
C GLY A 101 -10.50 -6.45 5.74
N LEU A 102 -10.62 -6.78 7.02
CA LEU A 102 -9.57 -6.45 7.98
C LEU A 102 -8.61 -7.62 8.12
N MET A 103 -7.32 -7.33 8.02
CA MET A 103 -6.29 -8.33 8.17
C MET A 103 -5.26 -7.89 9.21
N ARG A 104 -4.45 -8.83 9.66
CA ARG A 104 -3.40 -8.54 10.64
C ARG A 104 -2.02 -8.73 10.03
N LYS A 105 -0.99 -8.41 10.80
CA LYS A 105 0.41 -8.43 10.38
C LYS A 105 0.76 -9.71 9.63
N ASN A 106 0.61 -10.86 10.27
CA ASN A 106 1.04 -12.13 9.68
C ASN A 106 0.25 -12.46 8.42
N ASN A 107 -0.99 -12.00 8.34
CA ASN A 107 -1.80 -12.23 7.17
C ASN A 107 -1.19 -11.50 5.99
N ILE A 108 -0.81 -10.26 6.24
CA ILE A 108 -0.13 -9.45 5.25
C ILE A 108 1.24 -10.05 4.92
N GLU A 109 1.94 -10.50 5.97
CA GLU A 109 3.23 -11.17 5.82
C GLU A 109 3.14 -12.31 4.82
N THR A 110 2.12 -13.15 5.00
CA THR A 110 1.94 -14.32 4.15
C THR A 110 1.67 -13.91 2.70
N ILE A 111 0.83 -12.89 2.54
CA ILE A 111 0.46 -12.43 1.21
C ILE A 111 1.65 -11.81 0.50
N LEU A 112 2.38 -10.92 1.16
CA LEU A 112 3.53 -10.25 0.54
C LEU A 112 4.62 -11.26 0.24
N ASN A 113 4.75 -12.26 1.10
CA ASN A 113 5.73 -13.33 0.91
C ASN A 113 5.47 -14.08 -0.38
N SER A 114 4.19 -14.26 -0.71
CA SER A 114 3.80 -14.97 -1.92
C SER A 114 3.77 -14.02 -3.13
N LEU A 115 3.36 -12.77 -2.88
CA LEU A 115 3.27 -11.75 -3.92
C LEU A 115 4.62 -11.54 -4.60
N GLY A 116 5.53 -10.91 -3.89
CA GLY A 116 6.85 -10.69 -4.41
C GLY A 116 7.76 -10.02 -3.40
N VAL A 117 7.62 -8.69 -3.28
CA VAL A 117 8.48 -7.90 -2.42
C VAL A 117 9.94 -8.17 -2.76
N LYS A 118 10.35 -7.69 -3.92
CA LYS A 118 11.62 -8.07 -4.51
C LYS A 118 12.03 -7.14 -5.63
N GLU A 119 13.34 -6.94 -5.77
CA GLU A 119 13.94 -6.31 -6.94
C GLU A 119 15.44 -6.37 -6.79
N GLY A 120 16.17 -6.08 -7.86
CA GLY A 120 17.61 -6.19 -7.83
C GLY A 120 18.06 -7.62 -8.02
N HIS A 121 17.11 -8.55 -8.01
CA HIS A 121 17.40 -9.97 -8.15
C HIS A 121 17.61 -10.31 -9.62
N HIS A 122 18.79 -9.98 -10.13
CA HIS A 122 19.12 -10.24 -11.53
C HIS A 122 20.53 -10.79 -11.62
N HIS A 123 20.68 -11.91 -12.34
CA HIS A 123 22.00 -12.51 -12.53
C HIS A 123 22.78 -11.76 -13.61
N HIS A 124 23.51 -10.73 -13.18
CA HIS A 124 24.33 -9.91 -14.06
C HIS A 124 23.46 -9.23 -15.12
N HIS A 125 23.22 -9.92 -16.22
CA HIS A 125 22.36 -9.42 -17.28
C HIS A 125 21.92 -10.59 -18.17
N HIS A 126 22.09 -11.79 -17.63
CA HIS A 126 21.80 -13.04 -18.35
C HIS A 126 22.08 -14.22 -17.42
N MET A 1 14.28 21.63 1.77
CA MET A 1 12.91 21.06 1.75
C MET A 1 12.73 20.08 2.90
N SER A 2 11.87 20.44 3.84
CA SER A 2 11.70 19.66 5.07
C SER A 2 10.89 18.39 4.83
N LEU A 3 9.98 18.41 3.86
CA LEU A 3 9.16 17.25 3.58
C LEU A 3 9.43 16.71 2.18
N GLU A 4 9.52 15.40 2.07
CA GLU A 4 9.73 14.74 0.79
C GLU A 4 8.56 13.81 0.49
N GLY A 5 8.69 13.05 -0.58
CA GLY A 5 7.73 12.01 -0.88
C GLY A 5 8.37 10.64 -0.90
N ILE A 6 9.58 10.55 -0.34
CA ILE A 6 10.33 9.29 -0.35
C ILE A 6 10.98 9.01 1.00
N LYS A 7 11.77 9.94 1.52
CA LYS A 7 12.52 9.70 2.75
C LYS A 7 11.99 10.54 3.90
N GLN A 8 12.05 11.85 3.76
CA GLN A 8 11.60 12.76 4.81
C GLN A 8 10.07 12.83 4.89
N ILE A 9 9.49 11.80 5.48
CA ILE A 9 8.08 11.77 5.81
C ILE A 9 7.90 11.22 7.23
N ASN A 10 8.75 10.24 7.56
CA ASN A 10 8.86 9.73 8.93
C ASN A 10 7.59 9.00 9.37
N PHE A 11 7.20 9.21 10.63
CA PHE A 11 6.09 8.49 11.24
C PHE A 11 4.79 8.68 10.48
N GLN A 12 3.90 7.71 10.64
CA GLN A 12 2.62 7.65 9.91
C GLN A 12 2.84 7.32 8.44
N SER A 13 4.10 7.19 8.04
CA SER A 13 4.41 6.85 6.67
C SER A 13 5.59 5.87 6.56
N ILE A 14 6.80 6.41 6.53
CA ILE A 14 8.01 5.63 6.25
C ILE A 14 8.04 5.17 4.79
N ASN A 15 7.28 4.12 4.49
CA ASN A 15 7.16 3.63 3.12
C ASN A 15 5.73 3.84 2.64
N VAL A 16 5.02 4.69 3.36
CA VAL A 16 3.67 5.06 2.97
C VAL A 16 3.73 6.06 1.82
N VAL A 17 3.07 5.73 0.74
CA VAL A 17 3.09 6.58 -0.41
C VAL A 17 1.72 7.23 -0.63
N GLU A 18 1.76 8.53 -0.90
CA GLU A 18 0.58 9.33 -1.16
C GLU A 18 -0.16 8.81 -2.38
N ASN A 19 0.57 8.73 -3.47
CA ASN A 19 0.00 8.32 -4.74
C ASN A 19 0.88 7.25 -5.36
N LEU A 20 0.34 6.46 -6.28
CA LEU A 20 1.10 5.38 -6.89
C LEU A 20 2.20 5.94 -7.77
N GLU A 21 1.97 7.13 -8.33
CA GLU A 21 2.96 7.81 -9.15
C GLU A 21 4.08 8.38 -8.29
N GLU A 22 3.81 8.63 -7.01
CA GLU A 22 4.86 9.04 -6.08
C GLU A 22 5.87 7.91 -5.86
N ALA A 23 5.45 6.68 -6.18
CA ALA A 23 6.32 5.52 -6.04
C ALA A 23 7.06 5.27 -7.35
N LYS A 24 8.37 5.43 -7.32
CA LYS A 24 9.17 5.37 -8.55
C LYS A 24 10.25 4.31 -8.48
N GLU A 25 10.37 3.74 -7.30
CA GLU A 25 11.32 2.68 -7.06
C GLU A 25 10.83 1.37 -7.66
N GLY A 26 11.69 0.36 -7.67
CA GLY A 26 11.29 -0.95 -8.17
C GLY A 26 10.59 -1.76 -7.11
N ILE A 27 9.55 -1.19 -6.53
CA ILE A 27 8.87 -1.80 -5.40
C ILE A 27 7.44 -2.22 -5.74
N PRO A 28 7.00 -3.35 -5.19
CA PRO A 28 5.59 -3.76 -5.29
C PRO A 28 4.66 -2.71 -4.72
N THR A 29 3.45 -2.67 -5.24
CA THR A 29 2.51 -1.64 -4.85
C THR A 29 1.34 -2.23 -4.09
N ILE A 30 1.27 -1.92 -2.80
CA ILE A 30 0.15 -2.34 -1.98
C ILE A 30 -0.80 -1.19 -1.78
N ILE A 31 -2.05 -1.39 -2.12
CA ILE A 31 -3.01 -0.30 -2.09
C ILE A 31 -4.22 -0.67 -1.24
N MET A 32 -4.41 0.04 -0.15
CA MET A 32 -5.56 -0.19 0.72
C MET A 32 -6.49 1.01 0.65
N PHE A 33 -7.73 0.74 0.30
CA PHE A 33 -8.74 1.77 0.09
C PHE A 33 -9.43 2.14 1.39
N LYS A 34 -9.76 3.42 1.52
CA LYS A 34 -10.40 3.94 2.71
C LYS A 34 -11.29 5.11 2.33
N THR A 35 -12.08 5.57 3.27
CA THR A 35 -12.79 6.81 3.10
C THR A 35 -12.41 7.75 4.23
N ASP A 36 -13.05 8.89 4.31
CA ASP A 36 -12.78 9.85 5.36
C ASP A 36 -13.08 9.24 6.74
N THR A 37 -14.33 8.90 6.96
CA THR A 37 -14.74 8.38 8.24
C THR A 37 -14.71 6.85 8.26
N CYS A 38 -13.57 6.29 8.66
CA CYS A 38 -13.45 4.84 8.80
C CYS A 38 -12.30 4.46 9.72
N PRO A 39 -12.61 3.74 10.81
CA PRO A 39 -11.60 3.28 11.76
C PRO A 39 -10.77 2.11 11.22
N TYR A 40 -11.28 1.46 10.18
CA TYR A 40 -10.59 0.34 9.57
C TYR A 40 -9.27 0.79 8.95
N CYS A 41 -9.20 2.06 8.58
CA CYS A 41 -8.01 2.62 7.97
C CYS A 41 -6.86 2.66 8.98
N VAL A 42 -7.16 3.10 10.19
CA VAL A 42 -6.13 3.26 11.22
C VAL A 42 -5.70 1.89 11.77
N GLU A 43 -6.63 0.95 11.77
CA GLU A 43 -6.34 -0.40 12.26
C GLU A 43 -5.40 -1.11 11.30
N MET A 44 -5.74 -1.08 10.01
CA MET A 44 -4.91 -1.74 9.01
C MET A 44 -3.59 -0.98 8.85
N GLN A 45 -3.61 0.32 9.12
CA GLN A 45 -2.39 1.12 9.20
C GLN A 45 -1.39 0.48 10.17
N LYS A 46 -1.90 0.06 11.33
CA LYS A 46 -1.07 -0.59 12.33
C LYS A 46 -0.44 -1.84 11.73
N GLU A 47 -1.27 -2.71 11.17
CA GLU A 47 -0.83 -3.96 10.58
C GLU A 47 0.21 -3.72 9.49
N LEU A 48 -0.13 -2.83 8.57
CA LEU A 48 0.73 -2.48 7.45
C LEU A 48 2.05 -1.87 7.91
N SER A 49 1.99 -1.00 8.90
CA SER A 49 3.18 -0.37 9.44
C SER A 49 4.05 -1.40 10.15
N TYR A 50 3.42 -2.40 10.77
CA TYR A 50 4.17 -3.45 11.43
C TYR A 50 4.93 -4.30 10.41
N VAL A 51 4.30 -4.63 9.29
CA VAL A 51 4.95 -5.36 8.22
C VAL A 51 6.14 -4.56 7.70
N SER A 52 5.86 -3.32 7.35
CA SER A 52 6.86 -2.39 6.84
C SER A 52 8.00 -2.19 7.85
N LYS A 53 7.67 -2.31 9.13
CA LYS A 53 8.64 -2.13 10.20
C LYS A 53 9.69 -3.24 10.16
N GLU A 54 9.36 -4.33 9.47
CA GLU A 54 10.29 -5.45 9.30
C GLU A 54 10.57 -5.67 7.82
N ARG A 55 10.12 -4.74 7.00
CA ARG A 55 10.23 -4.85 5.56
C ARG A 55 10.29 -3.46 4.94
N GLU A 56 11.46 -2.84 5.06
CA GLU A 56 11.63 -1.44 4.72
C GLU A 56 11.81 -1.22 3.23
N GLY A 57 10.94 -0.38 2.65
CA GLY A 57 11.06 -0.03 1.25
C GLY A 57 11.01 -1.22 0.32
N LYS A 58 10.38 -2.31 0.77
CA LYS A 58 10.26 -3.50 -0.04
C LYS A 58 8.92 -3.48 -0.75
N PHE A 59 8.13 -2.48 -0.40
CA PHE A 59 6.84 -2.22 -1.01
C PHE A 59 6.34 -0.89 -0.49
N ASN A 60 5.81 -0.06 -1.38
CA ASN A 60 5.25 1.21 -0.98
C ASN A 60 3.75 1.07 -0.76
N ILE A 61 3.28 1.57 0.37
CA ILE A 61 1.87 1.47 0.70
C ILE A 61 1.13 2.68 0.16
N TYR A 62 0.35 2.47 -0.88
CA TYR A 62 -0.48 3.52 -1.45
C TYR A 62 -1.80 3.54 -0.74
N TYR A 63 -2.07 4.59 0.01
CA TYR A 63 -3.35 4.68 0.70
C TYR A 63 -4.36 5.41 -0.16
N ALA A 64 -5.24 4.63 -0.77
CA ALA A 64 -6.28 5.18 -1.61
C ALA A 64 -7.39 5.75 -0.76
N ARG A 65 -7.30 7.05 -0.49
CA ARG A 65 -8.32 7.72 0.31
C ARG A 65 -9.44 8.25 -0.56
N LEU A 66 -10.64 7.74 -0.32
CA LEU A 66 -11.86 8.19 -1.01
C LEU A 66 -12.28 9.57 -0.52
N GLU A 67 -11.38 10.19 0.23
CA GLU A 67 -11.53 11.55 0.70
C GLU A 67 -11.49 12.50 -0.49
N GLU A 68 -10.71 12.11 -1.47
CA GLU A 68 -10.50 12.89 -2.67
C GLU A 68 -11.21 12.25 -3.85
N GLU A 69 -11.15 12.90 -4.99
CA GLU A 69 -11.81 12.44 -6.20
C GLU A 69 -10.90 11.48 -6.97
N LYS A 70 -9.59 11.64 -6.81
CA LYS A 70 -8.62 10.85 -7.55
C LYS A 70 -8.81 9.35 -7.32
N ASN A 71 -9.25 8.99 -6.11
CA ASN A 71 -9.36 7.59 -5.76
C ASN A 71 -10.72 7.03 -6.10
N ILE A 72 -11.59 7.83 -6.69
CA ILE A 72 -12.86 7.33 -7.19
C ILE A 72 -12.61 6.46 -8.41
N ASP A 73 -11.92 7.04 -9.37
CA ASP A 73 -11.50 6.33 -10.57
C ASP A 73 -10.50 5.23 -10.20
N LEU A 74 -9.57 5.58 -9.31
CA LEU A 74 -8.58 4.63 -8.82
C LEU A 74 -9.28 3.42 -8.20
N ALA A 75 -10.33 3.68 -7.43
CA ALA A 75 -11.12 2.62 -6.79
C ALA A 75 -11.60 1.59 -7.81
N TYR A 76 -12.24 2.07 -8.86
CA TYR A 76 -12.78 1.17 -9.89
C TYR A 76 -11.67 0.47 -10.65
N LYS A 77 -10.56 1.15 -10.87
CA LYS A 77 -9.42 0.56 -11.57
C LYS A 77 -8.84 -0.63 -10.80
N TYR A 78 -9.13 -0.69 -9.51
CA TYR A 78 -8.61 -1.74 -8.68
C TYR A 78 -9.73 -2.55 -8.03
N ASP A 79 -10.93 -2.45 -8.61
CA ASP A 79 -12.05 -3.33 -8.28
C ASP A 79 -12.51 -3.13 -6.83
N ALA A 80 -12.11 -2.01 -6.25
CA ALA A 80 -12.34 -1.80 -4.83
C ALA A 80 -13.10 -0.52 -4.58
N ASN A 81 -14.39 -0.66 -4.30
CA ASN A 81 -15.25 0.49 -4.02
C ASN A 81 -15.71 0.44 -2.57
N ILE A 82 -15.14 -0.47 -1.80
CA ILE A 82 -15.52 -0.66 -0.40
C ILE A 82 -14.30 -0.55 0.51
N VAL A 83 -14.55 -0.52 1.81
CA VAL A 83 -13.49 -0.39 2.80
C VAL A 83 -13.75 -1.33 3.98
N PRO A 84 -12.71 -2.03 4.48
CA PRO A 84 -11.35 -1.94 3.96
C PRO A 84 -11.10 -2.91 2.81
N THR A 85 -10.20 -2.54 1.90
CA THR A 85 -9.89 -3.36 0.75
C THR A 85 -8.44 -3.13 0.34
N THR A 86 -7.67 -4.18 0.26
CA THR A 86 -6.26 -4.08 -0.08
C THR A 86 -5.94 -4.90 -1.32
N VAL A 87 -5.41 -4.23 -2.32
CA VAL A 87 -5.00 -4.90 -3.53
C VAL A 87 -3.49 -5.13 -3.52
N PHE A 88 -3.09 -6.34 -3.84
CA PHE A 88 -1.69 -6.73 -3.77
C PHE A 88 -1.09 -6.83 -5.16
N LEU A 89 -0.22 -5.88 -5.48
CA LEU A 89 0.50 -5.87 -6.74
C LEU A 89 1.98 -6.12 -6.49
N ASP A 90 2.60 -6.93 -7.33
CA ASP A 90 4.05 -7.14 -7.22
C ASP A 90 4.78 -5.97 -7.86
N LYS A 91 6.11 -6.03 -7.90
CA LYS A 91 6.94 -4.91 -8.34
C LYS A 91 6.64 -4.49 -9.79
N GLU A 92 6.07 -5.40 -10.57
CA GLU A 92 5.73 -5.11 -11.96
C GLU A 92 4.48 -4.25 -12.07
N GLY A 93 3.77 -4.11 -10.95
CA GLY A 93 2.52 -3.37 -10.97
C GLY A 93 1.36 -4.24 -11.39
N ASN A 94 1.53 -5.55 -11.25
CA ASN A 94 0.49 -6.50 -11.63
C ASN A 94 -0.40 -6.83 -10.45
N LYS A 95 -1.71 -6.65 -10.61
CA LYS A 95 -2.68 -7.05 -9.59
C LYS A 95 -2.75 -8.57 -9.53
N PHE A 96 -1.97 -9.18 -8.64
CA PHE A 96 -1.94 -10.62 -8.53
C PHE A 96 -3.08 -11.11 -7.66
N TYR A 97 -3.37 -10.38 -6.60
CA TYR A 97 -4.45 -10.75 -5.70
C TYR A 97 -5.00 -9.53 -4.98
N VAL A 98 -6.30 -9.33 -5.05
CA VAL A 98 -6.95 -8.26 -4.33
C VAL A 98 -7.88 -8.85 -3.27
N HIS A 99 -7.80 -8.32 -2.05
CA HIS A 99 -8.51 -8.90 -0.93
C HIS A 99 -9.11 -7.80 -0.07
N GLN A 100 -10.33 -7.99 0.39
CA GLN A 100 -10.99 -7.01 1.24
C GLN A 100 -11.15 -7.54 2.66
N GLY A 101 -11.31 -6.63 3.60
CA GLY A 101 -11.44 -7.03 4.99
C GLY A 101 -10.18 -6.72 5.78
N LEU A 102 -10.16 -7.15 7.03
CA LEU A 102 -9.02 -6.92 7.91
C LEU A 102 -8.20 -8.20 8.04
N MET A 103 -6.89 -8.06 8.24
CA MET A 103 -6.00 -9.21 8.35
C MET A 103 -4.66 -8.79 8.94
N ARG A 104 -4.25 -9.46 10.02
CA ARG A 104 -3.05 -9.09 10.78
C ARG A 104 -1.81 -9.09 9.89
N LYS A 105 -0.74 -8.44 10.39
CA LYS A 105 0.48 -8.24 9.61
C LYS A 105 1.00 -9.55 9.00
N ASN A 106 1.00 -10.62 9.79
CA ASN A 106 1.53 -11.90 9.34
C ASN A 106 0.73 -12.45 8.17
N ASN A 107 -0.56 -12.18 8.19
CA ASN A 107 -1.47 -12.67 7.16
C ASN A 107 -1.25 -11.88 5.89
N ILE A 108 -1.06 -10.57 6.04
CA ILE A 108 -0.67 -9.72 4.93
C ILE A 108 0.66 -10.21 4.36
N GLU A 109 1.60 -10.49 5.25
CA GLU A 109 2.92 -11.01 4.89
C GLU A 109 2.83 -12.31 4.10
N THR A 110 1.85 -13.15 4.46
CA THR A 110 1.64 -14.41 3.75
C THR A 110 1.25 -14.14 2.29
N ILE A 111 0.39 -13.14 2.08
CA ILE A 111 -0.03 -12.76 0.74
C ILE A 111 1.13 -12.08 0.01
N LEU A 112 1.85 -11.22 0.72
CA LEU A 112 3.03 -10.54 0.19
C LEU A 112 4.06 -11.57 -0.28
N ASN A 113 4.23 -12.61 0.52
CA ASN A 113 5.11 -13.71 0.20
C ASN A 113 4.68 -14.38 -1.10
N SER A 114 3.38 -14.47 -1.30
CA SER A 114 2.82 -15.10 -2.50
C SER A 114 3.08 -14.24 -3.74
N LEU A 115 3.25 -12.94 -3.54
CA LEU A 115 3.59 -12.02 -4.62
C LEU A 115 5.08 -12.10 -4.91
N GLY A 116 5.84 -11.51 -3.99
CA GLY A 116 7.26 -11.39 -4.13
C GLY A 116 7.77 -10.34 -3.19
N VAL A 117 7.34 -9.10 -3.42
CA VAL A 117 7.61 -7.98 -2.53
C VAL A 117 9.10 -7.83 -2.23
N LYS A 118 9.82 -7.35 -3.24
CA LYS A 118 11.26 -7.17 -3.15
C LYS A 118 11.77 -6.47 -4.39
N GLU A 119 12.88 -5.78 -4.28
CA GLU A 119 13.50 -5.11 -5.41
C GLU A 119 14.58 -6.00 -5.99
N GLY A 120 15.39 -6.56 -5.10
CA GLY A 120 16.43 -7.48 -5.51
C GLY A 120 16.31 -8.81 -4.81
N HIS A 121 17.20 -9.74 -5.12
CA HIS A 121 17.16 -11.05 -4.50
C HIS A 121 17.74 -11.00 -3.08
N HIS A 122 16.91 -10.56 -2.13
CA HIS A 122 17.19 -10.64 -0.70
C HIS A 122 18.66 -10.32 -0.36
N HIS A 123 18.98 -9.04 -0.21
CA HIS A 123 20.34 -8.68 0.14
C HIS A 123 20.43 -7.94 1.46
N HIS A 124 20.50 -8.73 2.52
CA HIS A 124 20.75 -8.24 3.88
C HIS A 124 21.46 -9.33 4.66
N HIS A 125 21.93 -10.31 3.93
CA HIS A 125 22.59 -11.48 4.50
C HIS A 125 24.08 -11.43 4.17
N HIS A 126 24.91 -12.00 5.03
CA HIS A 126 26.35 -12.01 4.81
C HIS A 126 26.75 -13.26 4.05
N MET A 1 10.87 15.43 12.48
CA MET A 1 10.46 16.85 12.60
C MET A 1 9.77 17.31 11.32
N SER A 2 8.89 18.30 11.45
CA SER A 2 8.27 18.95 10.29
C SER A 2 7.52 17.96 9.40
N LEU A 3 6.74 17.09 10.01
CA LEU A 3 5.96 16.11 9.26
C LEU A 3 4.49 16.48 9.26
N GLU A 4 3.72 15.84 8.37
CA GLU A 4 2.30 16.11 8.25
C GLU A 4 1.51 15.36 9.33
N GLY A 5 1.09 14.13 9.01
CA GLY A 5 0.29 13.34 9.95
C GLY A 5 -1.18 13.70 9.85
N ILE A 6 -1.43 14.77 9.13
CA ILE A 6 -2.75 15.34 8.92
C ILE A 6 -2.68 16.09 7.61
N LYS A 7 -3.82 16.21 6.91
CA LYS A 7 -3.84 16.82 5.57
C LYS A 7 -3.21 15.86 4.55
N GLN A 8 -2.06 15.30 4.92
CA GLN A 8 -1.43 14.22 4.19
C GLN A 8 -0.94 13.16 5.17
N ILE A 9 -1.13 11.90 4.82
CA ILE A 9 -0.79 10.79 5.72
C ILE A 9 0.72 10.69 5.93
N ASN A 10 1.12 10.51 7.18
CA ASN A 10 2.53 10.39 7.54
C ASN A 10 2.71 9.35 8.64
N PHE A 11 3.94 8.86 8.78
CA PHE A 11 4.37 7.91 9.86
C PHE A 11 3.60 6.59 9.90
N GLN A 12 2.43 6.52 9.28
CA GLN A 12 1.73 5.26 9.14
C GLN A 12 2.35 4.47 8.00
N SER A 13 3.27 3.58 8.37
CA SER A 13 4.10 2.84 7.43
C SER A 13 5.25 3.71 6.92
N ILE A 14 6.43 3.14 6.91
CA ILE A 14 7.61 3.84 6.41
C ILE A 14 7.65 3.78 4.88
N ASN A 15 6.93 2.80 4.34
CA ASN A 15 6.79 2.67 2.89
C ASN A 15 5.53 3.38 2.42
N VAL A 16 5.11 4.37 3.21
CA VAL A 16 3.85 5.07 2.99
C VAL A 16 3.83 5.83 1.66
N VAL A 17 2.68 5.75 1.01
CA VAL A 17 2.40 6.47 -0.22
C VAL A 17 0.98 7.03 -0.15
N GLU A 18 0.83 8.34 -0.31
CA GLU A 18 -0.48 8.95 -0.23
C GLU A 18 -1.28 8.69 -1.50
N ASN A 19 -0.72 9.05 -2.64
CA ASN A 19 -1.34 8.79 -3.93
C ASN A 19 -0.26 8.36 -4.92
N LEU A 20 -0.66 8.10 -6.16
CA LEU A 20 0.28 7.71 -7.22
C LEU A 20 1.46 8.66 -7.34
N GLU A 21 1.24 9.94 -7.05
CA GLU A 21 2.32 10.92 -7.08
C GLU A 21 3.40 10.62 -6.03
N GLU A 22 3.00 10.19 -4.84
CA GLU A 22 3.98 9.77 -3.83
C GLU A 22 4.46 8.34 -4.06
N ALA A 23 4.04 7.72 -5.15
CA ALA A 23 4.36 6.31 -5.42
C ALA A 23 5.70 6.16 -6.15
N LYS A 24 6.17 4.93 -6.27
CA LYS A 24 7.44 4.62 -6.93
C LYS A 24 7.34 3.24 -7.58
N GLU A 25 8.36 2.86 -8.34
CA GLU A 25 8.34 1.58 -9.05
C GLU A 25 9.51 0.70 -8.62
N GLY A 26 9.59 -0.49 -9.20
CA GLY A 26 10.66 -1.43 -8.87
C GLY A 26 10.24 -2.39 -7.77
N ILE A 27 9.67 -1.84 -6.71
CA ILE A 27 9.14 -2.66 -5.64
C ILE A 27 7.63 -2.79 -5.77
N PRO A 28 7.08 -3.95 -5.38
CA PRO A 28 5.63 -4.20 -5.39
C PRO A 28 4.85 -3.10 -4.69
N THR A 29 3.57 -2.99 -5.02
CA THR A 29 2.76 -1.92 -4.48
C THR A 29 1.45 -2.43 -3.91
N ILE A 30 1.19 -2.09 -2.67
CA ILE A 30 -0.06 -2.44 -2.01
C ILE A 30 -1.01 -1.27 -2.04
N ILE A 31 -2.07 -1.41 -2.81
CA ILE A 31 -3.06 -0.36 -2.93
C ILE A 31 -4.13 -0.56 -1.87
N MET A 32 -4.14 0.28 -0.87
CA MET A 32 -5.14 0.16 0.18
C MET A 32 -6.10 1.33 0.14
N PHE A 33 -7.31 1.05 -0.30
CA PHE A 33 -8.35 2.05 -0.34
C PHE A 33 -8.86 2.39 1.07
N LYS A 34 -8.97 3.69 1.34
CA LYS A 34 -9.37 4.20 2.64
C LYS A 34 -10.42 5.29 2.44
N THR A 35 -10.90 5.86 3.54
CA THR A 35 -11.84 6.97 3.45
C THR A 35 -11.48 8.05 4.47
N ASP A 36 -12.32 9.07 4.58
CA ASP A 36 -12.11 10.16 5.52
C ASP A 36 -12.48 9.73 6.94
N THR A 37 -13.25 8.65 7.03
CA THR A 37 -13.66 8.10 8.31
C THR A 37 -13.71 6.58 8.24
N CYS A 38 -12.68 5.94 8.80
CA CYS A 38 -12.58 4.48 8.73
C CYS A 38 -11.66 3.92 9.79
N PRO A 39 -12.23 3.36 10.87
CA PRO A 39 -11.44 2.80 11.96
C PRO A 39 -10.73 1.50 11.57
N TYR A 40 -11.36 0.72 10.70
CA TYR A 40 -10.79 -0.54 10.27
C TYR A 40 -9.57 -0.31 9.37
N CYS A 41 -9.52 0.86 8.76
CA CYS A 41 -8.39 1.20 7.91
C CYS A 41 -7.19 1.64 8.74
N VAL A 42 -7.41 2.46 9.76
CA VAL A 42 -6.31 2.91 10.62
C VAL A 42 -5.71 1.73 11.39
N GLU A 43 -6.55 0.75 11.69
CA GLU A 43 -6.11 -0.48 12.33
C GLU A 43 -5.06 -1.19 11.47
N MET A 44 -5.38 -1.35 10.19
CA MET A 44 -4.50 -2.04 9.26
C MET A 44 -3.29 -1.19 8.91
N GLN A 45 -3.46 0.13 8.95
CA GLN A 45 -2.35 1.05 8.71
C GLN A 45 -1.28 0.88 9.80
N LYS A 46 -1.72 0.57 11.02
CA LYS A 46 -0.78 0.28 12.10
C LYS A 46 -0.02 -0.99 11.78
N GLU A 47 -0.74 -2.02 11.35
CA GLU A 47 -0.15 -3.28 10.95
C GLU A 47 0.89 -3.07 9.85
N LEU A 48 0.47 -2.37 8.80
CA LEU A 48 1.34 -2.06 7.67
C LEU A 48 2.59 -1.30 8.14
N SER A 49 2.44 -0.48 9.15
CA SER A 49 3.55 0.26 9.72
C SER A 49 4.55 -0.71 10.36
N TYR A 50 4.03 -1.68 11.09
CA TYR A 50 4.87 -2.70 11.72
C TYR A 50 5.51 -3.59 10.67
N VAL A 51 4.79 -3.85 9.58
CA VAL A 51 5.34 -4.60 8.46
C VAL A 51 6.49 -3.82 7.82
N SER A 52 6.30 -2.51 7.73
CA SER A 52 7.31 -1.61 7.17
C SER A 52 8.59 -1.63 8.01
N LYS A 53 8.44 -1.87 9.31
CA LYS A 53 9.59 -1.94 10.21
C LYS A 53 10.55 -3.04 9.75
N GLU A 54 9.97 -4.18 9.38
CA GLU A 54 10.75 -5.31 8.89
C GLU A 54 11.09 -5.15 7.42
N ARG A 55 10.06 -4.86 6.63
CA ARG A 55 10.24 -4.77 5.19
C ARG A 55 10.38 -3.31 4.78
N GLU A 56 11.53 -2.75 5.06
CA GLU A 56 11.82 -1.37 4.72
C GLU A 56 12.34 -1.28 3.29
N GLY A 57 11.62 -0.56 2.44
CA GLY A 57 12.05 -0.38 1.07
C GLY A 57 11.91 -1.64 0.25
N LYS A 58 10.76 -2.28 0.36
CA LYS A 58 10.49 -3.51 -0.39
C LYS A 58 9.13 -3.45 -1.07
N PHE A 59 8.35 -2.42 -0.75
CA PHE A 59 7.05 -2.22 -1.37
C PHE A 59 6.56 -0.81 -1.14
N ASN A 60 5.69 -0.34 -2.02
CA ASN A 60 5.00 0.93 -1.82
C ASN A 60 3.65 0.67 -1.20
N ILE A 61 3.29 1.41 -0.17
CA ILE A 61 1.95 1.29 0.36
C ILE A 61 1.15 2.54 0.00
N TYR A 62 0.26 2.41 -0.95
CA TYR A 62 -0.53 3.53 -1.43
C TYR A 62 -1.91 3.50 -0.82
N TYR A 63 -2.18 4.47 0.05
CA TYR A 63 -3.47 4.57 0.69
C TYR A 63 -4.40 5.46 -0.13
N ALA A 64 -5.30 4.85 -0.87
CA ALA A 64 -6.19 5.59 -1.74
C ALA A 64 -7.40 6.09 -0.97
N ARG A 65 -7.36 7.34 -0.52
CA ARG A 65 -8.49 7.88 0.22
C ARG A 65 -9.64 8.24 -0.71
N LEU A 66 -10.76 7.55 -0.57
CA LEU A 66 -11.97 7.85 -1.35
C LEU A 66 -12.52 9.24 -1.02
N GLU A 67 -11.72 10.01 -0.32
CA GLU A 67 -12.06 11.36 0.09
C GLU A 67 -11.91 12.30 -1.10
N GLU A 68 -10.95 11.96 -1.96
CA GLU A 68 -10.70 12.76 -3.15
C GLU A 68 -11.07 11.97 -4.39
N GLU A 69 -11.52 12.68 -5.43
CA GLU A 69 -12.05 12.04 -6.62
C GLU A 69 -10.98 11.25 -7.38
N LYS A 70 -9.72 11.56 -7.14
CA LYS A 70 -8.62 10.90 -7.83
C LYS A 70 -8.59 9.40 -7.49
N ASN A 71 -8.97 9.09 -6.25
CA ASN A 71 -8.84 7.74 -5.74
C ASN A 71 -10.06 6.92 -6.12
N ILE A 72 -11.14 7.61 -6.48
CA ILE A 72 -12.35 6.92 -6.93
C ILE A 72 -12.11 6.29 -8.28
N ASP A 73 -11.43 7.03 -9.14
CA ASP A 73 -11.02 6.53 -10.45
C ASP A 73 -10.00 5.41 -10.28
N LEU A 74 -9.09 5.58 -9.33
CA LEU A 74 -8.12 4.55 -9.00
C LEU A 74 -8.81 3.29 -8.47
N ALA A 75 -9.85 3.50 -7.67
CA ALA A 75 -10.63 2.39 -7.12
C ALA A 75 -11.12 1.44 -8.21
N TYR A 76 -11.78 2.00 -9.22
CA TYR A 76 -12.32 1.19 -10.30
C TYR A 76 -11.22 0.51 -11.11
N LYS A 77 -10.09 1.18 -11.23
CA LYS A 77 -8.93 0.59 -11.92
C LYS A 77 -8.40 -0.64 -11.17
N TYR A 78 -8.80 -0.78 -9.91
CA TYR A 78 -8.37 -1.90 -9.10
C TYR A 78 -9.55 -2.74 -8.63
N ASP A 79 -10.71 -2.53 -9.26
CA ASP A 79 -11.90 -3.35 -9.00
C ASP A 79 -12.41 -3.14 -7.58
N ALA A 80 -12.04 -2.00 -7.00
CA ALA A 80 -12.42 -1.68 -5.64
C ALA A 80 -13.72 -0.90 -5.60
N ASN A 81 -14.32 -0.85 -4.43
CA ASN A 81 -15.62 -0.22 -4.27
C ASN A 81 -15.85 0.17 -2.81
N ILE A 82 -15.39 -0.67 -1.89
CA ILE A 82 -15.55 -0.42 -0.46
C ILE A 82 -14.19 -0.28 0.21
N VAL A 83 -14.21 -0.12 1.52
CA VAL A 83 -12.99 -0.01 2.32
C VAL A 83 -13.11 -0.83 3.60
N PRO A 84 -12.00 -1.41 4.08
CA PRO A 84 -10.68 -1.31 3.44
C PRO A 84 -10.53 -2.30 2.31
N THR A 85 -9.65 -2.00 1.36
CA THR A 85 -9.43 -2.86 0.22
C THR A 85 -7.97 -2.83 -0.17
N THR A 86 -7.29 -3.94 0.07
CA THR A 86 -5.88 -4.05 -0.21
C THR A 86 -5.63 -4.82 -1.50
N VAL A 87 -5.11 -4.11 -2.48
CA VAL A 87 -4.73 -4.70 -3.75
C VAL A 87 -3.23 -4.93 -3.78
N PHE A 88 -2.83 -6.18 -3.73
CA PHE A 88 -1.43 -6.53 -3.71
C PHE A 88 -0.90 -6.70 -5.13
N LEU A 89 -0.13 -5.70 -5.56
CA LEU A 89 0.52 -5.75 -6.85
C LEU A 89 1.97 -6.18 -6.67
N ASP A 90 2.54 -6.86 -7.66
CA ASP A 90 3.96 -7.18 -7.61
C ASP A 90 4.76 -5.98 -8.14
N LYS A 91 6.04 -6.19 -8.44
CA LYS A 91 6.97 -5.09 -8.74
C LYS A 91 6.55 -4.26 -9.96
N GLU A 92 5.90 -4.90 -10.92
CA GLU A 92 5.56 -4.24 -12.17
C GLU A 92 4.08 -3.90 -12.23
N GLY A 93 3.41 -4.05 -11.09
CA GLY A 93 2.01 -3.70 -11.00
C GLY A 93 1.08 -4.84 -11.36
N ASN A 94 1.57 -6.07 -11.30
CA ASN A 94 0.74 -7.24 -11.54
C ASN A 94 -0.28 -7.39 -10.42
N LYS A 95 -1.56 -7.30 -10.77
CA LYS A 95 -2.63 -7.46 -9.82
C LYS A 95 -2.79 -8.94 -9.48
N PHE A 96 -2.06 -9.38 -8.46
CA PHE A 96 -2.03 -10.78 -8.09
C PHE A 96 -3.12 -11.12 -7.09
N TYR A 97 -3.26 -10.31 -6.05
CA TYR A 97 -4.25 -10.60 -5.03
C TYR A 97 -4.88 -9.34 -4.47
N VAL A 98 -6.15 -9.15 -4.77
CA VAL A 98 -6.92 -8.07 -4.17
C VAL A 98 -7.83 -8.63 -3.08
N HIS A 99 -7.86 -7.98 -1.93
CA HIS A 99 -8.61 -8.46 -0.79
C HIS A 99 -9.31 -7.30 -0.14
N GLN A 100 -10.61 -7.43 0.04
CA GLN A 100 -11.39 -6.44 0.77
C GLN A 100 -11.56 -6.88 2.22
N GLY A 101 -11.46 -5.94 3.14
CA GLY A 101 -11.62 -6.25 4.54
C GLY A 101 -10.34 -6.12 5.33
N LEU A 102 -10.46 -6.04 6.65
CA LEU A 102 -9.31 -5.88 7.53
C LEU A 102 -8.52 -7.19 7.66
N MET A 103 -7.19 -7.07 7.70
CA MET A 103 -6.32 -8.19 7.99
C MET A 103 -5.26 -7.77 8.99
N ARG A 104 -4.67 -8.74 9.66
CA ARG A 104 -3.64 -8.47 10.66
C ARG A 104 -2.26 -8.65 10.02
N LYS A 105 -1.21 -8.14 10.67
CA LYS A 105 0.15 -8.16 10.10
C LYS A 105 0.54 -9.51 9.52
N ASN A 106 0.39 -10.59 10.30
CA ASN A 106 0.79 -11.93 9.86
C ASN A 106 0.05 -12.34 8.58
N ASN A 107 -1.18 -11.89 8.43
CA ASN A 107 -1.96 -12.19 7.24
C ASN A 107 -1.29 -11.53 6.03
N ILE A 108 -0.93 -10.27 6.21
CA ILE A 108 -0.20 -9.51 5.20
C ILE A 108 1.15 -10.18 4.93
N GLU A 109 1.82 -10.56 6.01
CA GLU A 109 3.09 -11.28 5.95
C GLU A 109 3.01 -12.47 5.00
N THR A 110 1.94 -13.25 5.14
CA THR A 110 1.76 -14.45 4.34
C THR A 110 1.41 -14.10 2.89
N ILE A 111 0.59 -13.07 2.71
CA ILE A 111 0.19 -12.64 1.37
C ILE A 111 1.39 -12.12 0.58
N LEU A 112 2.21 -11.29 1.24
CA LEU A 112 3.42 -10.76 0.60
C LEU A 112 4.37 -11.88 0.27
N ASN A 113 4.45 -12.85 1.18
CA ASN A 113 5.28 -14.03 1.00
C ASN A 113 4.89 -14.78 -0.27
N SER A 114 3.59 -14.89 -0.51
CA SER A 114 3.10 -15.60 -1.68
C SER A 114 3.06 -14.71 -2.93
N LEU A 115 3.31 -13.43 -2.73
CA LEU A 115 3.37 -12.48 -3.83
C LEU A 115 4.77 -12.49 -4.44
N GLY A 116 5.65 -11.67 -3.87
CA GLY A 116 7.04 -11.67 -4.28
C GLY A 116 7.84 -10.67 -3.46
N VAL A 117 7.44 -9.41 -3.56
CA VAL A 117 8.06 -8.33 -2.79
C VAL A 117 9.56 -8.26 -3.07
N LYS A 118 9.87 -7.93 -4.33
CA LYS A 118 11.24 -7.85 -4.80
C LYS A 118 11.30 -7.09 -6.10
N GLU A 119 12.49 -6.62 -6.47
CA GLU A 119 12.72 -6.00 -7.76
C GLU A 119 13.20 -7.06 -8.72
N GLY A 120 12.81 -6.96 -10.00
CA GLY A 120 13.14 -7.99 -10.98
C GLY A 120 14.60 -8.36 -10.99
N HIS A 121 15.43 -7.42 -11.47
CA HIS A 121 16.89 -7.57 -11.48
C HIS A 121 17.48 -6.54 -12.43
N HIS A 122 17.52 -5.29 -12.00
CA HIS A 122 18.09 -4.22 -12.80
C HIS A 122 19.54 -4.52 -13.18
N HIS A 123 19.87 -4.22 -14.44
CA HIS A 123 21.21 -4.47 -14.99
C HIS A 123 21.43 -5.97 -15.20
N HIS A 124 21.08 -6.43 -16.40
CA HIS A 124 21.23 -7.83 -16.82
C HIS A 124 20.32 -8.75 -16.00
N HIS A 125 19.23 -9.20 -16.61
CA HIS A 125 18.32 -10.12 -15.93
C HIS A 125 18.99 -11.47 -15.71
N HIS A 126 19.69 -11.92 -16.73
CA HIS A 126 20.41 -13.18 -16.66
C HIS A 126 21.81 -12.99 -17.22
N MET A 1 11.16 19.45 0.49
CA MET A 1 10.13 19.73 1.52
C MET A 1 9.25 18.52 1.78
N SER A 2 9.02 17.71 0.76
CA SER A 2 8.15 16.55 0.88
C SER A 2 8.97 15.27 0.94
N LEU A 3 9.02 14.65 2.13
CA LEU A 3 9.68 13.37 2.30
C LEU A 3 8.62 12.32 2.59
N GLU A 4 7.56 12.80 3.23
CA GLU A 4 6.44 11.97 3.67
C GLU A 4 5.39 11.89 2.58
N GLY A 5 5.84 11.91 1.34
CA GLY A 5 4.93 11.95 0.22
C GLY A 5 4.46 13.36 -0.05
N ILE A 6 3.60 13.87 0.83
CA ILE A 6 3.07 15.22 0.68
C ILE A 6 2.18 15.58 1.86
N LYS A 7 2.47 16.73 2.49
CA LYS A 7 1.65 17.26 3.59
C LYS A 7 1.70 16.33 4.82
N GLN A 8 2.68 15.43 4.83
CA GLN A 8 2.83 14.44 5.90
C GLN A 8 1.58 13.59 6.08
N ILE A 9 1.56 12.42 5.45
CA ILE A 9 0.42 11.53 5.54
C ILE A 9 0.80 10.22 6.25
N ASN A 10 0.37 10.09 7.51
CA ASN A 10 0.51 8.85 8.27
C ASN A 10 1.97 8.56 8.67
N PHE A 11 2.23 8.50 9.96
CA PHE A 11 3.56 8.23 10.48
C PHE A 11 3.68 6.76 10.91
N GLN A 12 2.55 6.07 10.96
CA GLN A 12 2.54 4.67 11.37
C GLN A 12 3.14 3.79 10.30
N SER A 13 2.72 3.98 9.06
CA SER A 13 3.26 3.21 7.95
C SER A 13 4.43 3.95 7.33
N ILE A 14 5.62 3.44 7.56
CA ILE A 14 6.85 4.11 7.18
C ILE A 14 7.09 4.03 5.66
N ASN A 15 6.26 3.24 4.98
CA ASN A 15 6.36 3.09 3.53
C ASN A 15 5.13 3.72 2.84
N VAL A 16 4.68 4.83 3.38
CA VAL A 16 3.46 5.49 2.89
C VAL A 16 3.76 6.38 1.67
N VAL A 17 2.86 6.36 0.70
CA VAL A 17 2.99 7.20 -0.48
C VAL A 17 1.62 7.78 -0.87
N GLU A 18 1.65 8.86 -1.65
CA GLU A 18 0.42 9.51 -2.11
C GLU A 18 -0.12 8.82 -3.36
N ASN A 19 0.69 8.71 -4.39
CA ASN A 19 0.19 8.28 -5.69
C ASN A 19 1.19 7.40 -6.41
N LEU A 20 0.73 6.76 -7.49
CA LEU A 20 1.59 5.94 -8.34
C LEU A 20 2.67 6.79 -8.99
N GLU A 21 2.33 8.05 -9.27
CA GLU A 21 3.30 9.00 -9.81
C GLU A 21 4.41 9.24 -8.80
N GLU A 22 4.09 9.01 -7.54
CA GLU A 22 5.01 9.23 -6.44
C GLU A 22 5.68 7.91 -6.05
N ALA A 23 5.50 6.90 -6.88
CA ALA A 23 6.03 5.56 -6.61
C ALA A 23 7.17 5.23 -7.56
N LYS A 24 8.15 4.49 -7.06
CA LYS A 24 9.25 4.01 -7.90
C LYS A 24 8.96 2.58 -8.32
N GLU A 25 9.52 2.18 -9.45
CA GLU A 25 9.37 0.82 -9.94
C GLU A 25 10.16 -0.15 -9.07
N GLY A 26 10.06 -1.43 -9.37
CA GLY A 26 10.86 -2.41 -8.67
C GLY A 26 10.17 -2.95 -7.44
N ILE A 27 9.77 -2.07 -6.54
CA ILE A 27 9.07 -2.47 -5.33
C ILE A 27 7.58 -2.64 -5.60
N PRO A 28 6.99 -3.73 -5.11
CA PRO A 28 5.56 -3.98 -5.22
C PRO A 28 4.74 -2.88 -4.57
N THR A 29 3.60 -2.55 -5.15
CA THR A 29 2.80 -1.45 -4.65
C THR A 29 1.51 -1.95 -4.02
N ILE A 30 1.32 -1.60 -2.76
CA ILE A 30 0.13 -1.99 -2.03
C ILE A 30 -0.80 -0.80 -1.90
N ILE A 31 -1.90 -0.83 -2.62
CA ILE A 31 -2.87 0.26 -2.57
C ILE A 31 -3.99 -0.10 -1.62
N MET A 32 -4.28 0.81 -0.70
CA MET A 32 -5.36 0.59 0.25
C MET A 32 -6.39 1.71 0.14
N PHE A 33 -7.61 1.32 -0.13
CA PHE A 33 -8.70 2.27 -0.31
C PHE A 33 -9.40 2.52 1.02
N LYS A 34 -9.43 3.78 1.41
CA LYS A 34 -9.94 4.17 2.71
C LYS A 34 -10.98 5.28 2.55
N THR A 35 -12.12 5.14 3.22
CA THR A 35 -13.15 6.16 3.17
C THR A 35 -12.75 7.37 4.01
N ASP A 36 -13.61 8.39 4.02
CA ASP A 36 -13.41 9.55 4.88
C ASP A 36 -13.33 9.10 6.34
N THR A 37 -14.40 8.47 6.81
CA THR A 37 -14.42 7.91 8.14
C THR A 37 -14.22 6.39 8.06
N CYS A 38 -13.01 5.94 8.35
CA CYS A 38 -12.70 4.52 8.24
C CYS A 38 -11.88 4.03 9.43
N PRO A 39 -12.52 3.32 10.36
CA PRO A 39 -11.83 2.72 11.50
C PRO A 39 -10.95 1.54 11.09
N TYR A 40 -11.36 0.86 10.02
CA TYR A 40 -10.62 -0.29 9.51
C TYR A 40 -9.24 0.15 9.02
N CYS A 41 -9.15 1.38 8.55
CA CYS A 41 -7.89 1.90 8.05
C CYS A 41 -6.88 2.02 9.19
N VAL A 42 -7.29 2.66 10.29
CA VAL A 42 -6.42 2.86 11.43
C VAL A 42 -5.90 1.53 11.97
N GLU A 43 -6.80 0.55 12.05
CA GLU A 43 -6.44 -0.79 12.48
C GLU A 43 -5.36 -1.40 11.57
N MET A 44 -5.57 -1.32 10.28
CA MET A 44 -4.64 -1.91 9.32
C MET A 44 -3.33 -1.10 9.27
N GLN A 45 -3.43 0.20 9.52
CA GLN A 45 -2.23 1.05 9.61
C GLN A 45 -1.30 0.52 10.68
N LYS A 46 -1.88 0.06 11.78
CA LYS A 46 -1.13 -0.55 12.87
C LYS A 46 -0.38 -1.77 12.38
N GLU A 47 -1.11 -2.69 11.74
CA GLU A 47 -0.51 -3.90 11.19
C GLU A 47 0.58 -3.56 10.18
N LEU A 48 0.29 -2.61 9.29
CA LEU A 48 1.25 -2.17 8.28
C LEU A 48 2.49 -1.56 8.94
N SER A 49 2.28 -0.91 10.08
CA SER A 49 3.37 -0.35 10.85
C SER A 49 4.27 -1.48 11.37
N TYR A 50 3.64 -2.54 11.84
CA TYR A 50 4.36 -3.69 12.37
C TYR A 50 5.12 -4.41 11.27
N VAL A 51 4.70 -4.23 10.02
CA VAL A 51 5.40 -4.84 8.88
C VAL A 51 6.54 -3.93 8.41
N SER A 52 6.26 -2.63 8.36
CA SER A 52 7.23 -1.65 7.89
C SER A 52 8.50 -1.68 8.74
N LYS A 53 8.34 -2.03 10.00
CA LYS A 53 9.44 -2.06 10.96
C LYS A 53 10.63 -2.89 10.45
N GLU A 54 10.38 -4.12 10.04
CA GLU A 54 11.45 -4.97 9.55
C GLU A 54 11.41 -5.13 8.03
N ARG A 55 10.68 -4.26 7.36
CA ARG A 55 10.61 -4.30 5.91
C ARG A 55 10.66 -2.89 5.36
N GLU A 56 11.86 -2.35 5.39
CA GLU A 56 12.15 -1.04 4.86
C GLU A 56 12.09 -1.07 3.34
N GLY A 57 11.38 -0.11 2.75
CA GLY A 57 11.43 0.12 1.30
C GLY A 57 11.44 -1.14 0.46
N LYS A 58 10.54 -2.06 0.76
CA LYS A 58 10.43 -3.29 -0.03
C LYS A 58 9.03 -3.38 -0.61
N PHE A 59 8.22 -2.39 -0.26
CA PHE A 59 6.90 -2.21 -0.83
C PHE A 59 6.49 -0.76 -0.64
N ASN A 60 5.67 -0.26 -1.54
CA ASN A 60 5.18 1.11 -1.44
C ASN A 60 3.68 1.13 -1.20
N ILE A 61 3.25 1.78 -0.12
CA ILE A 61 1.85 1.77 0.28
C ILE A 61 1.12 3.01 -0.20
N TYR A 62 0.23 2.81 -1.16
CA TYR A 62 -0.61 3.89 -1.70
C TYR A 62 -1.84 4.05 -0.83
N TYR A 63 -1.97 5.19 -0.17
CA TYR A 63 -3.16 5.45 0.63
C TYR A 63 -4.21 6.14 -0.23
N ALA A 64 -5.21 5.37 -0.63
CA ALA A 64 -6.28 5.89 -1.45
C ALA A 64 -7.39 6.45 -0.58
N ARG A 65 -7.18 7.68 -0.12
CA ARG A 65 -8.17 8.38 0.68
C ARG A 65 -9.35 8.81 -0.19
N LEU A 66 -10.49 8.16 -0.01
CA LEU A 66 -11.71 8.48 -0.78
C LEU A 66 -12.23 9.88 -0.45
N GLU A 67 -11.43 10.64 0.28
CA GLU A 67 -11.69 12.04 0.56
C GLU A 67 -11.65 12.82 -0.76
N GLU A 68 -10.83 12.34 -1.67
CA GLU A 68 -10.65 12.97 -2.97
C GLU A 68 -11.53 12.27 -4.02
N GLU A 69 -11.63 12.87 -5.20
CA GLU A 69 -12.43 12.30 -6.27
C GLU A 69 -11.57 11.44 -7.20
N LYS A 70 -10.25 11.55 -7.05
CA LYS A 70 -9.32 10.73 -7.84
C LYS A 70 -9.44 9.25 -7.47
N ASN A 71 -10.14 8.99 -6.39
CA ASN A 71 -10.28 7.65 -5.87
C ASN A 71 -11.48 6.96 -6.47
N ILE A 72 -12.27 7.68 -7.26
CA ILE A 72 -13.43 7.09 -7.91
C ILE A 72 -12.96 6.12 -8.99
N ASP A 73 -12.15 6.63 -9.91
CA ASP A 73 -11.59 5.82 -10.97
C ASP A 73 -10.54 4.88 -10.39
N LEU A 74 -9.77 5.37 -9.42
CA LEU A 74 -8.77 4.55 -8.74
C LEU A 74 -9.42 3.32 -8.11
N ALA A 75 -10.59 3.52 -7.48
CA ALA A 75 -11.29 2.44 -6.79
C ALA A 75 -11.72 1.34 -7.76
N TYR A 76 -12.48 1.71 -8.78
CA TYR A 76 -13.02 0.73 -9.71
C TYR A 76 -11.92 0.04 -10.50
N LYS A 77 -10.85 0.77 -10.78
CA LYS A 77 -9.70 0.22 -11.49
C LYS A 77 -9.07 -0.93 -10.69
N TYR A 78 -9.37 -0.98 -9.39
CA TYR A 78 -8.84 -2.02 -8.51
C TYR A 78 -9.94 -2.75 -7.74
N ASP A 79 -11.16 -2.77 -8.30
CA ASP A 79 -12.26 -3.58 -7.78
C ASP A 79 -12.71 -3.11 -6.40
N ALA A 80 -12.29 -1.92 -6.03
CA ALA A 80 -12.54 -1.40 -4.70
C ALA A 80 -13.93 -0.78 -4.59
N ASN A 81 -14.56 -0.98 -3.45
CA ASN A 81 -15.87 -0.41 -3.18
C ASN A 81 -16.02 -0.04 -1.71
N ILE A 82 -15.41 -0.82 -0.83
CA ILE A 82 -15.44 -0.53 0.60
C ILE A 82 -14.03 -0.44 1.18
N VAL A 83 -13.97 -0.23 2.48
CA VAL A 83 -12.70 -0.12 3.19
C VAL A 83 -12.58 -1.22 4.25
N PRO A 84 -11.39 -1.85 4.37
CA PRO A 84 -10.24 -1.55 3.54
C PRO A 84 -10.09 -2.49 2.35
N THR A 85 -9.98 -1.93 1.17
CA THR A 85 -9.64 -2.71 -0.01
C THR A 85 -8.17 -2.54 -0.32
N THR A 86 -7.41 -3.62 -0.25
CA THR A 86 -5.98 -3.56 -0.49
C THR A 86 -5.61 -4.37 -1.72
N VAL A 87 -5.12 -3.68 -2.74
CA VAL A 87 -4.63 -4.34 -3.94
C VAL A 87 -3.13 -4.44 -3.91
N PHE A 88 -2.65 -5.66 -4.05
CA PHE A 88 -1.23 -5.94 -4.04
C PHE A 88 -0.70 -6.06 -5.45
N LEU A 89 0.02 -5.03 -5.87
CA LEU A 89 0.69 -5.07 -7.16
C LEU A 89 2.05 -5.69 -6.99
N ASP A 90 2.38 -6.62 -7.86
CA ASP A 90 3.72 -7.21 -7.89
C ASP A 90 4.75 -6.14 -8.28
N LYS A 91 6.02 -6.48 -8.18
CA LYS A 91 7.13 -5.57 -8.49
C LYS A 91 6.99 -4.92 -9.88
N GLU A 92 6.29 -5.60 -10.79
CA GLU A 92 6.09 -5.09 -12.15
C GLU A 92 4.93 -4.10 -12.22
N GLY A 93 4.16 -4.00 -11.14
CA GLY A 93 3.04 -3.08 -11.10
C GLY A 93 1.74 -3.72 -11.54
N ASN A 94 1.75 -5.04 -11.68
CA ASN A 94 0.57 -5.77 -12.11
C ASN A 94 -0.32 -6.11 -10.91
N LYS A 95 -1.63 -6.09 -11.12
CA LYS A 95 -2.58 -6.39 -10.04
C LYS A 95 -2.71 -7.90 -9.89
N PHE A 96 -1.90 -8.47 -9.00
CA PHE A 96 -1.89 -9.91 -8.81
C PHE A 96 -2.97 -10.33 -7.81
N TYR A 97 -3.06 -9.61 -6.71
CA TYR A 97 -4.01 -9.97 -5.66
C TYR A 97 -4.72 -8.75 -5.11
N VAL A 98 -5.96 -8.94 -4.69
CA VAL A 98 -6.72 -7.90 -4.01
C VAL A 98 -7.41 -8.50 -2.79
N HIS A 99 -7.35 -7.80 -1.67
CA HIS A 99 -7.93 -8.27 -0.44
C HIS A 99 -8.92 -7.22 0.01
N GLN A 100 -10.17 -7.60 0.13
CA GLN A 100 -11.20 -6.67 0.57
C GLN A 100 -11.64 -7.05 1.97
N GLY A 101 -11.22 -6.26 2.94
CA GLY A 101 -11.47 -6.59 4.32
C GLY A 101 -10.23 -6.45 5.16
N LEU A 102 -10.34 -6.72 6.45
CA LEU A 102 -9.23 -6.55 7.38
C LEU A 102 -8.36 -7.81 7.43
N MET A 103 -7.16 -7.68 7.98
CA MET A 103 -6.28 -8.81 8.23
C MET A 103 -5.07 -8.35 9.05
N ARG A 104 -4.44 -9.27 9.75
CA ARG A 104 -3.32 -8.94 10.64
C ARG A 104 -1.99 -9.06 9.90
N LYS A 105 -0.93 -8.60 10.54
CA LYS A 105 0.42 -8.63 9.97
C LYS A 105 0.76 -9.99 9.36
N ASN A 106 0.54 -11.06 10.12
CA ASN A 106 0.85 -12.41 9.64
C ASN A 106 0.14 -12.72 8.34
N ASN A 107 -1.07 -12.19 8.20
CA ASN A 107 -1.88 -12.45 7.01
C ASN A 107 -1.32 -11.64 5.86
N ILE A 108 -0.91 -10.42 6.15
CA ILE A 108 -0.22 -9.58 5.18
C ILE A 108 1.08 -10.26 4.75
N GLU A 109 1.81 -10.77 5.75
CA GLU A 109 3.03 -11.53 5.54
C GLU A 109 2.83 -12.64 4.52
N THR A 110 1.77 -13.41 4.70
CA THR A 110 1.47 -14.53 3.82
C THR A 110 1.19 -14.03 2.40
N ILE A 111 0.41 -12.96 2.30
CA ILE A 111 0.07 -12.39 1.00
C ILE A 111 1.32 -11.84 0.31
N LEU A 112 2.16 -11.16 1.07
CA LEU A 112 3.40 -10.61 0.54
C LEU A 112 4.30 -11.71 0.01
N ASN A 113 4.37 -12.80 0.76
CA ASN A 113 5.15 -13.97 0.36
C ASN A 113 4.59 -14.59 -0.92
N SER A 114 3.27 -14.49 -1.09
CA SER A 114 2.61 -15.04 -2.26
C SER A 114 2.63 -14.05 -3.44
N LEU A 115 3.05 -12.82 -3.17
CA LEU A 115 3.10 -11.79 -4.20
C LEU A 115 4.49 -11.76 -4.82
N GLY A 116 5.44 -11.22 -4.07
CA GLY A 116 6.81 -11.16 -4.53
C GLY A 116 7.66 -10.34 -3.59
N VAL A 117 7.30 -9.07 -3.44
CA VAL A 117 7.98 -8.14 -2.53
C VAL A 117 9.49 -8.15 -2.75
N LYS A 118 9.92 -7.47 -3.81
CA LYS A 118 11.31 -7.47 -4.23
C LYS A 118 11.66 -6.13 -4.86
N GLU A 119 12.91 -6.00 -5.26
CA GLU A 119 13.34 -4.90 -6.11
C GLU A 119 14.52 -5.40 -6.92
N GLY A 120 14.22 -5.95 -8.09
CA GLY A 120 15.25 -6.62 -8.85
C GLY A 120 15.14 -6.36 -10.34
N HIS A 121 14.75 -5.16 -10.72
CA HIS A 121 14.81 -4.79 -12.13
C HIS A 121 16.26 -4.61 -12.52
N HIS A 122 16.97 -3.82 -11.73
CA HIS A 122 18.41 -3.68 -11.87
C HIS A 122 19.12 -4.78 -11.08
N HIS A 123 19.17 -5.96 -11.66
CA HIS A 123 19.67 -7.14 -10.94
C HIS A 123 20.96 -7.65 -11.57
N HIS A 124 22.00 -7.78 -10.75
CA HIS A 124 23.28 -8.35 -11.17
C HIS A 124 23.99 -7.42 -12.18
N HIS A 125 25.30 -7.57 -12.31
CA HIS A 125 26.04 -6.77 -13.27
C HIS A 125 26.35 -7.58 -14.52
N HIS A 126 26.32 -8.90 -14.37
CA HIS A 126 26.53 -9.79 -15.50
C HIS A 126 25.80 -11.11 -15.25
N MET A 1 11.83 18.67 -4.21
CA MET A 1 12.84 19.49 -3.50
C MET A 1 13.45 18.70 -2.36
N SER A 2 14.27 19.35 -1.54
CA SER A 2 14.96 18.67 -0.45
C SER A 2 13.97 18.18 0.60
N LEU A 3 13.08 19.06 1.04
CA LEU A 3 12.08 18.70 2.03
C LEU A 3 10.80 18.21 1.37
N GLU A 4 9.94 17.58 2.16
CA GLU A 4 8.70 17.03 1.65
C GLU A 4 7.70 18.15 1.34
N GLY A 5 7.10 18.08 0.17
CA GLY A 5 6.11 19.08 -0.21
C GLY A 5 4.76 18.48 -0.51
N ILE A 6 4.42 17.40 0.18
CA ILE A 6 3.17 16.71 -0.07
C ILE A 6 2.46 16.28 1.22
N LYS A 7 1.70 17.21 1.79
CA LYS A 7 0.75 16.93 2.88
C LYS A 7 1.44 16.50 4.19
N GLN A 8 2.77 16.48 4.21
CA GLN A 8 3.53 15.92 5.32
C GLN A 8 3.28 14.40 5.42
N ILE A 9 4.28 13.61 5.05
CA ILE A 9 4.10 12.16 5.01
C ILE A 9 5.46 11.45 5.12
N ASN A 10 6.48 12.19 5.57
CA ASN A 10 7.83 11.67 5.70
C ASN A 10 7.89 10.35 6.48
N PHE A 11 7.12 10.26 7.56
CA PHE A 11 7.12 9.07 8.40
C PHE A 11 5.75 8.85 9.01
N GLN A 12 4.98 7.97 8.39
CA GLN A 12 3.71 7.56 8.94
C GLN A 12 3.64 6.05 9.02
N SER A 13 3.90 5.39 7.89
CA SER A 13 3.96 3.94 7.84
C SER A 13 5.32 3.50 7.32
N ILE A 14 6.29 4.41 7.37
CA ILE A 14 7.63 4.18 6.84
C ILE A 14 7.61 4.12 5.31
N ASN A 15 7.01 3.07 4.76
CA ASN A 15 6.88 2.91 3.32
C ASN A 15 5.55 3.49 2.84
N VAL A 16 5.08 4.52 3.54
CA VAL A 16 3.80 5.14 3.25
C VAL A 16 3.87 6.01 1.99
N VAL A 17 2.89 5.84 1.11
CA VAL A 17 2.84 6.56 -0.15
C VAL A 17 1.44 7.12 -0.40
N GLU A 18 1.40 8.38 -0.86
CA GLU A 18 0.14 9.03 -1.20
C GLU A 18 -0.54 8.36 -2.39
N ASN A 19 0.22 8.23 -3.47
CA ASN A 19 -0.31 7.74 -4.75
C ASN A 19 0.88 7.37 -5.64
N LEU A 20 0.61 6.79 -6.81
CA LEU A 20 1.67 6.45 -7.78
C LEU A 20 2.59 7.64 -8.03
N GLU A 21 2.04 8.85 -7.91
CA GLU A 21 2.80 10.08 -8.07
C GLU A 21 4.00 10.12 -7.10
N GLU A 22 3.80 9.60 -5.90
CA GLU A 22 4.84 9.60 -4.88
C GLU A 22 5.49 8.21 -4.74
N ALA A 23 5.15 7.30 -5.64
CA ALA A 23 5.72 5.95 -5.60
C ALA A 23 7.19 5.98 -5.97
N LYS A 24 8.00 5.20 -5.26
CA LYS A 24 9.44 5.24 -5.45
C LYS A 24 10.00 3.84 -5.70
N GLU A 25 11.14 3.79 -6.38
CA GLU A 25 11.82 2.53 -6.70
C GLU A 25 10.97 1.62 -7.58
N GLY A 26 11.43 0.38 -7.75
CA GLY A 26 10.69 -0.60 -8.51
C GLY A 26 10.13 -1.68 -7.62
N ILE A 27 9.57 -1.26 -6.50
CA ILE A 27 9.01 -2.18 -5.53
C ILE A 27 7.50 -2.27 -5.65
N PRO A 28 6.93 -3.45 -5.37
CA PRO A 28 5.48 -3.71 -5.45
C PRO A 28 4.65 -2.66 -4.70
N THR A 29 3.38 -2.58 -5.04
CA THR A 29 2.51 -1.57 -4.48
C THR A 29 1.28 -2.19 -3.80
N ILE A 30 1.05 -1.81 -2.56
CA ILE A 30 -0.13 -2.24 -1.84
C ILE A 30 -1.10 -1.08 -1.71
N ILE A 31 -2.21 -1.15 -2.43
CA ILE A 31 -3.18 -0.08 -2.40
C ILE A 31 -4.39 -0.47 -1.57
N MET A 32 -4.55 0.16 -0.42
CA MET A 32 -5.71 -0.09 0.40
C MET A 32 -6.58 1.15 0.49
N PHE A 33 -7.87 0.95 0.42
CA PHE A 33 -8.83 2.04 0.29
C PHE A 33 -9.52 2.30 1.61
N LYS A 34 -9.90 3.55 1.82
CA LYS A 34 -10.61 3.95 3.03
C LYS A 34 -11.48 5.16 2.75
N THR A 35 -12.45 5.39 3.63
CA THR A 35 -13.30 6.56 3.55
C THR A 35 -12.50 7.78 4.03
N ASP A 36 -13.16 8.93 4.15
CA ASP A 36 -12.51 10.12 4.70
C ASP A 36 -12.02 9.86 6.12
N THR A 37 -12.74 8.98 6.83
CA THR A 37 -12.35 8.59 8.17
C THR A 37 -12.98 7.24 8.53
N CYS A 38 -12.15 6.33 9.08
CA CYS A 38 -12.63 5.05 9.55
C CYS A 38 -11.58 4.37 10.43
N PRO A 39 -12.01 3.77 11.55
CA PRO A 39 -11.11 3.13 12.50
C PRO A 39 -10.36 1.95 11.90
N TYR A 40 -10.98 1.27 10.93
CA TYR A 40 -10.35 0.13 10.27
C TYR A 40 -9.09 0.55 9.52
N CYS A 41 -9.05 1.78 9.03
CA CYS A 41 -7.89 2.26 8.30
C CYS A 41 -6.73 2.47 9.25
N VAL A 42 -7.04 2.94 10.45
CA VAL A 42 -6.03 3.14 11.48
C VAL A 42 -5.47 1.81 11.94
N GLU A 43 -6.38 0.84 12.11
CA GLU A 43 -6.02 -0.51 12.53
C GLU A 43 -5.02 -1.13 11.56
N MET A 44 -5.34 -1.08 10.27
CA MET A 44 -4.48 -1.67 9.26
C MET A 44 -3.22 -0.85 9.08
N GLN A 45 -3.32 0.45 9.32
CA GLN A 45 -2.17 1.35 9.23
C GLN A 45 -1.10 0.92 10.24
N LYS A 46 -1.53 0.56 11.44
CA LYS A 46 -0.62 0.09 12.47
C LYS A 46 0.05 -1.20 12.02
N GLU A 47 -0.76 -2.12 11.48
CA GLU A 47 -0.24 -3.37 10.94
C GLU A 47 0.78 -3.11 9.85
N LEU A 48 0.43 -2.23 8.92
CA LEU A 48 1.30 -1.85 7.81
C LEU A 48 2.58 -1.21 8.33
N SER A 49 2.48 -0.44 9.40
CA SER A 49 3.65 0.11 10.07
C SER A 49 4.57 -1.02 10.54
N TYR A 50 3.98 -2.06 11.12
CA TYR A 50 4.74 -3.21 11.58
C TYR A 50 5.34 -3.97 10.39
N VAL A 51 4.55 -4.11 9.32
CA VAL A 51 5.00 -4.80 8.12
C VAL A 51 6.23 -4.11 7.53
N SER A 52 6.19 -2.79 7.46
CA SER A 52 7.30 -2.02 6.92
C SER A 52 8.54 -2.13 7.81
N LYS A 53 8.32 -2.29 9.10
CA LYS A 53 9.42 -2.42 10.05
C LYS A 53 10.00 -3.84 10.00
N GLU A 54 9.20 -4.79 9.57
CA GLU A 54 9.63 -6.18 9.47
C GLU A 54 10.16 -6.47 8.06
N ARG A 55 9.49 -5.90 7.07
CA ARG A 55 9.90 -6.00 5.68
C ARG A 55 10.30 -4.62 5.18
N GLU A 56 11.50 -4.22 5.54
CA GLU A 56 11.95 -2.84 5.35
C GLU A 56 12.25 -2.51 3.89
N GLY A 57 11.54 -1.51 3.37
CA GLY A 57 11.81 -1.00 2.03
C GLY A 57 11.64 -2.05 0.95
N LYS A 58 10.44 -2.62 0.86
CA LYS A 58 10.20 -3.69 -0.09
C LYS A 58 8.91 -3.46 -0.86
N PHE A 59 8.19 -2.40 -0.53
CA PHE A 59 6.90 -2.12 -1.15
C PHE A 59 6.43 -0.71 -0.84
N ASN A 60 5.61 -0.17 -1.73
CA ASN A 60 4.97 1.13 -1.52
C ASN A 60 3.56 0.94 -0.94
N ILE A 61 3.25 1.66 0.13
CA ILE A 61 1.93 1.57 0.74
C ILE A 61 1.06 2.73 0.30
N TYR A 62 0.07 2.44 -0.53
CA TYR A 62 -0.81 3.48 -1.06
C TYR A 62 -2.09 3.54 -0.21
N TYR A 63 -2.33 4.69 0.41
CA TYR A 63 -3.60 4.90 1.11
C TYR A 63 -4.58 5.66 0.23
N ALA A 64 -5.54 4.94 -0.32
CA ALA A 64 -6.51 5.55 -1.20
C ALA A 64 -7.77 5.95 -0.43
N ARG A 65 -7.87 7.23 -0.11
CA ARG A 65 -9.08 7.77 0.49
C ARG A 65 -10.09 8.11 -0.59
N LEU A 66 -11.24 7.44 -0.58
CA LEU A 66 -12.28 7.66 -1.59
C LEU A 66 -12.91 9.06 -1.48
N GLU A 67 -12.29 9.89 -0.68
CA GLU A 67 -12.76 11.24 -0.43
C GLU A 67 -12.34 12.14 -1.59
N GLU A 68 -11.26 11.76 -2.26
CA GLU A 68 -10.77 12.51 -3.40
C GLU A 68 -11.27 11.91 -4.71
N GLU A 69 -11.27 12.73 -5.75
CA GLU A 69 -11.75 12.32 -7.06
C GLU A 69 -10.81 11.32 -7.72
N LYS A 70 -9.54 11.33 -7.29
CA LYS A 70 -8.51 10.50 -7.92
C LYS A 70 -8.79 9.01 -7.71
N ASN A 71 -9.51 8.70 -6.64
CA ASN A 71 -9.65 7.33 -6.17
C ASN A 71 -10.82 6.64 -6.81
N ILE A 72 -11.64 7.38 -7.55
CA ILE A 72 -12.75 6.77 -8.26
C ILE A 72 -12.21 5.91 -9.41
N ASP A 73 -11.34 6.50 -10.21
CA ASP A 73 -10.65 5.80 -11.27
C ASP A 73 -9.71 4.74 -10.68
N LEU A 74 -8.99 5.13 -9.64
CA LEU A 74 -8.03 4.25 -8.99
C LEU A 74 -8.71 2.99 -8.42
N ALA A 75 -9.88 3.17 -7.82
CA ALA A 75 -10.58 2.05 -7.20
C ALA A 75 -11.10 1.05 -8.22
N TYR A 76 -11.88 1.55 -9.18
CA TYR A 76 -12.52 0.68 -10.16
C TYR A 76 -11.50 -0.03 -11.04
N LYS A 77 -10.39 0.63 -11.32
CA LYS A 77 -9.34 0.07 -12.17
C LYS A 77 -8.72 -1.16 -11.51
N TYR A 78 -8.93 -1.31 -10.21
CA TYR A 78 -8.40 -2.45 -9.48
C TYR A 78 -9.50 -3.26 -8.80
N ASP A 79 -10.76 -3.05 -9.23
CA ASP A 79 -11.90 -3.85 -8.75
C ASP A 79 -12.19 -3.58 -7.28
N ALA A 80 -11.78 -2.41 -6.81
CA ALA A 80 -11.97 -2.05 -5.42
C ALA A 80 -13.14 -1.08 -5.27
N ASN A 81 -13.98 -1.30 -4.27
CA ASN A 81 -15.11 -0.41 -4.02
C ASN A 81 -15.37 -0.28 -2.52
N ILE A 82 -15.96 -1.31 -1.93
CA ILE A 82 -16.30 -1.28 -0.51
C ILE A 82 -15.05 -1.38 0.35
N VAL A 83 -15.04 -0.65 1.45
CA VAL A 83 -13.88 -0.61 2.33
C VAL A 83 -14.12 -1.48 3.56
N PRO A 84 -13.04 -2.00 4.16
CA PRO A 84 -11.68 -1.78 3.69
C PRO A 84 -11.25 -2.81 2.65
N THR A 85 -10.91 -2.31 1.47
CA THR A 85 -10.43 -3.18 0.41
C THR A 85 -8.94 -2.92 0.16
N THR A 86 -8.21 -3.98 -0.13
CA THR A 86 -6.78 -3.88 -0.38
C THR A 86 -6.39 -4.65 -1.64
N VAL A 87 -5.70 -3.99 -2.54
CA VAL A 87 -5.20 -4.64 -3.74
C VAL A 87 -3.68 -4.81 -3.67
N PHE A 88 -3.22 -6.01 -3.90
CA PHE A 88 -1.80 -6.32 -3.87
C PHE A 88 -1.24 -6.41 -5.28
N LEU A 89 -0.39 -5.45 -5.63
CA LEU A 89 0.25 -5.39 -6.93
C LEU A 89 1.72 -5.75 -6.79
N ASP A 90 2.27 -6.40 -7.79
CA ASP A 90 3.71 -6.66 -7.83
C ASP A 90 4.41 -5.42 -8.40
N LYS A 91 5.71 -5.52 -8.65
CA LYS A 91 6.52 -4.37 -9.06
C LYS A 91 6.06 -3.77 -10.39
N GLU A 92 5.57 -4.61 -11.29
CA GLU A 92 5.16 -4.13 -12.62
C GLU A 92 3.67 -3.81 -12.65
N GLY A 93 3.08 -3.63 -11.47
CA GLY A 93 1.70 -3.17 -11.38
C GLY A 93 0.70 -4.29 -11.64
N ASN A 94 1.13 -5.52 -11.39
CA ASN A 94 0.25 -6.66 -11.57
C ASN A 94 -0.70 -6.80 -10.40
N LYS A 95 -1.97 -6.54 -10.64
CA LYS A 95 -3.00 -6.69 -9.63
C LYS A 95 -3.26 -8.17 -9.37
N PHE A 96 -2.47 -8.74 -8.47
CA PHE A 96 -2.49 -10.17 -8.22
C PHE A 96 -3.64 -10.56 -7.32
N TYR A 97 -3.76 -9.91 -6.17
CA TYR A 97 -4.74 -10.33 -5.19
C TYR A 97 -5.48 -9.14 -4.58
N VAL A 98 -6.80 -9.19 -4.62
CA VAL A 98 -7.63 -8.21 -3.95
C VAL A 98 -8.34 -8.86 -2.77
N HIS A 99 -8.64 -8.09 -1.74
CA HIS A 99 -9.28 -8.62 -0.56
C HIS A 99 -10.00 -7.51 0.18
N GLN A 100 -11.23 -7.79 0.58
CA GLN A 100 -11.98 -6.86 1.43
C GLN A 100 -12.02 -7.39 2.85
N GLY A 101 -11.65 -6.56 3.80
CA GLY A 101 -11.62 -6.97 5.18
C GLY A 101 -10.43 -6.38 5.90
N LEU A 102 -10.07 -6.96 7.04
CA LEU A 102 -8.96 -6.47 7.82
C LEU A 102 -8.03 -7.64 8.16
N MET A 103 -6.77 -7.52 7.74
CA MET A 103 -5.78 -8.54 8.04
C MET A 103 -4.69 -7.98 8.91
N ARG A 104 -3.94 -8.86 9.56
CA ARG A 104 -2.84 -8.45 10.42
C ARG A 104 -1.54 -8.47 9.63
N LYS A 105 -0.49 -7.88 10.21
CA LYS A 105 0.82 -7.78 9.55
C LYS A 105 1.30 -9.11 8.99
N ASN A 106 1.14 -10.18 9.77
CA ASN A 106 1.57 -11.51 9.35
C ASN A 106 0.82 -11.96 8.11
N ASN A 107 -0.45 -11.63 8.05
CA ASN A 107 -1.30 -12.06 6.95
C ASN A 107 -0.92 -11.30 5.68
N ILE A 108 -0.71 -10.00 5.83
CA ILE A 108 -0.26 -9.16 4.73
C ILE A 108 1.06 -9.67 4.18
N GLU A 109 2.00 -9.90 5.10
CA GLU A 109 3.33 -10.38 4.75
C GLU A 109 3.27 -11.69 3.99
N THR A 110 2.50 -12.64 4.50
CA THR A 110 2.34 -13.95 3.86
C THR A 110 1.78 -13.81 2.45
N ILE A 111 0.85 -12.87 2.27
CA ILE A 111 0.28 -12.61 0.95
C ILE A 111 1.36 -12.05 0.02
N LEU A 112 2.19 -11.16 0.55
CA LEU A 112 3.29 -10.59 -0.22
C LEU A 112 4.27 -11.69 -0.62
N ASN A 113 4.46 -12.66 0.27
CA ASN A 113 5.34 -13.80 -0.01
C ASN A 113 4.76 -14.64 -1.16
N SER A 114 3.43 -14.63 -1.28
CA SER A 114 2.77 -15.35 -2.35
C SER A 114 2.68 -14.50 -3.61
N LEU A 115 3.04 -13.22 -3.47
CA LEU A 115 3.07 -12.29 -4.58
C LEU A 115 4.44 -12.35 -5.28
N GLY A 116 5.37 -11.55 -4.79
CA GLY A 116 6.71 -11.54 -5.33
C GLY A 116 7.62 -10.63 -4.53
N VAL A 117 7.19 -9.38 -4.38
CA VAL A 117 7.94 -8.37 -3.61
C VAL A 117 9.38 -8.30 -4.13
N LYS A 118 9.48 -8.03 -5.42
CA LYS A 118 10.75 -8.05 -6.12
C LYS A 118 11.01 -6.70 -6.79
N GLU A 119 12.27 -6.32 -6.85
CA GLU A 119 12.66 -5.13 -7.60
C GLU A 119 13.18 -5.55 -8.97
N GLY A 120 13.81 -6.72 -9.00
CA GLY A 120 14.39 -7.24 -10.22
C GLY A 120 15.07 -8.56 -10.00
N HIS A 121 16.40 -8.58 -10.15
CA HIS A 121 17.18 -9.79 -9.95
C HIS A 121 18.59 -9.44 -9.47
N HIS A 122 19.45 -10.46 -9.34
CA HIS A 122 20.86 -10.27 -9.04
C HIS A 122 21.08 -9.71 -7.63
N HIS A 123 20.13 -9.91 -6.74
CA HIS A 123 20.34 -9.58 -5.34
C HIS A 123 21.32 -10.57 -4.73
N HIS A 124 21.26 -11.80 -5.21
CA HIS A 124 22.25 -12.80 -4.87
C HIS A 124 23.55 -12.44 -5.59
N HIS A 125 24.62 -12.28 -4.83
CA HIS A 125 25.88 -11.79 -5.38
C HIS A 125 26.63 -12.90 -6.10
N HIS A 126 26.98 -13.95 -5.36
CA HIS A 126 27.66 -15.10 -5.92
C HIS A 126 27.30 -16.34 -5.13
N MET A 1 -6.46 29.45 7.32
CA MET A 1 -6.49 27.97 7.49
C MET A 1 -5.32 27.33 6.75
N SER A 2 -4.64 26.40 7.42
CA SER A 2 -3.53 25.71 6.81
C SER A 2 -3.47 24.28 7.32
N LEU A 3 -3.96 23.35 6.51
CA LEU A 3 -3.98 21.95 6.87
C LEU A 3 -3.28 21.12 5.81
N GLU A 4 -2.35 20.29 6.24
CA GLU A 4 -1.62 19.43 5.32
C GLU A 4 -2.36 18.11 5.12
N GLY A 5 -3.27 18.10 4.17
CA GLY A 5 -4.00 16.89 3.85
C GLY A 5 -3.15 15.90 3.08
N ILE A 6 -2.11 16.42 2.43
CA ILE A 6 -1.23 15.61 1.61
C ILE A 6 0.23 16.05 1.73
N LYS A 7 1.12 15.25 1.15
CA LYS A 7 2.56 15.51 1.08
C LYS A 7 3.23 15.33 2.44
N GLN A 8 2.72 15.99 3.47
CA GLN A 8 3.26 15.82 4.80
C GLN A 8 2.68 14.57 5.45
N ILE A 9 3.34 13.44 5.21
CA ILE A 9 2.94 12.18 5.79
C ILE A 9 3.50 12.03 7.19
N ASN A 10 4.37 12.97 7.55
CA ASN A 10 4.95 13.05 8.89
C ASN A 10 5.97 11.93 9.14
N PHE A 11 5.49 10.73 9.47
CA PHE A 11 6.36 9.66 9.93
C PHE A 11 5.54 8.37 10.12
N GLN A 12 6.13 7.39 10.80
CA GLN A 12 5.45 6.16 11.21
C GLN A 12 5.35 5.15 10.06
N SER A 13 4.97 5.63 8.89
CA SER A 13 4.90 4.78 7.71
C SER A 13 5.85 5.30 6.63
N ILE A 14 6.97 4.60 6.45
CA ILE A 14 7.99 5.03 5.50
C ILE A 14 7.68 4.49 4.11
N ASN A 15 6.99 3.35 4.08
CA ASN A 15 6.62 2.71 2.83
C ASN A 15 5.39 3.39 2.21
N VAL A 16 5.03 4.53 2.77
CA VAL A 16 3.80 5.22 2.42
C VAL A 16 3.81 5.72 0.96
N VAL A 17 2.63 5.63 0.35
CA VAL A 17 2.39 6.16 -0.98
C VAL A 17 1.07 6.91 -1.01
N GLU A 18 1.12 8.18 -1.45
CA GLU A 18 -0.06 9.03 -1.50
C GLU A 18 -0.90 8.71 -2.73
N ASN A 19 -0.21 8.29 -3.78
CA ASN A 19 -0.83 7.94 -5.04
C ASN A 19 0.25 7.42 -5.96
N LEU A 20 -0.11 6.97 -7.16
CA LEU A 20 0.86 6.43 -8.12
C LEU A 20 2.06 7.36 -8.31
N GLU A 21 1.83 8.67 -8.22
CA GLU A 21 2.90 9.67 -8.34
C GLU A 21 3.98 9.46 -7.28
N GLU A 22 3.57 9.01 -6.10
CA GLU A 22 4.48 8.86 -4.97
C GLU A 22 4.95 7.41 -4.83
N ALA A 23 4.81 6.63 -5.90
CA ALA A 23 5.19 5.23 -5.87
C ALA A 23 6.66 5.05 -6.22
N LYS A 24 7.30 4.07 -5.59
CA LYS A 24 8.69 3.75 -5.87
C LYS A 24 8.80 2.36 -6.45
N GLU A 25 9.22 2.26 -7.68
CA GLU A 25 9.25 0.97 -8.36
C GLU A 25 10.49 0.18 -7.98
N GLY A 26 10.50 -1.10 -8.35
CA GLY A 26 11.56 -1.99 -7.92
C GLY A 26 11.04 -2.89 -6.82
N ILE A 27 10.17 -2.33 -6.00
CA ILE A 27 9.52 -3.06 -4.93
C ILE A 27 8.03 -3.18 -5.22
N PRO A 28 7.35 -4.18 -4.63
CA PRO A 28 5.89 -4.38 -4.82
C PRO A 28 5.07 -3.16 -4.43
N THR A 29 3.78 -3.18 -4.76
CA THR A 29 2.92 -2.06 -4.46
C THR A 29 1.58 -2.55 -3.91
N ILE A 30 1.29 -2.22 -2.66
CA ILE A 30 0.03 -2.58 -2.05
C ILE A 30 -0.90 -1.38 -2.01
N ILE A 31 -2.17 -1.61 -2.29
CA ILE A 31 -3.14 -0.52 -2.34
C ILE A 31 -4.36 -0.88 -1.52
N MET A 32 -4.65 -0.10 -0.47
CA MET A 32 -5.85 -0.33 0.32
C MET A 32 -6.84 0.79 0.07
N PHE A 33 -8.01 0.41 -0.41
CA PHE A 33 -9.06 1.38 -0.69
C PHE A 33 -9.94 1.54 0.54
N LYS A 34 -9.96 2.74 1.09
CA LYS A 34 -10.76 3.01 2.27
C LYS A 34 -11.21 4.47 2.29
N THR A 35 -12.36 4.73 2.88
CA THR A 35 -12.76 6.09 3.11
C THR A 35 -12.07 6.61 4.37
N ASP A 36 -12.10 7.92 4.54
CA ASP A 36 -11.30 8.56 5.58
C ASP A 36 -12.07 8.63 6.90
N THR A 37 -13.21 7.94 6.96
CA THR A 37 -14.07 7.97 8.13
C THR A 37 -14.05 6.64 8.90
N CYS A 38 -13.58 5.58 8.26
CA CYS A 38 -13.53 4.26 8.92
C CYS A 38 -12.29 4.12 9.79
N PRO A 39 -12.46 3.73 11.06
CA PRO A 39 -11.34 3.59 11.98
C PRO A 39 -10.54 2.31 11.76
N TYR A 40 -11.17 1.28 11.22
CA TYR A 40 -10.49 0.01 10.95
C TYR A 40 -9.37 0.21 9.93
N CYS A 41 -9.43 1.30 9.18
CA CYS A 41 -8.39 1.58 8.22
C CYS A 41 -7.12 2.01 8.94
N VAL A 42 -7.31 2.70 10.06
CA VAL A 42 -6.19 3.16 10.88
C VAL A 42 -5.53 1.96 11.56
N GLU A 43 -6.37 0.99 11.94
CA GLU A 43 -5.89 -0.23 12.57
C GLU A 43 -5.00 -0.99 11.60
N MET A 44 -5.49 -1.19 10.38
CA MET A 44 -4.72 -1.89 9.35
C MET A 44 -3.49 -1.07 8.98
N GLN A 45 -3.61 0.26 9.03
CA GLN A 45 -2.47 1.13 8.79
C GLN A 45 -1.41 0.94 9.86
N LYS A 46 -1.83 0.63 11.09
CA LYS A 46 -0.88 0.35 12.14
C LYS A 46 -0.15 -0.96 11.87
N GLU A 47 -0.88 -1.95 11.39
CA GLU A 47 -0.28 -3.20 10.94
C GLU A 47 0.75 -2.90 9.87
N LEU A 48 0.32 -2.18 8.84
CA LEU A 48 1.19 -1.78 7.73
C LEU A 48 2.39 -0.96 8.23
N SER A 49 2.18 -0.19 9.27
CA SER A 49 3.24 0.61 9.88
C SER A 49 4.29 -0.31 10.50
N TYR A 50 3.84 -1.37 11.15
CA TYR A 50 4.74 -2.34 11.76
C TYR A 50 5.42 -3.17 10.68
N VAL A 51 4.71 -3.40 9.58
CA VAL A 51 5.31 -4.10 8.45
C VAL A 51 6.37 -3.20 7.81
N SER A 52 6.08 -1.91 7.74
CA SER A 52 7.03 -0.91 7.27
C SER A 52 8.24 -0.85 8.21
N LYS A 53 7.97 -1.12 9.48
CA LYS A 53 9.00 -1.13 10.51
C LYS A 53 9.98 -2.30 10.32
N GLU A 54 9.44 -3.46 9.99
CA GLU A 54 10.23 -4.68 9.85
C GLU A 54 10.67 -4.89 8.39
N ARG A 55 9.96 -4.27 7.47
CA ARG A 55 10.28 -4.35 6.05
C ARG A 55 10.35 -2.95 5.46
N GLU A 56 11.45 -2.27 5.75
CA GLU A 56 11.62 -0.87 5.40
C GLU A 56 11.85 -0.69 3.90
N GLY A 57 11.00 0.14 3.28
CA GLY A 57 11.12 0.44 1.86
C GLY A 57 11.23 -0.80 1.01
N LYS A 58 10.46 -1.82 1.35
CA LYS A 58 10.58 -3.11 0.69
C LYS A 58 9.30 -3.40 -0.10
N PHE A 59 8.34 -2.50 0.03
CA PHE A 59 7.09 -2.57 -0.71
C PHE A 59 6.30 -1.29 -0.48
N ASN A 60 5.66 -0.80 -1.51
CA ASN A 60 4.88 0.43 -1.44
C ASN A 60 3.55 0.17 -0.77
N ILE A 61 3.07 1.15 -0.02
CA ILE A 61 1.72 1.09 0.53
C ILE A 61 0.97 2.36 0.17
N TYR A 62 0.03 2.25 -0.75
CA TYR A 62 -0.78 3.37 -1.17
C TYR A 62 -2.12 3.34 -0.45
N TYR A 63 -2.38 4.35 0.35
CA TYR A 63 -3.67 4.41 1.04
C TYR A 63 -4.65 5.19 0.19
N ALA A 64 -5.54 4.47 -0.46
CA ALA A 64 -6.53 5.09 -1.30
C ALA A 64 -7.68 5.61 -0.44
N ARG A 65 -7.45 6.75 0.20
CA ARG A 65 -8.51 7.41 0.94
C ARG A 65 -9.54 7.97 -0.03
N LEU A 66 -10.74 7.41 0.01
CA LEU A 66 -11.84 7.82 -0.86
C LEU A 66 -12.27 9.27 -0.57
N GLU A 67 -11.46 9.96 0.22
CA GLU A 67 -11.72 11.33 0.63
C GLU A 67 -11.31 12.30 -0.49
N GLU A 68 -10.37 11.86 -1.32
CA GLU A 68 -9.82 12.73 -2.35
C GLU A 68 -10.34 12.36 -3.74
N GLU A 69 -9.79 13.03 -4.74
CA GLU A 69 -10.21 12.85 -6.13
C GLU A 69 -9.41 11.76 -6.84
N LYS A 70 -8.15 11.60 -6.45
CA LYS A 70 -7.22 10.69 -7.12
C LYS A 70 -7.79 9.28 -7.23
N ASN A 71 -8.42 8.84 -6.16
CA ASN A 71 -8.87 7.47 -6.06
C ASN A 71 -10.35 7.34 -6.33
N ILE A 72 -10.97 8.39 -6.82
CA ILE A 72 -12.32 8.26 -7.37
C ILE A 72 -12.22 7.42 -8.62
N ASP A 73 -11.28 7.82 -9.48
CA ASP A 73 -10.95 7.07 -10.69
C ASP A 73 -10.21 5.79 -10.34
N LEU A 74 -9.24 5.90 -9.43
CA LEU A 74 -8.40 4.76 -9.06
C LEU A 74 -9.22 3.63 -8.42
N ALA A 75 -10.13 3.99 -7.51
CA ALA A 75 -10.96 2.97 -6.86
C ALA A 75 -11.93 2.35 -7.83
N TYR A 76 -12.53 3.18 -8.69
CA TYR A 76 -13.48 2.70 -9.69
C TYR A 76 -12.80 1.74 -10.65
N LYS A 77 -11.52 1.98 -10.91
CA LYS A 77 -10.73 1.15 -11.82
C LYS A 77 -10.74 -0.32 -11.39
N TYR A 78 -10.81 -0.57 -10.10
CA TYR A 78 -10.86 -1.94 -9.58
C TYR A 78 -12.22 -2.21 -8.95
N ASP A 79 -13.14 -1.26 -9.11
CA ASP A 79 -14.50 -1.34 -8.55
C ASP A 79 -14.45 -1.58 -7.04
N ALA A 80 -13.67 -0.78 -6.34
CA ALA A 80 -13.59 -0.88 -4.90
C ALA A 80 -14.69 -0.05 -4.24
N ASN A 81 -15.92 -0.54 -4.37
CA ASN A 81 -17.08 0.15 -3.82
C ASN A 81 -17.25 -0.20 -2.34
N ILE A 82 -16.55 -1.22 -1.88
CA ILE A 82 -16.58 -1.62 -0.49
C ILE A 82 -15.22 -1.40 0.16
N VAL A 83 -15.20 -1.24 1.47
CA VAL A 83 -13.97 -0.97 2.20
C VAL A 83 -13.88 -1.81 3.47
N PRO A 84 -12.67 -2.18 3.89
CA PRO A 84 -11.43 -1.86 3.18
C PRO A 84 -11.04 -2.94 2.17
N THR A 85 -10.93 -2.56 0.91
CA THR A 85 -10.55 -3.48 -0.14
C THR A 85 -9.07 -3.30 -0.47
N THR A 86 -8.28 -4.33 -0.24
CA THR A 86 -6.85 -4.24 -0.43
C THR A 86 -6.39 -5.06 -1.63
N VAL A 87 -5.69 -4.41 -2.54
CA VAL A 87 -5.11 -5.08 -3.68
C VAL A 87 -3.59 -5.16 -3.53
N PHE A 88 -3.03 -6.29 -3.92
CA PHE A 88 -1.62 -6.56 -3.73
C PHE A 88 -0.94 -6.74 -5.08
N LEU A 89 -0.04 -5.81 -5.40
CA LEU A 89 0.67 -5.86 -6.68
C LEU A 89 2.13 -6.25 -6.46
N ASP A 90 2.68 -7.01 -7.41
CA ASP A 90 4.09 -7.38 -7.37
C ASP A 90 4.95 -6.20 -7.86
N LYS A 91 6.27 -6.33 -7.74
CA LYS A 91 7.18 -5.22 -8.05
C LYS A 91 7.13 -4.84 -9.53
N GLU A 92 6.60 -5.72 -10.37
CA GLU A 92 6.53 -5.48 -11.80
C GLU A 92 5.24 -4.74 -12.14
N GLY A 93 4.44 -4.47 -11.11
CA GLY A 93 3.14 -3.87 -11.32
C GLY A 93 2.08 -4.94 -11.58
N ASN A 94 2.45 -6.18 -11.32
CA ASN A 94 1.56 -7.33 -11.57
C ASN A 94 0.41 -7.35 -10.58
N LYS A 95 -0.82 -7.22 -11.11
CA LYS A 95 -2.00 -7.39 -10.29
C LYS A 95 -2.17 -8.87 -9.96
N PHE A 96 -1.80 -9.26 -8.76
CA PHE A 96 -1.86 -10.65 -8.38
C PHE A 96 -3.05 -10.92 -7.47
N TYR A 97 -2.96 -10.46 -6.24
CA TYR A 97 -3.94 -10.84 -5.22
C TYR A 97 -4.79 -9.65 -4.79
N VAL A 98 -6.07 -9.87 -4.57
CA VAL A 98 -6.94 -8.84 -4.04
C VAL A 98 -7.89 -9.42 -3.00
N HIS A 99 -8.07 -8.74 -1.88
CA HIS A 99 -8.95 -9.21 -0.82
C HIS A 99 -9.55 -8.02 -0.09
N GLN A 100 -10.83 -8.10 0.21
CA GLN A 100 -11.52 -7.05 0.95
C GLN A 100 -11.80 -7.50 2.38
N GLY A 101 -11.33 -6.72 3.34
CA GLY A 101 -11.51 -7.05 4.73
C GLY A 101 -10.36 -6.57 5.58
N LEU A 102 -10.45 -6.82 6.88
CA LEU A 102 -9.41 -6.40 7.81
C LEU A 102 -8.26 -7.41 7.83
N MET A 103 -7.18 -7.07 7.15
CA MET A 103 -6.02 -7.94 7.11
C MET A 103 -5.02 -7.52 8.18
N ARG A 104 -4.21 -8.47 8.62
CA ARG A 104 -3.23 -8.20 9.66
C ARG A 104 -1.81 -8.37 9.10
N LYS A 105 -0.81 -7.98 9.88
CA LYS A 105 0.59 -7.98 9.44
C LYS A 105 0.99 -9.28 8.75
N ASN A 106 0.86 -10.40 9.44
CA ASN A 106 1.29 -11.70 8.90
C ASN A 106 0.51 -12.06 7.64
N ASN A 107 -0.73 -11.62 7.56
CA ASN A 107 -1.56 -11.89 6.39
C ASN A 107 -1.03 -11.10 5.20
N ILE A 108 -0.65 -9.86 5.46
CA ILE A 108 -0.01 -9.02 4.45
C ILE A 108 1.32 -9.66 4.03
N GLU A 109 2.13 -9.98 5.04
CA GLU A 109 3.43 -10.63 4.86
C GLU A 109 3.33 -11.88 3.99
N THR A 110 2.44 -12.78 4.34
CA THR A 110 2.28 -14.04 3.61
C THR A 110 1.90 -13.78 2.16
N ILE A 111 1.02 -12.81 1.93
CA ILE A 111 0.62 -12.46 0.58
C ILE A 111 1.77 -11.81 -0.18
N LEU A 112 2.56 -10.96 0.49
CA LEU A 112 3.74 -10.37 -0.12
C LEU A 112 4.68 -11.45 -0.61
N ASN A 113 4.85 -12.46 0.23
CA ASN A 113 5.65 -13.63 -0.10
C ASN A 113 5.14 -14.31 -1.38
N SER A 114 3.83 -14.39 -1.51
CA SER A 114 3.20 -14.99 -2.69
C SER A 114 3.29 -14.07 -3.90
N LEU A 115 3.31 -12.76 -3.66
CA LEU A 115 3.48 -11.78 -4.73
C LEU A 115 4.88 -11.89 -5.30
N GLY A 116 5.86 -11.71 -4.42
CA GLY A 116 7.24 -11.78 -4.81
C GLY A 116 8.15 -11.07 -3.82
N VAL A 117 8.08 -9.74 -3.80
CA VAL A 117 9.01 -8.93 -3.01
C VAL A 117 10.45 -9.28 -3.38
N LYS A 118 10.83 -8.84 -4.56
CA LYS A 118 12.11 -9.24 -5.16
C LYS A 118 12.77 -8.06 -5.82
N GLU A 119 13.87 -8.34 -6.52
CA GLU A 119 14.46 -7.44 -7.49
C GLU A 119 15.62 -8.16 -8.16
N GLY A 120 15.75 -8.00 -9.47
CA GLY A 120 16.73 -8.75 -10.22
C GLY A 120 18.10 -8.13 -10.19
N HIS A 121 18.16 -6.84 -9.93
CA HIS A 121 19.43 -6.12 -9.98
C HIS A 121 20.27 -6.34 -8.73
N HIS A 122 20.92 -7.48 -8.68
CA HIS A 122 21.92 -7.75 -7.65
C HIS A 122 23.29 -7.40 -8.21
N HIS A 123 23.33 -7.31 -9.53
CA HIS A 123 24.49 -6.85 -10.27
C HIS A 123 24.00 -6.25 -11.57
N HIS A 124 24.78 -5.40 -12.21
CA HIS A 124 24.32 -4.73 -13.40
C HIS A 124 24.88 -5.37 -14.66
N HIS A 125 24.56 -6.63 -14.85
CA HIS A 125 24.71 -7.28 -16.13
C HIS A 125 23.32 -7.58 -16.65
N HIS A 126 22.37 -6.95 -15.99
CA HIS A 126 20.95 -7.07 -16.29
C HIS A 126 20.26 -5.86 -15.66
N MET A 1 4.37 13.48 14.74
CA MET A 1 3.76 14.73 15.23
C MET A 1 4.35 15.95 14.54
N SER A 2 5.65 15.90 14.24
CA SER A 2 6.32 17.00 13.58
C SER A 2 7.49 16.48 12.76
N LEU A 3 7.44 15.19 12.44
CA LEU A 3 8.47 14.53 11.68
C LEU A 3 7.90 13.24 11.13
N GLU A 4 7.22 13.37 10.00
CA GLU A 4 6.57 12.24 9.35
C GLU A 4 7.40 11.79 8.16
N GLY A 5 8.55 12.43 7.99
CA GLY A 5 9.39 12.17 6.84
C GLY A 5 9.56 13.42 6.01
N ILE A 6 8.48 13.85 5.37
CA ILE A 6 8.51 15.02 4.48
C ILE A 6 7.13 15.65 4.38
N LYS A 7 6.13 14.82 4.14
CA LYS A 7 4.75 15.29 4.04
C LYS A 7 3.95 14.78 5.23
N GLN A 8 3.37 15.71 5.97
CA GLN A 8 2.60 15.34 7.16
C GLN A 8 1.23 14.82 6.76
N ILE A 9 1.17 13.52 6.47
CA ILE A 9 -0.08 12.86 6.15
C ILE A 9 -0.42 11.81 7.20
N ASN A 10 0.60 11.05 7.60
CA ASN A 10 0.47 10.05 8.65
C ASN A 10 1.85 9.57 9.06
N PHE A 11 1.90 8.68 10.04
CA PHE A 11 3.16 8.12 10.49
C PHE A 11 2.97 6.67 10.90
N GLN A 12 2.81 5.81 9.91
CA GLN A 12 2.65 4.38 10.13
C GLN A 12 3.65 3.61 9.28
N SER A 13 3.44 3.64 7.97
CA SER A 13 4.37 3.05 7.03
C SER A 13 5.25 4.13 6.43
N ILE A 14 6.54 3.86 6.29
CA ILE A 14 7.45 4.80 5.67
C ILE A 14 7.51 4.51 4.16
N ASN A 15 7.01 3.33 3.79
CA ASN A 15 6.78 2.97 2.39
C ASN A 15 5.59 3.77 1.84
N VAL A 16 5.11 4.72 2.64
CA VAL A 16 3.90 5.48 2.33
C VAL A 16 4.01 6.27 1.03
N VAL A 17 3.01 6.10 0.18
CA VAL A 17 2.86 6.90 -1.02
C VAL A 17 1.42 7.40 -1.13
N GLU A 18 1.28 8.64 -1.55
CA GLU A 18 -0.03 9.26 -1.76
C GLU A 18 -0.70 8.65 -2.99
N ASN A 19 0.05 8.61 -4.07
CA ASN A 19 -0.48 8.18 -5.35
C ASN A 19 0.64 7.54 -6.16
N LEU A 20 0.29 6.92 -7.28
CA LEU A 20 1.28 6.41 -8.23
C LEU A 20 2.31 7.50 -8.58
N GLU A 21 1.90 8.77 -8.53
CA GLU A 21 2.81 9.88 -8.74
C GLU A 21 3.92 9.90 -7.68
N GLU A 22 3.60 9.40 -6.50
CA GLU A 22 4.54 9.33 -5.40
C GLU A 22 5.22 7.96 -5.32
N ALA A 23 4.85 7.06 -6.24
CA ALA A 23 5.30 5.68 -6.18
C ALA A 23 6.71 5.51 -6.71
N LYS A 24 7.34 4.41 -6.32
CA LYS A 24 8.69 4.08 -6.72
C LYS A 24 8.69 2.81 -7.57
N GLU A 25 9.77 2.59 -8.31
CA GLU A 25 9.85 1.44 -9.21
C GLU A 25 10.75 0.33 -8.66
N GLY A 26 10.66 -0.86 -9.25
CA GLY A 26 11.45 -1.98 -8.80
C GLY A 26 10.74 -2.81 -7.75
N ILE A 27 10.21 -2.13 -6.74
CA ILE A 27 9.46 -2.81 -5.70
C ILE A 27 7.98 -2.84 -6.04
N PRO A 28 7.27 -3.89 -5.58
CA PRO A 28 5.82 -4.04 -5.76
C PRO A 28 5.03 -2.90 -5.12
N THR A 29 3.73 -2.86 -5.40
CA THR A 29 2.88 -1.80 -4.91
C THR A 29 1.63 -2.36 -4.26
N ILE A 30 1.32 -1.87 -3.07
CA ILE A 30 0.12 -2.28 -2.36
C ILE A 30 -0.86 -1.12 -2.32
N ILE A 31 -1.98 -1.30 -2.97
CA ILE A 31 -3.00 -0.26 -3.01
C ILE A 31 -4.10 -0.59 -2.01
N MET A 32 -4.17 0.16 -0.94
CA MET A 32 -5.21 -0.05 0.05
C MET A 32 -6.18 1.12 0.05
N PHE A 33 -7.45 0.81 0.00
CA PHE A 33 -8.49 1.82 -0.08
C PHE A 33 -9.05 2.11 1.30
N LYS A 34 -8.91 3.36 1.71
CA LYS A 34 -9.29 3.78 3.05
C LYS A 34 -10.28 4.94 2.98
N THR A 35 -10.98 5.19 4.06
CA THR A 35 -11.94 6.27 4.10
C THR A 35 -11.82 7.05 5.41
N ASP A 36 -12.42 8.23 5.41
CA ASP A 36 -12.36 9.13 6.55
C ASP A 36 -13.30 8.65 7.67
N THR A 37 -14.35 7.94 7.28
CA THR A 37 -15.38 7.51 8.21
C THR A 37 -14.96 6.25 8.97
N CYS A 38 -14.86 5.13 8.26
CA CYS A 38 -14.53 3.84 8.88
C CYS A 38 -13.11 3.82 9.41
N PRO A 39 -12.94 3.58 10.72
CA PRO A 39 -11.62 3.58 11.35
C PRO A 39 -10.82 2.30 11.11
N TYR A 40 -11.38 1.40 10.31
CA TYR A 40 -10.70 0.16 9.95
C TYR A 40 -9.40 0.45 9.21
N CYS A 41 -9.34 1.63 8.60
CA CYS A 41 -8.13 2.06 7.90
C CYS A 41 -6.99 2.24 8.89
N VAL A 42 -7.25 3.02 9.94
CA VAL A 42 -6.26 3.29 10.96
C VAL A 42 -5.81 2.00 11.64
N GLU A 43 -6.71 1.03 11.71
CA GLU A 43 -6.39 -0.26 12.31
C GLU A 43 -5.37 -1.02 11.46
N MET A 44 -5.65 -1.12 10.16
CA MET A 44 -4.75 -1.80 9.24
C MET A 44 -3.43 -1.03 9.14
N GLN A 45 -3.50 0.28 9.30
CA GLN A 45 -2.31 1.13 9.30
C GLN A 45 -1.37 0.74 10.43
N LYS A 46 -1.93 0.37 11.58
CA LYS A 46 -1.11 -0.07 12.72
C LYS A 46 -0.39 -1.37 12.35
N GLU A 47 -1.14 -2.31 11.80
CA GLU A 47 -0.58 -3.59 11.36
C GLU A 47 0.53 -3.34 10.35
N LEU A 48 0.27 -2.44 9.40
CA LEU A 48 1.28 -2.05 8.41
C LEU A 48 2.50 -1.45 9.07
N SER A 49 2.28 -0.74 10.19
CA SER A 49 3.39 -0.14 10.93
C SER A 49 4.36 -1.20 11.41
N TYR A 50 3.81 -2.30 11.93
CA TYR A 50 4.63 -3.38 12.45
C TYR A 50 5.33 -4.13 11.31
N VAL A 51 4.70 -4.14 10.15
CA VAL A 51 5.28 -4.80 8.98
C VAL A 51 6.40 -3.95 8.38
N SER A 52 6.13 -2.66 8.21
CA SER A 52 7.12 -1.72 7.67
C SER A 52 8.33 -1.62 8.59
N LYS A 53 8.08 -1.84 9.88
CA LYS A 53 9.14 -1.82 10.90
C LYS A 53 10.32 -2.70 10.50
N GLU A 54 10.03 -3.78 9.79
CA GLU A 54 11.06 -4.61 9.19
C GLU A 54 11.12 -4.34 7.70
N ARG A 55 9.96 -4.36 7.06
CA ARG A 55 9.91 -4.27 5.62
C ARG A 55 9.78 -2.80 5.20
N GLU A 56 10.82 -2.02 5.46
CA GLU A 56 10.91 -0.65 4.97
C GLU A 56 11.59 -0.58 3.62
N GLY A 57 11.13 0.35 2.79
CA GLY A 57 11.69 0.53 1.46
C GLY A 57 11.68 -0.76 0.65
N LYS A 58 10.66 -1.58 0.87
CA LYS A 58 10.60 -2.90 0.25
C LYS A 58 9.48 -2.94 -0.75
N PHE A 59 8.61 -1.95 -0.67
CA PHE A 59 7.47 -1.83 -1.57
C PHE A 59 6.87 -0.44 -1.48
N ASN A 60 5.76 -0.25 -2.18
CA ASN A 60 5.00 0.99 -2.11
C ASN A 60 3.70 0.77 -1.35
N ILE A 61 3.42 1.62 -0.37
CA ILE A 61 2.14 1.57 0.32
C ILE A 61 1.28 2.76 -0.11
N TYR A 62 0.27 2.49 -0.90
CA TYR A 62 -0.61 3.53 -1.41
C TYR A 62 -1.86 3.60 -0.56
N TYR A 63 -2.02 4.69 0.18
CA TYR A 63 -3.25 4.89 0.93
C TYR A 63 -4.25 5.63 0.05
N ALA A 64 -5.20 4.90 -0.50
CA ALA A 64 -6.22 5.51 -1.34
C ALA A 64 -7.27 6.16 -0.46
N ARG A 65 -7.04 7.43 -0.17
CA ARG A 65 -7.95 8.20 0.64
C ARG A 65 -9.26 8.44 -0.11
N LEU A 66 -10.30 7.73 0.25
CA LEU A 66 -11.62 7.92 -0.35
C LEU A 66 -12.17 9.30 0.00
N GLU A 67 -11.32 10.14 0.57
CA GLU A 67 -11.68 11.50 0.91
C GLU A 67 -11.54 12.41 -0.32
N GLU A 68 -10.61 12.06 -1.21
CA GLU A 68 -10.32 12.90 -2.37
C GLU A 68 -10.95 12.37 -3.65
N GLU A 69 -10.57 12.99 -4.77
CA GLU A 69 -11.16 12.70 -6.07
C GLU A 69 -10.32 11.69 -6.83
N LYS A 70 -9.00 11.77 -6.67
CA LYS A 70 -8.08 10.90 -7.40
C LYS A 70 -8.40 9.42 -7.18
N ASN A 71 -8.98 9.14 -6.02
CA ASN A 71 -9.17 7.77 -5.57
C ASN A 71 -10.49 7.20 -6.08
N ILE A 72 -11.30 8.05 -6.68
CA ILE A 72 -12.55 7.59 -7.28
C ILE A 72 -12.24 6.72 -8.50
N ASP A 73 -11.52 7.30 -9.45
CA ASP A 73 -11.05 6.55 -10.62
C ASP A 73 -10.11 5.44 -10.17
N LEU A 74 -9.27 5.73 -9.18
CA LEU A 74 -8.32 4.76 -8.65
C LEU A 74 -9.07 3.53 -8.12
N ALA A 75 -10.21 3.77 -7.48
CA ALA A 75 -11.04 2.68 -6.97
C ALA A 75 -11.50 1.76 -8.07
N TYR A 76 -12.03 2.35 -9.15
CA TYR A 76 -12.48 1.57 -10.30
C TYR A 76 -11.32 0.86 -10.97
N LYS A 77 -10.15 1.51 -10.97
CA LYS A 77 -8.95 0.94 -11.55
C LYS A 77 -8.60 -0.40 -10.91
N TYR A 78 -8.89 -0.52 -9.62
CA TYR A 78 -8.55 -1.73 -8.89
C TYR A 78 -9.79 -2.46 -8.39
N ASP A 79 -10.94 -2.12 -8.97
CA ASP A 79 -12.19 -2.86 -8.76
C ASP A 79 -12.60 -2.82 -7.27
N ALA A 80 -12.34 -1.70 -6.63
CA ALA A 80 -12.60 -1.54 -5.21
C ALA A 80 -13.99 -0.96 -4.96
N ASN A 81 -14.62 -1.40 -3.86
CA ASN A 81 -15.89 -0.84 -3.44
C ASN A 81 -16.08 -1.00 -1.93
N ILE A 82 -15.59 -2.12 -1.39
CA ILE A 82 -15.72 -2.41 0.02
C ILE A 82 -14.51 -1.90 0.80
N VAL A 83 -14.76 -1.25 1.92
CA VAL A 83 -13.68 -0.78 2.79
C VAL A 83 -13.63 -1.61 4.07
N PRO A 84 -12.42 -2.02 4.48
CA PRO A 84 -11.19 -1.72 3.75
C PRO A 84 -10.82 -2.81 2.75
N THR A 85 -10.31 -2.39 1.61
CA THR A 85 -9.87 -3.33 0.59
C THR A 85 -8.43 -3.02 0.20
N THR A 86 -7.69 -4.05 -0.14
CA THR A 86 -6.28 -3.90 -0.46
C THR A 86 -5.90 -4.80 -1.62
N VAL A 87 -5.24 -4.24 -2.61
CA VAL A 87 -4.77 -5.00 -3.75
C VAL A 87 -3.25 -5.04 -3.77
N PHE A 88 -2.72 -6.24 -3.88
CA PHE A 88 -1.29 -6.45 -3.88
C PHE A 88 -0.80 -6.65 -5.31
N LEU A 89 0.07 -5.74 -5.75
CA LEU A 89 0.65 -5.81 -7.07
C LEU A 89 2.10 -6.26 -6.99
N ASP A 90 2.50 -7.13 -7.92
CA ASP A 90 3.90 -7.53 -8.04
C ASP A 90 4.71 -6.32 -8.52
N LYS A 91 6.02 -6.49 -8.64
CA LYS A 91 6.91 -5.39 -9.03
C LYS A 91 6.60 -4.89 -10.45
N GLU A 92 6.04 -5.75 -11.28
CA GLU A 92 5.64 -5.37 -12.64
C GLU A 92 4.43 -4.44 -12.61
N GLY A 93 3.63 -4.54 -11.56
CA GLY A 93 2.43 -3.74 -11.46
C GLY A 93 1.17 -4.52 -11.82
N ASN A 94 1.26 -5.84 -11.70
CA ASN A 94 0.09 -6.69 -11.95
C ASN A 94 -0.74 -6.84 -10.67
N LYS A 95 -2.05 -6.66 -10.79
CA LYS A 95 -2.96 -6.90 -9.67
C LYS A 95 -3.06 -8.41 -9.42
N PHE A 96 -2.11 -8.93 -8.65
CA PHE A 96 -2.01 -10.37 -8.42
C PHE A 96 -3.10 -10.84 -7.48
N TYR A 97 -3.28 -10.14 -6.37
CA TYR A 97 -4.28 -10.53 -5.40
C TYR A 97 -4.91 -9.31 -4.74
N VAL A 98 -6.21 -9.15 -4.95
CA VAL A 98 -6.96 -8.09 -4.29
C VAL A 98 -7.82 -8.69 -3.18
N HIS A 99 -7.84 -8.03 -2.03
CA HIS A 99 -8.54 -8.54 -0.87
C HIS A 99 -9.54 -7.50 -0.41
N GLN A 100 -10.75 -7.94 -0.08
CA GLN A 100 -11.74 -7.04 0.46
C GLN A 100 -12.09 -7.46 1.88
N GLY A 101 -11.67 -6.66 2.85
CA GLY A 101 -11.84 -7.01 4.24
C GLY A 101 -10.59 -6.72 5.04
N LEU A 102 -10.74 -6.59 6.35
CA LEU A 102 -9.63 -6.23 7.23
C LEU A 102 -8.74 -7.45 7.49
N MET A 103 -7.43 -7.22 7.55
CA MET A 103 -6.48 -8.28 7.85
C MET A 103 -5.51 -7.79 8.92
N ARG A 104 -4.74 -8.71 9.50
CA ARG A 104 -3.72 -8.36 10.46
C ARG A 104 -2.35 -8.41 9.80
N LYS A 105 -1.31 -8.01 10.54
CA LYS A 105 0.04 -7.91 9.99
C LYS A 105 0.53 -9.23 9.37
N ASN A 106 0.35 -10.34 10.08
CA ASN A 106 0.85 -11.63 9.61
C ASN A 106 0.09 -12.07 8.36
N ASN A 107 -1.16 -11.64 8.24
CA ASN A 107 -1.96 -11.94 7.06
C ASN A 107 -1.35 -11.24 5.86
N ILE A 108 -1.00 -9.96 6.06
CA ILE A 108 -0.32 -9.18 5.05
C ILE A 108 1.03 -9.81 4.72
N GLU A 109 1.75 -10.18 5.78
CA GLU A 109 3.03 -10.88 5.67
C GLU A 109 2.93 -12.09 4.74
N THR A 110 1.91 -12.91 4.95
CA THR A 110 1.71 -14.11 4.15
C THR A 110 1.42 -13.76 2.70
N ILE A 111 0.62 -12.72 2.47
CA ILE A 111 0.28 -12.31 1.13
C ILE A 111 1.51 -11.75 0.41
N LEU A 112 2.28 -10.92 1.13
CA LEU A 112 3.51 -10.35 0.59
C LEU A 112 4.46 -11.46 0.14
N ASN A 113 4.56 -12.47 0.98
CA ASN A 113 5.40 -13.64 0.71
C ASN A 113 4.94 -14.35 -0.57
N SER A 114 3.64 -14.50 -0.72
CA SER A 114 3.07 -15.23 -1.84
C SER A 114 2.86 -14.32 -3.06
N LEU A 115 3.18 -13.05 -2.91
CA LEU A 115 2.94 -12.06 -3.95
C LEU A 115 4.06 -12.04 -4.99
N GLY A 116 5.22 -11.57 -4.59
CA GLY A 116 6.30 -11.38 -5.52
C GLY A 116 7.19 -10.22 -5.10
N VAL A 117 6.80 -9.57 -4.02
CA VAL A 117 7.61 -8.55 -3.34
C VAL A 117 9.12 -8.82 -3.40
N LYS A 118 9.80 -8.02 -4.21
CA LYS A 118 11.24 -8.08 -4.39
C LYS A 118 11.63 -7.06 -5.46
N GLU A 119 12.89 -7.07 -5.87
CA GLU A 119 13.33 -6.23 -6.96
C GLU A 119 13.79 -7.13 -8.11
N GLY A 120 13.80 -6.61 -9.33
CA GLY A 120 14.07 -7.42 -10.50
C GLY A 120 15.55 -7.73 -10.68
N HIS A 121 16.07 -8.63 -9.86
CA HIS A 121 17.46 -9.06 -10.00
C HIS A 121 17.56 -10.56 -10.15
N HIS A 122 16.44 -11.25 -10.09
CA HIS A 122 16.41 -12.70 -10.21
C HIS A 122 15.69 -13.11 -11.50
N HIS A 123 16.46 -13.62 -12.46
CA HIS A 123 15.88 -13.99 -13.75
C HIS A 123 16.31 -15.39 -14.18
N HIS A 124 17.60 -15.67 -14.09
CA HIS A 124 18.16 -16.88 -14.69
C HIS A 124 18.01 -18.10 -13.81
N HIS A 125 18.04 -19.26 -14.44
CA HIS A 125 18.00 -20.54 -13.75
C HIS A 125 18.78 -21.57 -14.56
N HIS A 126 19.60 -22.36 -13.89
CA HIS A 126 20.37 -23.40 -14.55
C HIS A 126 20.26 -24.69 -13.76
N MET A 1 2.59 20.66 12.57
CA MET A 1 3.34 21.62 13.41
C MET A 1 4.22 22.52 12.54
N SER A 2 3.71 22.86 11.36
CA SER A 2 4.40 23.73 10.39
C SER A 2 5.58 23.01 9.74
N LEU A 3 6.51 22.53 10.55
CA LEU A 3 7.63 21.76 10.02
C LEU A 3 7.25 20.28 10.02
N GLU A 4 6.60 19.87 8.94
CA GLU A 4 6.07 18.52 8.82
C GLU A 4 7.08 17.60 8.14
N GLY A 5 8.33 18.00 8.18
CA GLY A 5 9.37 17.25 7.50
C GLY A 5 9.41 17.54 6.01
N ILE A 6 8.40 17.06 5.30
CA ILE A 6 8.30 17.26 3.86
C ILE A 6 6.84 17.37 3.41
N LYS A 7 6.03 16.42 3.83
CA LYS A 7 4.61 16.40 3.48
C LYS A 7 3.79 16.01 4.70
N GLN A 8 2.61 16.60 4.84
CA GLN A 8 1.75 16.31 5.99
C GLN A 8 1.04 14.98 5.82
N ILE A 9 1.58 13.95 6.45
CA ILE A 9 1.00 12.61 6.40
C ILE A 9 1.47 11.80 7.60
N ASN A 10 0.69 10.80 8.00
CA ASN A 10 1.02 9.99 9.16
C ASN A 10 2.18 9.04 8.88
N PHE A 11 3.04 8.87 9.88
CA PHE A 11 4.23 8.04 9.76
C PHE A 11 3.94 6.58 10.10
N GLN A 12 2.67 6.29 10.37
CA GLN A 12 2.27 4.95 10.81
C GLN A 12 2.59 3.89 9.77
N SER A 13 2.52 4.26 8.50
CA SER A 13 2.79 3.32 7.43
C SER A 13 4.25 3.41 6.97
N ILE A 14 4.90 4.52 7.32
CA ILE A 14 6.26 4.84 6.86
C ILE A 14 6.30 5.03 5.35
N ASN A 15 6.09 3.95 4.61
CA ASN A 15 6.15 3.98 3.15
C ASN A 15 4.79 4.31 2.57
N VAL A 16 4.14 5.32 3.14
CA VAL A 16 2.83 5.75 2.70
C VAL A 16 2.94 6.62 1.44
N VAL A 17 2.26 6.20 0.39
CA VAL A 17 2.35 6.86 -0.90
C VAL A 17 1.05 7.57 -1.24
N GLU A 18 1.18 8.74 -1.84
CA GLU A 18 0.05 9.59 -2.18
C GLU A 18 -0.62 9.17 -3.49
N ASN A 19 0.18 8.68 -4.42
CA ASN A 19 -0.33 8.22 -5.72
C ASN A 19 0.82 7.56 -6.49
N LEU A 20 0.51 6.99 -7.65
CA LEU A 20 1.51 6.37 -8.50
C LEU A 20 2.57 7.38 -8.92
N GLU A 21 2.15 8.64 -9.01
CA GLU A 21 3.06 9.73 -9.32
C GLU A 21 4.09 9.91 -8.19
N GLU A 22 3.65 9.63 -6.97
CA GLU A 22 4.52 9.73 -5.81
C GLU A 22 5.17 8.37 -5.51
N ALA A 23 4.97 7.43 -6.42
CA ALA A 23 5.47 6.07 -6.23
C ALA A 23 6.61 5.76 -7.18
N LYS A 24 7.40 4.77 -6.82
CA LYS A 24 8.48 4.29 -7.67
C LYS A 24 8.43 2.77 -7.72
N GLU A 25 8.58 2.22 -8.91
CA GLU A 25 8.52 0.78 -9.10
C GLU A 25 9.80 0.14 -8.56
N GLY A 26 9.76 -1.17 -8.35
CA GLY A 26 10.90 -1.87 -7.79
C GLY A 26 10.51 -2.62 -6.54
N ILE A 27 9.61 -2.02 -5.78
CA ILE A 27 9.05 -2.66 -4.60
C ILE A 27 7.56 -2.88 -4.79
N PRO A 28 7.03 -3.99 -4.25
CA PRO A 28 5.60 -4.31 -4.30
C PRO A 28 4.72 -3.11 -3.97
N THR A 29 3.70 -2.91 -4.79
CA THR A 29 2.81 -1.78 -4.60
C THR A 29 1.51 -2.24 -3.95
N ILE A 30 1.33 -1.85 -2.70
CA ILE A 30 0.11 -2.20 -1.98
C ILE A 30 -0.86 -1.04 -2.01
N ILE A 31 -1.92 -1.19 -2.79
CA ILE A 31 -2.92 -0.14 -2.92
C ILE A 31 -4.16 -0.49 -2.12
N MET A 32 -4.42 0.26 -1.07
CA MET A 32 -5.58 0.00 -0.25
C MET A 32 -6.60 1.11 -0.45
N PHE A 33 -7.87 0.75 -0.42
CA PHE A 33 -8.94 1.70 -0.66
C PHE A 33 -9.61 2.03 0.66
N LYS A 34 -9.77 3.33 0.93
CA LYS A 34 -10.26 3.77 2.21
C LYS A 34 -11.16 5.00 2.06
N THR A 35 -12.12 5.13 2.95
CA THR A 35 -12.88 6.36 3.05
C THR A 35 -12.00 7.42 3.71
N ASP A 36 -12.54 8.58 4.01
CA ASP A 36 -11.79 9.62 4.73
C ASP A 36 -11.22 9.06 6.04
N THR A 37 -12.07 8.89 7.04
CA THR A 37 -11.65 8.33 8.31
C THR A 37 -12.26 6.93 8.50
N CYS A 38 -11.41 5.95 8.78
CA CYS A 38 -11.86 4.58 9.02
C CYS A 38 -10.98 3.91 10.05
N PRO A 39 -11.58 3.21 11.02
CA PRO A 39 -10.84 2.54 12.08
C PRO A 39 -10.08 1.31 11.58
N TYR A 40 -10.62 0.64 10.57
CA TYR A 40 -9.97 -0.54 10.02
C TYR A 40 -8.68 -0.15 9.30
N CYS A 41 -8.64 1.06 8.77
CA CYS A 41 -7.49 1.53 8.04
C CYS A 41 -6.34 1.86 8.99
N VAL A 42 -6.66 2.51 10.11
CA VAL A 42 -5.64 2.84 11.10
C VAL A 42 -5.16 1.57 11.80
N GLU A 43 -6.05 0.59 11.90
CA GLU A 43 -5.68 -0.71 12.46
C GLU A 43 -4.68 -1.40 11.54
N MET A 44 -4.97 -1.39 10.25
CA MET A 44 -4.08 -1.98 9.26
C MET A 44 -2.73 -1.27 9.25
N GLN A 45 -2.75 0.05 9.46
CA GLN A 45 -1.53 0.84 9.54
C GLN A 45 -0.61 0.32 10.62
N LYS A 46 -1.18 -0.05 11.76
CA LYS A 46 -0.40 -0.62 12.85
C LYS A 46 0.31 -1.89 12.37
N GLU A 47 -0.47 -2.77 11.75
CA GLU A 47 0.08 -4.02 11.22
C GLU A 47 1.16 -3.76 10.18
N LEU A 48 0.93 -2.76 9.34
CA LEU A 48 1.92 -2.38 8.33
C LEU A 48 3.22 -1.95 9.00
N SER A 49 3.11 -1.17 10.06
CA SER A 49 4.28 -0.74 10.83
C SER A 49 4.96 -1.95 11.45
N TYR A 50 4.17 -2.92 11.89
CA TYR A 50 4.70 -4.15 12.45
C TYR A 50 5.48 -4.92 11.39
N VAL A 51 5.16 -4.69 10.12
CA VAL A 51 5.90 -5.30 9.03
C VAL A 51 7.16 -4.50 8.73
N SER A 52 7.03 -3.18 8.71
CA SER A 52 8.13 -2.28 8.39
C SER A 52 9.36 -2.51 9.29
N LYS A 53 9.11 -2.92 10.54
CA LYS A 53 10.22 -3.19 11.46
C LYS A 53 11.10 -4.33 10.94
N GLU A 54 10.48 -5.31 10.29
CA GLU A 54 11.20 -6.45 9.75
C GLU A 54 11.35 -6.32 8.23
N ARG A 55 11.00 -5.16 7.70
CA ARG A 55 10.95 -4.98 6.26
C ARG A 55 11.13 -3.51 5.92
N GLU A 56 12.36 -3.10 5.66
CA GLU A 56 12.62 -1.73 5.25
C GLU A 56 12.02 -1.49 3.90
N GLY A 57 11.05 -0.57 3.90
CA GLY A 57 10.26 -0.30 2.73
C GLY A 57 9.76 -1.57 2.12
N LYS A 58 10.38 -1.90 1.01
CA LYS A 58 10.08 -3.08 0.22
C LYS A 58 8.59 -3.19 -0.16
N PHE A 59 7.83 -2.13 0.13
CA PHE A 59 6.44 -2.06 -0.28
C PHE A 59 5.95 -0.61 -0.20
N ASN A 60 5.64 -0.06 -1.35
CA ASN A 60 5.04 1.27 -1.42
C ASN A 60 3.54 1.16 -1.22
N ILE A 61 3.03 1.75 -0.14
CA ILE A 61 1.62 1.63 0.18
C ILE A 61 0.85 2.84 -0.32
N TYR A 62 0.07 2.65 -1.37
CA TYR A 62 -0.75 3.71 -1.92
C TYR A 62 -2.11 3.73 -1.26
N TYR A 63 -2.42 4.83 -0.59
CA TYR A 63 -3.70 4.97 0.07
C TYR A 63 -4.70 5.64 -0.85
N ALA A 64 -5.63 4.85 -1.35
CA ALA A 64 -6.67 5.34 -2.21
C ALA A 64 -7.79 5.93 -1.37
N ARG A 65 -7.48 7.05 -0.76
CA ARG A 65 -8.44 7.80 0.02
C ARG A 65 -9.58 8.28 -0.88
N LEU A 66 -10.80 7.85 -0.61
CA LEU A 66 -11.97 8.27 -1.39
C LEU A 66 -12.27 9.76 -1.19
N GLU A 67 -11.34 10.47 -0.56
CA GLU A 67 -11.44 11.90 -0.33
C GLU A 67 -11.33 12.65 -1.64
N GLU A 68 -10.40 12.19 -2.47
CA GLU A 68 -10.09 12.85 -3.72
C GLU A 68 -10.96 12.33 -4.85
N GLU A 69 -11.18 13.19 -5.84
CA GLU A 69 -11.98 12.83 -7.01
C GLU A 69 -11.21 11.83 -7.87
N LYS A 70 -9.89 11.99 -7.91
CA LYS A 70 -9.02 11.11 -8.68
C LYS A 70 -9.16 9.66 -8.24
N ASN A 71 -9.54 9.44 -6.99
CA ASN A 71 -9.66 8.08 -6.47
C ASN A 71 -11.04 7.51 -6.75
N ILE A 72 -11.91 8.31 -7.33
CA ILE A 72 -13.19 7.79 -7.81
C ILE A 72 -12.92 6.92 -9.03
N ASP A 73 -12.05 7.42 -9.90
CA ASP A 73 -11.61 6.66 -11.06
C ASP A 73 -10.68 5.53 -10.63
N LEU A 74 -9.80 5.82 -9.68
CA LEU A 74 -8.85 4.84 -9.16
C LEU A 74 -9.61 3.66 -8.52
N ALA A 75 -10.59 3.97 -7.69
CA ALA A 75 -11.41 2.94 -7.04
C ALA A 75 -12.18 2.14 -8.09
N TYR A 76 -12.85 2.85 -9.00
CA TYR A 76 -13.67 2.22 -10.03
C TYR A 76 -12.81 1.33 -10.93
N LYS A 77 -11.57 1.75 -11.14
CA LYS A 77 -10.61 1.00 -11.96
C LYS A 77 -10.42 -0.41 -11.42
N TYR A 78 -10.50 -0.55 -10.10
CA TYR A 78 -10.32 -1.86 -9.47
C TYR A 78 -11.65 -2.35 -8.86
N ASP A 79 -12.74 -1.68 -9.22
CA ASP A 79 -14.09 -2.07 -8.80
C ASP A 79 -14.28 -1.90 -7.30
N ALA A 80 -13.46 -1.05 -6.69
CA ALA A 80 -13.52 -0.81 -5.27
C ALA A 80 -14.67 0.13 -4.91
N ASN A 81 -15.81 -0.47 -4.59
CA ASN A 81 -16.99 0.30 -4.20
C ASN A 81 -17.31 0.07 -2.73
N ILE A 82 -16.61 -0.88 -2.12
CA ILE A 82 -16.79 -1.20 -0.71
C ILE A 82 -15.46 -1.11 0.01
N VAL A 83 -15.51 -0.84 1.31
CA VAL A 83 -14.30 -0.73 2.12
C VAL A 83 -14.44 -1.55 3.40
N PRO A 84 -13.32 -2.02 3.97
CA PRO A 84 -11.99 -1.80 3.41
C PRO A 84 -11.56 -2.89 2.45
N THR A 85 -10.80 -2.52 1.42
CA THR A 85 -10.30 -3.48 0.45
C THR A 85 -8.90 -3.08 0.02
N THR A 86 -8.07 -4.07 -0.32
CA THR A 86 -6.69 -3.82 -0.69
C THR A 86 -6.27 -4.67 -1.88
N VAL A 87 -5.67 -4.03 -2.87
CA VAL A 87 -5.10 -4.73 -4.01
C VAL A 87 -3.57 -4.81 -3.86
N PHE A 88 -3.06 -6.03 -3.84
CA PHE A 88 -1.64 -6.27 -3.69
C PHE A 88 -0.99 -6.48 -5.05
N LEU A 89 -0.07 -5.58 -5.39
CA LEU A 89 0.64 -5.64 -6.66
C LEU A 89 2.12 -5.95 -6.45
N ASP A 90 2.68 -6.70 -7.39
CA ASP A 90 4.10 -7.06 -7.38
C ASP A 90 4.98 -5.81 -7.54
N LYS A 91 6.29 -6.00 -7.38
CA LYS A 91 7.29 -4.93 -7.52
C LYS A 91 7.16 -4.17 -8.83
N GLU A 92 6.60 -4.81 -9.84
CA GLU A 92 6.50 -4.21 -11.17
C GLU A 92 5.18 -3.47 -11.33
N GLY A 93 4.31 -3.57 -10.33
CA GLY A 93 3.03 -2.89 -10.37
C GLY A 93 1.96 -3.70 -11.07
N ASN A 94 2.08 -5.02 -10.99
CA ASN A 94 1.05 -5.90 -11.54
C ASN A 94 0.31 -6.60 -10.41
N LYS A 95 -1.01 -6.62 -10.50
CA LYS A 95 -1.84 -7.18 -9.44
C LYS A 95 -1.61 -8.67 -9.27
N PHE A 96 -1.71 -9.15 -8.05
CA PHE A 96 -1.64 -10.56 -7.78
C PHE A 96 -2.84 -11.00 -6.95
N TYR A 97 -3.16 -10.24 -5.91
CA TYR A 97 -4.24 -10.64 -5.01
C TYR A 97 -4.96 -9.42 -4.45
N VAL A 98 -6.28 -9.47 -4.46
CA VAL A 98 -7.08 -8.44 -3.81
C VAL A 98 -7.88 -9.07 -2.68
N HIS A 99 -8.00 -8.34 -1.57
CA HIS A 99 -8.71 -8.86 -0.41
C HIS A 99 -9.60 -7.77 0.16
N GLN A 100 -10.73 -8.18 0.71
CA GLN A 100 -11.64 -7.26 1.36
C GLN A 100 -11.71 -7.59 2.86
N GLY A 101 -11.67 -6.56 3.69
CA GLY A 101 -11.72 -6.77 5.12
C GLY A 101 -10.47 -6.27 5.82
N LEU A 102 -10.10 -6.92 6.91
CA LEU A 102 -8.94 -6.50 7.69
C LEU A 102 -8.00 -7.68 7.90
N MET A 103 -6.70 -7.40 7.91
CA MET A 103 -5.70 -8.44 8.11
C MET A 103 -4.70 -8.01 9.17
N ARG A 104 -3.93 -8.96 9.67
CA ARG A 104 -2.83 -8.67 10.59
C ARG A 104 -1.50 -8.75 9.84
N LYS A 105 -0.43 -8.28 10.46
CA LYS A 105 0.85 -8.14 9.77
C LYS A 105 1.31 -9.45 9.13
N ASN A 106 1.16 -10.56 9.84
CA ASN A 106 1.61 -11.86 9.32
C ASN A 106 0.77 -12.28 8.12
N ASN A 107 -0.49 -11.89 8.12
CA ASN A 107 -1.37 -12.17 6.99
C ASN A 107 -0.89 -11.41 5.78
N ILE A 108 -0.53 -10.15 6.01
CA ILE A 108 0.06 -9.31 4.97
C ILE A 108 1.39 -9.91 4.52
N GLU A 109 2.23 -10.25 5.50
CA GLU A 109 3.53 -10.88 5.25
C GLU A 109 3.41 -12.06 4.29
N THR A 110 2.49 -12.96 4.61
CA THR A 110 2.29 -14.16 3.81
C THR A 110 1.83 -13.81 2.39
N ILE A 111 0.93 -12.83 2.29
CA ILE A 111 0.46 -12.38 0.99
C ILE A 111 1.60 -11.77 0.20
N LEU A 112 2.46 -11.00 0.88
CA LEU A 112 3.61 -10.39 0.26
C LEU A 112 4.60 -11.46 -0.21
N ASN A 113 4.73 -12.53 0.58
CA ASN A 113 5.60 -13.64 0.25
C ASN A 113 5.16 -14.29 -1.06
N SER A 114 3.85 -14.39 -1.25
CA SER A 114 3.31 -14.97 -2.47
C SER A 114 3.19 -13.91 -3.57
N LEU A 115 3.38 -12.66 -3.17
CA LEU A 115 3.28 -11.53 -4.09
C LEU A 115 4.57 -11.33 -4.86
N GLY A 116 5.66 -11.18 -4.12
CA GLY A 116 6.95 -10.99 -4.73
C GLY A 116 7.99 -10.57 -3.71
N VAL A 117 7.96 -9.28 -3.37
CA VAL A 117 8.90 -8.69 -2.39
C VAL A 117 10.35 -9.02 -2.74
N LYS A 118 10.90 -8.25 -3.65
CA LYS A 118 12.27 -8.43 -4.10
C LYS A 118 12.72 -7.20 -4.88
N GLU A 119 13.84 -7.36 -5.60
CA GLU A 119 14.37 -6.33 -6.49
C GLU A 119 15.16 -5.27 -5.73
N GLY A 120 16.09 -4.65 -6.42
CA GLY A 120 16.94 -3.65 -5.80
C GLY A 120 18.00 -3.11 -6.76
N HIS A 121 18.07 -3.64 -7.97
CA HIS A 121 19.07 -3.17 -8.92
C HIS A 121 18.51 -2.00 -9.75
N HIS A 122 18.76 -0.80 -9.25
CA HIS A 122 18.29 0.43 -9.91
C HIS A 122 18.86 0.55 -11.32
N HIS A 123 20.07 0.09 -11.51
CA HIS A 123 20.72 0.15 -12.81
C HIS A 123 21.23 -1.22 -13.21
N HIS A 124 21.07 -1.55 -14.48
CA HIS A 124 21.55 -2.81 -15.01
C HIS A 124 22.88 -2.59 -15.70
N HIS A 125 23.02 -1.41 -16.28
CA HIS A 125 24.27 -1.00 -16.92
C HIS A 125 25.17 -0.38 -15.87
N HIS A 126 26.47 -0.50 -16.07
CA HIS A 126 27.45 0.17 -15.22
C HIS A 126 27.13 1.66 -15.12
N MET A 1 7.86 20.79 8.32
CA MET A 1 7.19 21.97 7.73
C MET A 1 5.68 21.87 7.92
N SER A 2 5.04 22.95 8.32
CA SER A 2 3.60 22.98 8.48
C SER A 2 2.99 23.97 7.50
N LEU A 3 2.39 23.47 6.44
CA LEU A 3 1.82 24.33 5.41
C LEU A 3 0.38 23.93 5.14
N GLU A 4 0.20 22.64 4.95
CA GLU A 4 -1.08 22.08 4.52
C GLU A 4 -1.91 21.59 5.70
N GLY A 5 -1.52 20.46 6.28
CA GLY A 5 -2.29 19.85 7.34
C GLY A 5 -2.83 18.50 6.93
N ILE A 6 -2.56 18.12 5.69
CA ILE A 6 -3.06 16.86 5.15
C ILE A 6 -1.92 16.02 4.59
N LYS A 7 -0.73 16.58 4.61
CA LYS A 7 0.46 15.89 4.13
C LYS A 7 1.37 15.59 5.32
N GLN A 8 0.84 15.85 6.51
CA GLN A 8 1.57 15.67 7.76
C GLN A 8 1.67 14.19 8.16
N ILE A 9 1.67 13.33 7.17
CA ILE A 9 1.81 11.90 7.41
C ILE A 9 3.30 11.55 7.59
N ASN A 10 3.94 12.29 8.48
CA ASN A 10 5.37 12.16 8.73
C ASN A 10 5.69 10.85 9.45
N PHE A 11 4.75 10.38 10.24
CA PHE A 11 4.94 9.15 11.00
C PHE A 11 3.88 8.14 10.62
N GLN A 12 4.07 6.89 11.06
CA GLN A 12 3.18 5.77 10.70
C GLN A 12 3.22 5.54 9.20
N SER A 13 4.30 5.96 8.57
CA SER A 13 4.36 6.00 7.12
C SER A 13 5.51 5.18 6.55
N ILE A 14 6.64 5.85 6.34
CA ILE A 14 7.84 5.22 5.76
C ILE A 14 7.66 4.92 4.28
N ASN A 15 6.89 3.87 3.98
CA ASN A 15 6.74 3.39 2.60
C ASN A 15 5.46 3.96 1.99
N VAL A 16 4.98 5.08 2.51
CA VAL A 16 3.71 5.62 2.06
C VAL A 16 3.81 6.30 0.70
N VAL A 17 2.80 6.07 -0.11
CA VAL A 17 2.73 6.61 -1.44
C VAL A 17 1.47 7.45 -1.61
N GLU A 18 1.68 8.70 -2.02
CA GLU A 18 0.60 9.64 -2.34
C GLU A 18 -0.26 9.07 -3.46
N ASN A 19 0.39 8.74 -4.56
CA ASN A 19 -0.26 8.12 -5.69
C ASN A 19 0.80 7.40 -6.52
N LEU A 20 0.39 6.59 -7.47
CA LEU A 20 1.31 5.70 -8.18
C LEU A 20 2.53 6.41 -8.79
N GLU A 21 2.37 7.67 -9.15
CA GLU A 21 3.49 8.45 -9.67
C GLU A 21 4.55 8.70 -8.59
N GLU A 22 4.13 8.74 -7.33
CA GLU A 22 5.06 8.91 -6.22
C GLU A 22 5.74 7.60 -5.84
N ALA A 23 5.24 6.49 -6.37
CA ALA A 23 5.83 5.19 -6.11
C ALA A 23 7.24 5.13 -6.69
N LYS A 24 8.13 4.43 -6.01
CA LYS A 24 9.54 4.42 -6.41
C LYS A 24 10.07 3.00 -6.57
N GLU A 25 11.06 2.86 -7.44
CA GLU A 25 11.77 1.60 -7.67
C GLU A 25 10.83 0.49 -8.13
N GLY A 26 11.31 -0.75 -8.05
CA GLY A 26 10.56 -1.86 -8.59
C GLY A 26 10.18 -2.88 -7.53
N ILE A 27 9.66 -2.40 -6.41
CA ILE A 27 9.11 -3.29 -5.40
C ILE A 27 7.59 -3.34 -5.53
N PRO A 28 6.95 -4.41 -5.02
CA PRO A 28 5.49 -4.56 -5.06
C PRO A 28 4.75 -3.36 -4.48
N THR A 29 3.49 -3.21 -4.87
CA THR A 29 2.72 -2.08 -4.43
C THR A 29 1.39 -2.53 -3.81
N ILE A 30 1.11 -2.03 -2.62
CA ILE A 30 -0.13 -2.33 -1.94
C ILE A 30 -1.11 -1.20 -2.16
N ILE A 31 -2.12 -1.46 -2.97
CA ILE A 31 -3.17 -0.49 -3.21
C ILE A 31 -4.33 -0.77 -2.29
N MET A 32 -4.54 0.08 -1.31
CA MET A 32 -5.65 -0.13 -0.39
C MET A 32 -6.59 1.05 -0.39
N PHE A 33 -7.87 0.76 -0.43
CA PHE A 33 -8.90 1.78 -0.47
C PHE A 33 -9.40 2.02 0.93
N LYS A 34 -9.25 3.25 1.37
CA LYS A 34 -9.50 3.60 2.76
C LYS A 34 -10.40 4.83 2.86
N THR A 35 -11.40 4.75 3.70
CA THR A 35 -12.34 5.85 3.88
C THR A 35 -11.98 6.63 5.15
N ASP A 36 -12.50 7.85 5.25
CA ASP A 36 -12.21 8.72 6.39
C ASP A 36 -12.85 8.20 7.68
N THR A 37 -14.14 7.88 7.61
CA THR A 37 -14.93 7.53 8.79
C THR A 37 -14.48 6.22 9.44
N CYS A 38 -14.40 5.15 8.66
CA CYS A 38 -14.25 3.80 9.19
C CYS A 38 -12.87 3.53 9.80
N PRO A 39 -12.85 3.08 11.07
CA PRO A 39 -11.61 2.69 11.75
C PRO A 39 -11.08 1.33 11.29
N TYR A 40 -11.88 0.60 10.51
CA TYR A 40 -11.42 -0.65 9.92
C TYR A 40 -10.21 -0.39 9.05
N CYS A 41 -10.16 0.80 8.48
CA CYS A 41 -9.04 1.21 7.66
C CYS A 41 -7.85 1.63 8.52
N VAL A 42 -8.15 2.28 9.66
CA VAL A 42 -7.09 2.77 10.54
C VAL A 42 -6.36 1.60 11.20
N GLU A 43 -7.08 0.49 11.42
CA GLU A 43 -6.46 -0.74 11.90
C GLU A 43 -5.44 -1.25 10.91
N MET A 44 -5.83 -1.32 9.65
CA MET A 44 -4.96 -1.80 8.58
C MET A 44 -3.71 -0.94 8.51
N GLN A 45 -3.89 0.37 8.72
CA GLN A 45 -2.77 1.31 8.78
C GLN A 45 -1.78 0.91 9.87
N LYS A 46 -2.31 0.66 11.08
CA LYS A 46 -1.47 0.28 12.22
C LYS A 46 -0.67 -0.97 11.89
N GLU A 47 -1.35 -1.92 11.28
CA GLU A 47 -0.73 -3.17 10.88
C GLU A 47 0.39 -2.90 9.87
N LEU A 48 0.08 -2.08 8.87
CA LEU A 48 1.06 -1.69 7.86
C LEU A 48 2.25 -0.98 8.49
N SER A 49 2.00 -0.21 9.54
CA SER A 49 3.04 0.47 10.27
C SER A 49 4.07 -0.55 10.80
N TYR A 50 3.57 -1.63 11.37
CA TYR A 50 4.43 -2.66 11.93
C TYR A 50 5.02 -3.54 10.84
N VAL A 51 4.31 -3.72 9.74
CA VAL A 51 4.84 -4.43 8.59
C VAL A 51 6.05 -3.68 8.03
N SER A 52 5.93 -2.36 7.96
CA SER A 52 7.00 -1.51 7.45
C SER A 52 8.23 -1.57 8.35
N LYS A 53 8.01 -1.66 9.66
CA LYS A 53 9.12 -1.68 10.61
C LYS A 53 9.85 -3.02 10.61
N GLU A 54 9.22 -4.04 10.03
CA GLU A 54 9.83 -5.35 9.97
C GLU A 54 10.22 -5.67 8.53
N ARG A 55 9.91 -4.74 7.63
CA ARG A 55 10.26 -4.89 6.22
C ARG A 55 10.59 -3.52 5.64
N GLU A 56 11.76 -3.00 5.99
CA GLU A 56 12.17 -1.66 5.60
C GLU A 56 12.39 -1.55 4.09
N GLY A 57 11.59 -0.67 3.45
CA GLY A 57 11.75 -0.38 2.04
C GLY A 57 11.72 -1.62 1.16
N LYS A 58 10.60 -2.33 1.16
CA LYS A 58 10.47 -3.55 0.37
C LYS A 58 9.15 -3.58 -0.38
N PHE A 59 8.36 -2.52 -0.24
CA PHE A 59 7.06 -2.43 -0.87
C PHE A 59 6.51 -1.01 -0.79
N ASN A 60 5.80 -0.60 -1.82
CA ASN A 60 5.17 0.72 -1.83
C ASN A 60 3.75 0.63 -1.27
N ILE A 61 3.43 1.49 -0.32
CA ILE A 61 2.09 1.50 0.27
C ILE A 61 1.28 2.68 -0.27
N TYR A 62 0.31 2.40 -1.12
CA TYR A 62 -0.55 3.46 -1.63
C TYR A 62 -1.77 3.61 -0.75
N TYR A 63 -1.88 4.77 -0.10
CA TYR A 63 -3.06 5.03 0.71
C TYR A 63 -4.11 5.76 -0.11
N ALA A 64 -5.15 5.03 -0.49
CA ALA A 64 -6.20 5.61 -1.28
C ALA A 64 -7.25 6.20 -0.36
N ARG A 65 -6.92 7.35 0.20
CA ARG A 65 -7.85 8.04 1.07
C ARG A 65 -9.02 8.55 0.25
N LEU A 66 -10.18 8.00 0.51
CA LEU A 66 -11.41 8.36 -0.19
C LEU A 66 -11.79 9.82 0.08
N GLU A 67 -10.86 10.57 0.67
CA GLU A 67 -11.11 11.93 1.06
C GLU A 67 -10.90 12.87 -0.12
N GLU A 68 -10.16 12.41 -1.11
CA GLU A 68 -9.88 13.21 -2.30
C GLU A 68 -10.55 12.62 -3.53
N GLU A 69 -10.31 13.25 -4.67
CA GLU A 69 -10.95 12.86 -5.92
C GLU A 69 -10.14 11.83 -6.69
N LYS A 70 -8.81 11.89 -6.57
CA LYS A 70 -7.92 11.01 -7.33
C LYS A 70 -8.18 9.55 -6.99
N ASN A 71 -8.62 9.32 -5.76
CA ASN A 71 -8.80 7.98 -5.26
C ASN A 71 -10.13 7.40 -5.72
N ILE A 72 -10.98 8.25 -6.27
CA ILE A 72 -12.27 7.80 -6.78
C ILE A 72 -12.09 6.98 -8.05
N ASP A 73 -11.35 7.55 -9.01
CA ASP A 73 -11.05 6.85 -10.24
C ASP A 73 -10.14 5.66 -9.98
N LEU A 74 -9.22 5.86 -9.06
CA LEU A 74 -8.31 4.78 -8.64
C LEU A 74 -9.10 3.63 -8.05
N ALA A 75 -10.08 3.98 -7.21
CA ALA A 75 -10.95 3.00 -6.55
C ALA A 75 -11.57 2.05 -7.57
N TYR A 76 -12.25 2.62 -8.55
CA TYR A 76 -12.95 1.83 -9.55
C TYR A 76 -11.96 1.11 -10.47
N LYS A 77 -10.83 1.75 -10.72
CA LYS A 77 -9.79 1.19 -11.59
C LYS A 77 -9.29 -0.15 -11.04
N TYR A 78 -9.40 -0.34 -9.74
CA TYR A 78 -8.92 -1.56 -9.11
C TYR A 78 -10.04 -2.31 -8.40
N ASP A 79 -11.28 -2.04 -8.81
CA ASP A 79 -12.44 -2.86 -8.42
C ASP A 79 -12.78 -2.72 -6.93
N ALA A 80 -12.57 -1.53 -6.39
CA ALA A 80 -12.92 -1.27 -5.00
C ALA A 80 -14.44 -1.18 -4.82
N ASN A 81 -14.90 -1.49 -3.62
CA ASN A 81 -16.32 -1.42 -3.31
C ASN A 81 -16.52 -0.89 -1.89
N ILE A 82 -16.38 -1.77 -0.92
CA ILE A 82 -16.45 -1.36 0.48
C ILE A 82 -15.08 -1.54 1.13
N VAL A 83 -14.93 -1.06 2.33
CA VAL A 83 -13.63 -1.11 3.01
C VAL A 83 -13.58 -2.24 4.03
N PRO A 84 -12.38 -2.79 4.27
CA PRO A 84 -11.16 -2.38 3.59
C PRO A 84 -10.86 -3.22 2.36
N THR A 85 -10.86 -2.59 1.19
CA THR A 85 -10.53 -3.28 -0.05
C THR A 85 -9.06 -3.05 -0.36
N THR A 86 -8.35 -4.08 -0.76
CA THR A 86 -6.96 -3.91 -1.09
C THR A 86 -6.56 -4.83 -2.25
N VAL A 87 -5.88 -4.26 -3.22
CA VAL A 87 -5.36 -5.02 -4.34
C VAL A 87 -3.84 -5.02 -4.28
N PHE A 88 -3.29 -6.21 -4.13
CA PHE A 88 -1.85 -6.37 -3.99
C PHE A 88 -1.21 -6.59 -5.35
N LEU A 89 -0.35 -5.66 -5.72
CA LEU A 89 0.34 -5.70 -7.00
C LEU A 89 1.77 -6.17 -6.80
N ASP A 90 2.23 -7.05 -7.68
CA ASP A 90 3.63 -7.48 -7.63
C ASP A 90 4.53 -6.35 -8.13
N LYS A 91 5.82 -6.61 -8.32
CA LYS A 91 6.74 -5.54 -8.68
C LYS A 91 6.50 -5.05 -10.10
N GLU A 92 5.92 -5.90 -10.94
CA GLU A 92 5.60 -5.51 -12.31
C GLU A 92 4.30 -4.72 -12.32
N GLY A 93 3.66 -4.66 -11.16
CA GLY A 93 2.45 -3.89 -11.00
C GLY A 93 1.22 -4.59 -11.54
N ASN A 94 1.20 -5.91 -11.46
CA ASN A 94 0.04 -6.67 -11.89
C ASN A 94 -0.88 -6.92 -10.71
N LYS A 95 -2.18 -6.88 -10.98
CA LYS A 95 -3.19 -7.17 -9.97
C LYS A 95 -3.20 -8.66 -9.68
N PHE A 96 -2.34 -9.10 -8.78
CA PHE A 96 -2.13 -10.51 -8.53
C PHE A 96 -3.14 -11.05 -7.52
N TYR A 97 -3.27 -10.37 -6.40
CA TYR A 97 -4.17 -10.83 -5.35
C TYR A 97 -5.02 -9.68 -4.82
N VAL A 98 -6.32 -9.87 -4.81
CA VAL A 98 -7.22 -8.88 -4.25
C VAL A 98 -7.70 -9.36 -2.88
N HIS A 99 -8.00 -8.43 -1.99
CA HIS A 99 -8.44 -8.79 -0.67
C HIS A 99 -9.51 -7.82 -0.20
N GLN A 100 -10.50 -8.36 0.47
CA GLN A 100 -11.53 -7.57 1.11
C GLN A 100 -11.64 -8.00 2.56
N GLY A 101 -11.78 -7.04 3.45
CA GLY A 101 -11.84 -7.35 4.87
C GLY A 101 -10.51 -7.08 5.55
N LEU A 102 -10.51 -7.20 6.86
CA LEU A 102 -9.33 -6.89 7.66
C LEU A 102 -8.27 -7.98 7.52
N MET A 103 -7.02 -7.59 7.70
CA MET A 103 -5.90 -8.51 7.76
C MET A 103 -4.85 -7.98 8.72
N ARG A 104 -4.30 -8.86 9.54
CA ARG A 104 -3.31 -8.47 10.53
C ARG A 104 -1.92 -8.45 9.89
N LYS A 105 -0.92 -7.95 10.62
CA LYS A 105 0.44 -7.77 10.10
C LYS A 105 0.94 -9.01 9.33
N ASN A 106 0.96 -10.15 10.01
CA ASN A 106 1.53 -11.36 9.42
C ASN A 106 0.80 -11.75 8.13
N ASN A 107 -0.51 -11.52 8.10
CA ASN A 107 -1.29 -11.81 6.91
C ASN A 107 -0.84 -10.94 5.74
N ILE A 108 -0.71 -9.63 5.99
CA ILE A 108 -0.28 -8.69 4.97
C ILE A 108 1.10 -9.07 4.44
N GLU A 109 1.98 -9.35 5.38
CA GLU A 109 3.37 -9.65 5.10
C GLU A 109 3.50 -10.92 4.27
N THR A 110 2.69 -11.92 4.60
CA THR A 110 2.67 -13.17 3.86
C THR A 110 2.18 -12.94 2.43
N ILE A 111 1.32 -11.95 2.25
CA ILE A 111 0.82 -11.62 0.92
C ILE A 111 1.93 -11.06 0.05
N LEU A 112 2.83 -10.28 0.65
CA LEU A 112 3.98 -9.76 -0.08
C LEU A 112 4.82 -10.93 -0.59
N ASN A 113 4.92 -11.95 0.25
CA ASN A 113 5.62 -13.17 -0.10
C ASN A 113 4.98 -13.85 -1.32
N SER A 114 3.65 -13.92 -1.34
CA SER A 114 2.95 -14.53 -2.45
C SER A 114 3.01 -13.64 -3.70
N LEU A 115 3.07 -12.33 -3.48
CA LEU A 115 3.25 -11.37 -4.56
C LEU A 115 4.59 -11.59 -5.25
N GLY A 116 5.63 -11.56 -4.45
CA GLY A 116 6.96 -11.83 -4.96
C GLY A 116 8.02 -11.06 -4.22
N VAL A 117 7.84 -9.74 -4.12
CA VAL A 117 8.88 -8.86 -3.61
C VAL A 117 10.19 -9.17 -4.34
N LYS A 118 10.25 -8.71 -5.58
CA LYS A 118 11.23 -9.20 -6.54
C LYS A 118 12.36 -8.21 -6.78
N GLU A 119 12.65 -7.38 -5.80
CA GLU A 119 13.74 -6.41 -5.94
C GLU A 119 14.86 -6.74 -4.97
N GLY A 120 16.07 -6.83 -5.51
CA GLY A 120 17.22 -7.21 -4.72
C GLY A 120 17.91 -6.02 -4.09
N HIS A 121 17.17 -5.24 -3.32
CA HIS A 121 17.78 -4.16 -2.55
C HIS A 121 18.10 -4.65 -1.15
N HIS A 122 19.26 -5.29 -1.02
CA HIS A 122 19.69 -5.89 0.24
C HIS A 122 21.00 -5.25 0.71
N HIS A 123 21.10 -3.93 0.56
CA HIS A 123 22.31 -3.21 0.97
C HIS A 123 22.65 -3.48 2.44
N HIS A 124 23.90 -3.82 2.69
CA HIS A 124 24.36 -4.13 4.03
C HIS A 124 25.83 -3.76 4.15
N HIS A 125 26.19 -3.17 5.29
CA HIS A 125 27.57 -2.73 5.53
C HIS A 125 28.52 -3.92 5.55
N HIS A 126 29.58 -3.82 4.76
CA HIS A 126 30.62 -4.83 4.78
C HIS A 126 31.84 -4.29 5.49
N MET A 1 -0.72 23.73 -6.25
CA MET A 1 0.16 23.76 -7.45
C MET A 1 1.19 22.63 -7.39
N SER A 2 1.40 22.09 -6.20
CA SER A 2 2.34 21.01 -6.01
C SER A 2 1.58 19.72 -5.72
N LEU A 3 2.14 18.59 -6.11
CA LEU A 3 1.55 17.31 -5.82
C LEU A 3 2.62 16.40 -5.21
N GLU A 4 2.59 16.26 -3.91
CA GLU A 4 3.51 15.40 -3.21
C GLU A 4 2.77 14.48 -2.25
N GLY A 5 3.33 13.31 -2.05
CA GLY A 5 2.78 12.37 -1.11
C GLY A 5 3.83 11.79 -0.20
N ILE A 6 5.07 11.71 -0.71
CA ILE A 6 6.18 11.17 0.06
C ILE A 6 6.56 12.10 1.20
N LYS A 7 6.18 13.37 1.07
CA LYS A 7 6.44 14.37 2.10
C LYS A 7 5.24 14.46 3.04
N GLN A 8 4.14 13.84 2.63
CA GLN A 8 2.89 13.95 3.37
C GLN A 8 2.61 12.66 4.15
N ILE A 9 3.67 11.91 4.43
CA ILE A 9 3.55 10.63 5.11
C ILE A 9 3.32 10.81 6.62
N ASN A 10 3.78 11.94 7.15
CA ASN A 10 3.58 12.31 8.57
C ASN A 10 4.35 11.37 9.51
N PHE A 11 5.17 10.49 8.93
CA PHE A 11 5.92 9.49 9.69
C PHE A 11 4.99 8.46 10.34
N GLN A 12 5.60 7.47 11.01
CA GLN A 12 4.88 6.31 11.54
C GLN A 12 4.39 5.43 10.40
N SER A 13 3.71 6.05 9.44
CA SER A 13 3.38 5.43 8.18
C SER A 13 4.66 5.20 7.37
N ILE A 14 5.24 4.02 7.53
CA ILE A 14 6.49 3.68 6.86
C ILE A 14 6.21 2.92 5.57
N ASN A 15 6.95 3.28 4.52
CA ASN A 15 6.79 2.67 3.19
C ASN A 15 5.44 3.02 2.59
N VAL A 16 4.85 4.13 3.01
CA VAL A 16 3.53 4.53 2.54
C VAL A 16 3.63 5.62 1.49
N VAL A 17 2.59 5.73 0.66
CA VAL A 17 2.59 6.68 -0.44
C VAL A 17 1.19 7.24 -0.70
N GLU A 18 1.14 8.41 -1.33
CA GLU A 18 -0.12 9.02 -1.75
C GLU A 18 -0.58 8.44 -3.07
N ASN A 19 0.29 8.51 -4.07
CA ASN A 19 -0.09 8.12 -5.42
C ASN A 19 1.00 7.28 -6.07
N LEU A 20 0.63 6.55 -7.11
CA LEU A 20 1.56 5.74 -7.88
C LEU A 20 2.74 6.57 -8.37
N GLU A 21 2.49 7.83 -8.71
CA GLU A 21 3.54 8.72 -9.19
C GLU A 21 4.59 8.98 -8.11
N GLU A 22 4.14 8.99 -6.85
CA GLU A 22 5.03 9.22 -5.72
C GLU A 22 5.82 7.95 -5.37
N ALA A 23 5.37 6.81 -5.87
CA ALA A 23 6.03 5.54 -5.59
C ALA A 23 7.37 5.47 -6.29
N LYS A 24 8.45 5.49 -5.52
CA LYS A 24 9.78 5.48 -6.08
C LYS A 24 10.30 4.07 -6.32
N GLU A 25 11.07 3.95 -7.38
CA GLU A 25 11.69 2.69 -7.78
C GLU A 25 10.67 1.57 -8.02
N GLY A 26 11.17 0.34 -8.10
CA GLY A 26 10.34 -0.79 -8.43
C GLY A 26 10.06 -1.65 -7.22
N ILE A 27 9.22 -1.14 -6.34
CA ILE A 27 8.79 -1.93 -5.19
C ILE A 27 7.32 -2.34 -5.37
N PRO A 28 6.92 -3.50 -4.81
CA PRO A 28 5.52 -3.93 -4.84
C PRO A 28 4.58 -2.88 -4.27
N THR A 29 3.42 -2.72 -4.88
CA THR A 29 2.50 -1.69 -4.48
C THR A 29 1.26 -2.26 -3.83
N ILE A 30 1.01 -1.89 -2.59
CA ILE A 30 -0.17 -2.33 -1.88
C ILE A 30 -1.16 -1.20 -1.76
N ILE A 31 -2.35 -1.42 -2.27
CA ILE A 31 -3.35 -0.37 -2.34
C ILE A 31 -4.54 -0.69 -1.45
N MET A 32 -4.74 0.13 -0.44
CA MET A 32 -5.86 -0.02 0.47
C MET A 32 -6.85 1.12 0.25
N PHE A 33 -8.04 0.76 -0.18
CA PHE A 33 -9.09 1.72 -0.43
C PHE A 33 -9.79 2.04 0.86
N LYS A 34 -9.72 3.29 1.24
CA LYS A 34 -10.16 3.71 2.56
C LYS A 34 -11.05 4.93 2.49
N THR A 35 -12.00 5.01 3.38
CA THR A 35 -12.58 6.29 3.71
C THR A 35 -11.48 7.07 4.41
N ASP A 36 -11.34 8.34 4.10
CA ASP A 36 -10.18 9.10 4.53
C ASP A 36 -10.03 9.07 6.05
N THR A 37 -11.15 9.01 6.75
CA THR A 37 -11.14 8.83 8.18
C THR A 37 -11.99 7.62 8.57
N CYS A 38 -11.34 6.46 8.67
CA CYS A 38 -12.01 5.23 9.09
C CYS A 38 -11.13 4.45 10.06
N PRO A 39 -11.74 3.83 11.07
CA PRO A 39 -11.00 3.10 12.11
C PRO A 39 -10.25 1.89 11.56
N TYR A 40 -10.78 1.31 10.49
CA TYR A 40 -10.16 0.14 9.87
C TYR A 40 -8.82 0.51 9.27
N CYS A 41 -8.70 1.75 8.82
CA CYS A 41 -7.45 2.22 8.23
C CYS A 41 -6.41 2.41 9.33
N VAL A 42 -6.87 2.83 10.51
CA VAL A 42 -5.97 3.04 11.64
C VAL A 42 -5.44 1.72 12.16
N GLU A 43 -6.35 0.75 12.31
CA GLU A 43 -5.98 -0.58 12.79
C GLU A 43 -4.99 -1.24 11.82
N MET A 44 -5.33 -1.24 10.54
CA MET A 44 -4.48 -1.86 9.53
C MET A 44 -3.17 -1.09 9.41
N GLN A 45 -3.22 0.21 9.68
CA GLN A 45 -2.03 1.05 9.66
C GLN A 45 -1.00 0.53 10.65
N LYS A 46 -1.46 0.15 11.83
CA LYS A 46 -0.58 -0.39 12.86
C LYS A 46 0.08 -1.67 12.37
N GLU A 47 -0.74 -2.56 11.82
CA GLU A 47 -0.24 -3.81 11.25
C GLU A 47 0.78 -3.53 10.16
N LEU A 48 0.44 -2.61 9.26
CA LEU A 48 1.33 -2.21 8.18
C LEU A 48 2.64 -1.66 8.74
N SER A 49 2.54 -0.87 9.79
CA SER A 49 3.71 -0.34 10.48
C SER A 49 4.62 -1.47 10.96
N TYR A 50 4.01 -2.53 11.49
CA TYR A 50 4.75 -3.69 11.95
C TYR A 50 5.43 -4.39 10.77
N VAL A 51 4.76 -4.44 9.63
CA VAL A 51 5.27 -5.11 8.45
C VAL A 51 6.42 -4.33 7.83
N SER A 52 6.19 -3.04 7.59
CA SER A 52 7.22 -2.16 7.01
C SER A 52 8.45 -2.09 7.93
N LYS A 53 8.21 -2.21 9.22
CA LYS A 53 9.28 -2.20 10.22
C LYS A 53 10.29 -3.32 9.95
N GLU A 54 9.83 -4.41 9.36
CA GLU A 54 10.68 -5.58 9.15
C GLU A 54 10.99 -5.78 7.67
N ARG A 55 10.44 -4.94 6.81
CA ARG A 55 10.78 -4.99 5.40
C ARG A 55 10.75 -3.59 4.79
N GLU A 56 11.92 -2.98 4.69
CA GLU A 56 12.06 -1.63 4.15
C GLU A 56 12.08 -1.66 2.63
N GLY A 57 11.31 -0.77 2.01
CA GLY A 57 11.25 -0.68 0.57
C GLY A 57 10.85 -2.00 -0.07
N LYS A 58 9.97 -2.73 0.58
CA LYS A 58 9.55 -4.02 0.08
C LYS A 58 8.10 -3.99 -0.35
N PHE A 59 7.46 -2.85 -0.13
CA PHE A 59 6.11 -2.59 -0.59
C PHE A 59 5.73 -1.17 -0.26
N ASN A 60 5.07 -0.50 -1.19
CA ASN A 60 4.64 0.87 -0.99
C ASN A 60 3.13 0.90 -0.74
N ILE A 61 2.72 1.47 0.37
CA ILE A 61 1.32 1.48 0.76
C ILE A 61 0.61 2.70 0.20
N TYR A 62 -0.23 2.47 -0.79
CA TYR A 62 -1.01 3.51 -1.43
C TYR A 62 -2.32 3.66 -0.67
N TYR A 63 -2.46 4.74 0.10
CA TYR A 63 -3.72 4.99 0.79
C TYR A 63 -4.72 5.58 -0.20
N ALA A 64 -5.64 4.76 -0.66
CA ALA A 64 -6.64 5.22 -1.60
C ALA A 64 -7.80 5.82 -0.85
N ARG A 65 -7.58 7.02 -0.33
CA ARG A 65 -8.64 7.76 0.34
C ARG A 65 -9.74 8.10 -0.67
N LEU A 66 -10.92 7.57 -0.43
CA LEU A 66 -12.06 7.76 -1.34
C LEU A 66 -12.62 9.18 -1.21
N GLU A 67 -11.89 10.02 -0.49
CA GLU A 67 -12.34 11.38 -0.21
C GLU A 67 -12.02 12.31 -1.38
N GLU A 68 -11.10 11.89 -2.24
CA GLU A 68 -10.74 12.69 -3.41
C GLU A 68 -11.16 11.98 -4.70
N GLU A 69 -11.38 12.79 -5.73
CA GLU A 69 -11.94 12.32 -7.00
C GLU A 69 -11.02 11.35 -7.74
N LYS A 70 -9.71 11.53 -7.60
CA LYS A 70 -8.75 10.72 -8.34
C LYS A 70 -8.88 9.23 -7.98
N ASN A 71 -9.36 8.94 -6.78
CA ASN A 71 -9.45 7.57 -6.33
C ASN A 71 -10.80 6.96 -6.70
N ILE A 72 -11.64 7.73 -7.37
CA ILE A 72 -12.88 7.19 -7.89
C ILE A 72 -12.57 6.25 -9.05
N ASP A 73 -11.78 6.74 -9.99
CA ASP A 73 -11.32 5.93 -11.11
C ASP A 73 -10.28 4.92 -10.64
N LEU A 74 -9.47 5.32 -9.65
CA LEU A 74 -8.48 4.42 -9.06
C LEU A 74 -9.18 3.21 -8.46
N ALA A 75 -10.26 3.47 -7.72
CA ALA A 75 -11.08 2.40 -7.13
C ALA A 75 -11.60 1.46 -8.20
N TYR A 76 -12.19 2.05 -9.24
CA TYR A 76 -12.80 1.28 -10.32
C TYR A 76 -11.76 0.48 -11.08
N LYS A 77 -10.56 1.04 -11.21
CA LYS A 77 -9.45 0.39 -11.89
C LYS A 77 -9.05 -0.90 -11.18
N TYR A 78 -9.43 -1.01 -9.92
CA TYR A 78 -9.08 -2.17 -9.13
C TYR A 78 -10.30 -2.86 -8.54
N ASP A 79 -11.49 -2.54 -9.07
CA ASP A 79 -12.72 -3.24 -8.69
C ASP A 79 -13.06 -3.00 -7.22
N ALA A 80 -12.62 -1.86 -6.70
CA ALA A 80 -12.90 -1.50 -5.32
C ALA A 80 -14.25 -0.81 -5.21
N ASN A 81 -15.22 -1.55 -4.72
CA ASN A 81 -16.58 -1.03 -4.56
C ASN A 81 -16.89 -0.78 -3.08
N ILE A 82 -16.43 -1.68 -2.23
CA ILE A 82 -16.66 -1.54 -0.80
C ILE A 82 -15.36 -1.16 -0.08
N VAL A 83 -15.48 -0.85 1.20
CA VAL A 83 -14.32 -0.56 2.05
C VAL A 83 -14.46 -1.31 3.37
N PRO A 84 -13.34 -1.78 3.95
CA PRO A 84 -12.01 -1.64 3.35
C PRO A 84 -11.72 -2.68 2.27
N THR A 85 -10.79 -2.36 1.39
CA THR A 85 -10.45 -3.23 0.27
C THR A 85 -8.96 -3.12 -0.02
N THR A 86 -8.28 -4.24 -0.11
CA THR A 86 -6.84 -4.23 -0.31
C THR A 86 -6.44 -5.00 -1.57
N VAL A 87 -5.87 -4.29 -2.53
CA VAL A 87 -5.34 -4.93 -3.72
C VAL A 87 -3.83 -5.02 -3.63
N PHE A 88 -3.30 -6.18 -3.99
CA PHE A 88 -1.88 -6.44 -3.88
C PHE A 88 -1.24 -6.46 -5.27
N LEU A 89 -0.39 -5.48 -5.52
CA LEU A 89 0.30 -5.35 -6.80
C LEU A 89 1.78 -5.62 -6.61
N ASP A 90 2.41 -6.23 -7.61
CA ASP A 90 3.84 -6.50 -7.54
C ASP A 90 4.63 -5.22 -7.89
N LYS A 91 5.93 -5.33 -8.16
CA LYS A 91 6.78 -4.14 -8.26
C LYS A 91 6.64 -3.41 -9.60
N GLU A 92 5.67 -3.82 -10.41
CA GLU A 92 5.45 -3.20 -11.71
C GLU A 92 4.00 -2.77 -11.87
N GLY A 93 3.31 -2.61 -10.75
CA GLY A 93 1.94 -2.12 -10.78
C GLY A 93 0.96 -3.14 -11.33
N ASN A 94 1.40 -4.39 -11.43
CA ASN A 94 0.53 -5.46 -11.87
C ASN A 94 -0.28 -6.01 -10.70
N LYS A 95 -1.58 -6.02 -10.84
CA LYS A 95 -2.48 -6.46 -9.78
C LYS A 95 -2.59 -7.98 -9.79
N PHE A 96 -2.02 -8.61 -8.78
CA PHE A 96 -2.00 -10.06 -8.70
C PHE A 96 -3.12 -10.58 -7.81
N TYR A 97 -3.11 -10.17 -6.55
CA TYR A 97 -4.06 -10.71 -5.57
C TYR A 97 -4.94 -9.61 -5.00
N VAL A 98 -6.16 -9.96 -4.64
CA VAL A 98 -7.07 -9.02 -4.00
C VAL A 98 -7.68 -9.65 -2.75
N HIS A 99 -7.81 -8.88 -1.70
CA HIS A 99 -8.42 -9.36 -0.47
C HIS A 99 -9.14 -8.21 0.19
N GLN A 100 -10.37 -8.44 0.63
CA GLN A 100 -11.20 -7.37 1.14
C GLN A 100 -11.30 -7.48 2.66
N GLY A 101 -11.63 -6.37 3.31
CA GLY A 101 -11.82 -6.39 4.76
C GLY A 101 -10.56 -5.98 5.50
N LEU A 102 -10.43 -6.46 6.72
CA LEU A 102 -9.32 -6.09 7.59
C LEU A 102 -8.42 -7.29 7.85
N MET A 103 -7.16 -7.17 7.47
CA MET A 103 -6.19 -8.24 7.68
C MET A 103 -5.17 -7.81 8.73
N ARG A 104 -4.46 -8.78 9.30
CA ARG A 104 -3.46 -8.49 10.31
C ARG A 104 -2.05 -8.61 9.74
N LYS A 105 -1.06 -8.19 10.52
CA LYS A 105 0.35 -8.21 10.11
C LYS A 105 0.75 -9.55 9.49
N ASN A 106 0.60 -10.62 10.26
CA ASN A 106 1.01 -11.96 9.81
C ASN A 106 0.39 -12.32 8.47
N ASN A 107 -0.81 -11.85 8.25
CA ASN A 107 -1.54 -12.15 7.02
C ASN A 107 -0.93 -11.37 5.87
N ILE A 108 -0.70 -10.09 6.10
CA ILE A 108 -0.02 -9.23 5.14
C ILE A 108 1.36 -9.80 4.83
N GLU A 109 2.04 -10.21 5.90
CA GLU A 109 3.37 -10.82 5.81
C GLU A 109 3.40 -11.91 4.75
N THR A 110 2.51 -12.88 4.90
CA THR A 110 2.49 -14.04 4.03
C THR A 110 1.98 -13.70 2.64
N ILE A 111 0.98 -12.82 2.57
CA ILE A 111 0.40 -12.43 1.29
C ILE A 111 1.43 -11.72 0.42
N LEU A 112 2.24 -10.85 1.03
CA LEU A 112 3.31 -10.17 0.29
C LEU A 112 4.31 -11.18 -0.23
N ASN A 113 4.59 -12.19 0.60
CA ASN A 113 5.52 -13.25 0.23
C ASN A 113 5.01 -14.04 -0.98
N SER A 114 3.69 -14.24 -1.02
CA SER A 114 3.06 -14.95 -2.14
C SER A 114 2.96 -14.05 -3.36
N LEU A 115 2.68 -12.76 -3.12
CA LEU A 115 2.58 -11.76 -4.17
C LEU A 115 3.88 -11.68 -4.95
N GLY A 116 4.91 -11.14 -4.32
CA GLY A 116 6.20 -11.07 -4.94
C GLY A 116 7.25 -10.53 -4.00
N VAL A 117 7.20 -9.22 -3.77
CA VAL A 117 8.20 -8.52 -2.97
C VAL A 117 9.60 -8.78 -3.56
N LYS A 118 9.87 -8.08 -4.65
CA LYS A 118 11.09 -8.27 -5.40
C LYS A 118 11.38 -7.04 -6.26
N GLU A 119 12.33 -6.24 -5.82
CA GLU A 119 12.74 -5.08 -6.60
C GLU A 119 13.51 -5.55 -7.83
N GLY A 120 14.35 -6.56 -7.63
CA GLY A 120 15.14 -7.10 -8.70
C GLY A 120 16.44 -6.34 -8.90
N HIS A 121 16.72 -5.44 -7.96
CA HIS A 121 17.92 -4.63 -8.02
C HIS A 121 19.12 -5.41 -7.51
N HIS A 122 19.83 -6.04 -8.42
CA HIS A 122 21.05 -6.76 -8.08
C HIS A 122 22.19 -6.28 -8.96
N HIS A 123 23.12 -5.55 -8.36
CA HIS A 123 24.23 -4.99 -9.12
C HIS A 123 25.34 -6.02 -9.27
N HIS A 124 25.67 -6.34 -10.51
CA HIS A 124 26.78 -7.23 -10.81
C HIS A 124 28.05 -6.40 -10.97
N HIS A 125 27.87 -5.13 -11.30
CA HIS A 125 28.99 -4.19 -11.35
C HIS A 125 29.38 -3.80 -9.93
N HIS A 126 30.51 -3.12 -9.80
CA HIS A 126 31.05 -2.80 -8.49
C HIS A 126 30.45 -1.50 -7.98
#